data_1UVN
#
_entry.id   1UVN
#
_cell.length_a   105.504
_cell.length_b   92.134
_cell.length_c   140.755
_cell.angle_alpha   90.00
_cell.angle_beta   101.01
_cell.angle_gamma   90.00
#
_symmetry.space_group_name_H-M   'P 1 21 1'
#
loop_
_entity.id
_entity.type
_entity.pdbx_description
1 polymer 'RNA-directed RNA polymerase'
2 polymer "5'-R(*UP*UP*UP*UP*CP*CP)-3'"
3 non-polymer "GUANOSINE-5'-TRIPHOSPHATE"
4 non-polymer 'CALCIUM ION'
5 non-polymer 'MANGANESE (II) ION'
6 water water
#
loop_
_entity_poly.entity_id
_entity_poly.type
_entity_poly.pdbx_seq_one_letter_code
_entity_poly.pdbx_strand_id
1 'polypeptide(L)'
;PRRAPAFPLSDIKAQMLFANNIKAQQASKRSFKEGAIETYEGLLSVDPRFLSFKNELSRYLTDHFPANVDEYGRVYGNGV
RTNFFGMRHMNGFPMIPATWPLASNLKKRADADLADGPVSERDNLLFRAAVRLMFSDLEPVPLKIRKGSSTCIPYFSNDM
GTKIEIAERALEKAEEAGNLMLQGKFDDAYQLHQMGGAYYVVYRAQSTDAITLDPKTGKFVSKDRMVADFEYAVTGGEQG
SLFAASKDASRLKEQYGIDVPDGFFCERRRTAMGGPFALNAPIMAVAQPVRNKIYSKYAYTFHHTTRLNKEEKVKEWSLC
VATDVSDHDTFWPGWLRDLICDELLNMGYAPWWVKLFETSLKLPVYVGAPAPEQGHTLLGDPSNPDLEVGLSSGQGATDL
MGTLLMSITYLVMQLDHTAPHLNSRIKDMPSACRFLDSYWQGHEEIRQISKSDDAMLGWTKGRALVGGHRLFEMLKEGKV
NPSPYMKISYEHGGAFLGDILLYDSRREPGSAIFVGNINSMLNNQFSPEYGVQSGVRDRSKRKRPFPGLAWASMKDTYGA
CPIYSDVLEAIERCWWNAFGESYRAYREDMLKRDTLELSRYVASMARQAGLAELTPIDLEVLADPNKLQYKWTEADVSAN
IHEVLMHGVSVEKTERFLRSVMPR
;
A,C,E
2 'polyribonucleotide' UUUUCC B,D,F
#
loop_
_chem_comp.id
_chem_comp.type
_chem_comp.name
_chem_comp.formula
C RNA linking CYTIDINE-5'-MONOPHOSPHATE 'C9 H14 N3 O8 P'
CA non-polymer 'CALCIUM ION' 'Ca 2'
GTP non-polymer GUANOSINE-5'-TRIPHOSPHATE 'C10 H16 N5 O14 P3'
MN non-polymer 'MANGANESE (II) ION' 'Mn 2'
U RNA linking URIDINE-5'-MONOPHOSPHATE 'C9 H13 N2 O9 P'
#
# COMPACT_ATOMS: atom_id res chain seq x y z
N PRO A 1 8.19 7.89 -27.57
CA PRO A 1 9.42 7.33 -28.19
C PRO A 1 10.44 8.42 -28.51
N ARG A 2 11.54 8.46 -27.75
CA ARG A 2 12.57 9.47 -27.97
C ARG A 2 13.91 9.04 -27.37
N ARG A 3 13.84 8.38 -26.21
CA ARG A 3 15.02 7.95 -25.46
C ARG A 3 15.49 9.20 -24.75
N ALA A 4 15.34 9.21 -23.43
CA ALA A 4 15.73 10.36 -22.66
C ALA A 4 17.22 10.40 -22.37
N PRO A 5 17.76 11.60 -22.21
CA PRO A 5 19.16 11.85 -21.92
C PRO A 5 19.52 11.32 -20.54
N ALA A 6 20.66 10.66 -20.42
CA ALA A 6 21.12 10.17 -19.12
C ALA A 6 22.55 10.67 -18.96
N PHE A 7 22.97 10.92 -17.74
CA PHE A 7 24.33 11.41 -17.52
C PHE A 7 24.84 10.76 -16.27
N PRO A 8 26.13 10.34 -16.30
CA PRO A 8 26.83 9.68 -15.22
C PRO A 8 27.18 10.74 -14.21
N LEU A 9 27.31 10.33 -12.95
CA LEU A 9 27.62 11.26 -11.87
C LEU A 9 28.76 12.21 -12.28
N SER A 10 29.72 11.66 -13.02
CA SER A 10 30.87 12.39 -13.54
C SER A 10 30.48 13.65 -14.31
N ASP A 11 29.53 13.51 -15.22
CA ASP A 11 29.09 14.63 -16.05
C ASP A 11 28.75 15.84 -15.23
N ILE A 12 29.20 16.99 -15.72
CA ILE A 12 28.95 18.24 -15.06
C ILE A 12 27.49 18.44 -14.70
N LYS A 13 26.58 17.97 -15.55
CA LYS A 13 25.15 18.12 -15.31
C LYS A 13 24.75 17.48 -13.99
N ALA A 14 25.38 16.35 -13.68
CA ALA A 14 25.11 15.65 -12.43
C ALA A 14 25.85 16.35 -11.29
N GLN A 15 27.10 16.71 -11.51
CA GLN A 15 27.86 17.39 -10.48
C GLN A 15 27.13 18.61 -9.97
N MET A 16 26.62 19.43 -10.88
CA MET A 16 25.89 20.61 -10.52
C MET A 16 24.72 20.33 -9.56
N LEU A 17 24.30 19.06 -9.43
CA LEU A 17 23.16 18.75 -8.56
C LEU A 17 23.50 18.67 -7.10
N PHE A 18 24.78 18.49 -6.79
CA PHE A 18 25.16 18.39 -5.41
C PHE A 18 26.15 19.45 -5.00
N ALA A 19 25.78 20.16 -3.95
CA ALA A 19 26.61 21.23 -3.42
C ALA A 19 27.97 20.79 -2.87
N ASN A 20 28.85 21.78 -2.72
CA ASN A 20 30.20 21.57 -2.25
C ASN A 20 30.32 21.42 -0.74
N ASN A 21 29.61 20.44 -0.20
CA ASN A 21 29.68 20.14 1.21
C ASN A 21 29.65 18.63 1.32
N ILE A 22 29.87 18.13 2.53
CA ILE A 22 29.90 16.70 2.66
C ILE A 22 28.59 16.01 2.45
N LYS A 23 27.57 16.35 3.22
CA LYS A 23 26.27 15.70 3.07
C LYS A 23 25.90 15.52 1.59
N ALA A 24 25.92 16.64 0.86
CA ALA A 24 25.60 16.63 -0.55
C ALA A 24 26.43 15.59 -1.27
N GLN A 25 27.73 15.78 -1.27
CA GLN A 25 28.65 14.86 -1.93
C GLN A 25 28.36 13.39 -1.65
N GLN A 26 28.25 13.09 -0.37
CA GLN A 26 28.03 11.73 0.07
C GLN A 26 26.77 11.16 -0.48
N ALA A 27 25.75 12.00 -0.59
CA ALA A 27 24.48 11.58 -1.14
C ALA A 27 24.67 11.25 -2.64
N SER A 28 25.45 12.06 -3.35
CA SER A 28 25.65 11.81 -4.75
C SER A 28 26.36 10.47 -4.94
N LYS A 29 27.33 10.20 -4.07
CA LYS A 29 28.10 8.95 -4.16
C LYS A 29 27.53 7.73 -3.44
N ARG A 30 26.65 7.91 -2.45
CA ARG A 30 26.12 6.78 -1.69
C ARG A 30 25.89 5.57 -2.55
N SER A 31 26.29 4.41 -2.06
CA SER A 31 26.17 3.16 -2.81
C SER A 31 25.07 2.28 -2.22
N PHE A 32 24.75 1.19 -2.92
CA PHE A 32 23.72 0.29 -2.43
C PHE A 32 24.05 -0.07 -1.00
N LYS A 33 23.03 -0.25 -0.16
CA LYS A 33 23.25 -0.62 1.23
C LYS A 33 22.00 -1.26 1.81
N GLU A 34 22.23 -2.28 2.63
CA GLU A 34 21.14 -3.03 3.28
C GLU A 34 21.61 -3.50 4.65
N GLY A 35 20.70 -4.08 5.41
CA GLY A 35 21.06 -4.55 6.73
C GLY A 35 19.91 -4.50 7.69
N ALA A 36 19.99 -5.35 8.71
CA ALA A 36 18.97 -5.45 9.73
C ALA A 36 18.55 -4.11 10.23
N ILE A 37 17.37 -4.02 10.80
CA ILE A 37 16.95 -2.75 11.35
C ILE A 37 16.73 -3.03 12.82
N GLU A 38 16.66 -1.96 13.61
CA GLU A 38 16.40 -2.12 15.02
C GLU A 38 14.89 -1.97 15.14
N THR A 39 14.19 -3.09 14.96
CA THR A 39 12.73 -3.12 15.01
C THR A 39 12.25 -2.33 16.24
N TYR A 40 12.82 -2.63 17.39
CA TYR A 40 12.53 -1.91 18.62
C TYR A 40 13.90 -1.72 19.21
N GLU A 41 14.05 -0.75 20.10
CA GLU A 41 15.36 -0.53 20.68
C GLU A 41 15.98 -1.77 21.28
N GLY A 42 17.17 -2.10 20.81
CA GLY A 42 17.85 -3.25 21.34
C GLY A 42 17.54 -4.54 20.67
N LEU A 43 16.57 -4.55 19.76
CA LEU A 43 16.20 -5.78 19.07
C LEU A 43 16.32 -5.66 17.55
N LEU A 44 16.97 -6.63 16.92
CA LEU A 44 17.13 -6.58 15.46
C LEU A 44 16.12 -7.41 14.70
N SER A 45 15.63 -6.86 13.59
CA SER A 45 14.63 -7.52 12.74
C SER A 45 15.03 -8.92 12.35
N VAL A 46 16.30 -9.24 12.58
CA VAL A 46 16.85 -10.54 12.24
C VAL A 46 17.20 -11.41 13.44
N ASP A 47 16.99 -10.91 14.65
CA ASP A 47 17.30 -11.70 15.81
C ASP A 47 16.52 -13.02 15.66
N PRO A 48 17.19 -14.16 15.88
CA PRO A 48 16.58 -15.48 15.75
C PRO A 48 15.30 -15.60 16.55
N ARG A 49 15.39 -15.29 17.85
CA ARG A 49 14.22 -15.32 18.71
C ARG A 49 13.06 -14.64 18.02
N PHE A 50 13.33 -13.46 17.44
CA PHE A 50 12.30 -12.70 16.77
C PHE A 50 11.77 -13.35 15.50
N LEU A 51 12.67 -13.81 14.62
CA LEU A 51 12.22 -14.44 13.37
C LEU A 51 11.38 -15.65 13.71
N SER A 52 11.84 -16.38 14.70
CA SER A 52 11.12 -17.54 15.16
C SER A 52 9.71 -17.12 15.58
N PHE A 53 9.65 -16.09 16.42
CA PHE A 53 8.37 -15.59 16.90
C PHE A 53 7.52 -15.21 15.72
N LYS A 54 8.11 -14.47 14.79
CA LYS A 54 7.37 -14.06 13.60
C LYS A 54 6.86 -15.29 12.86
N ASN A 55 7.69 -16.31 12.74
CA ASN A 55 7.26 -17.53 12.04
C ASN A 55 6.04 -18.19 12.67
N GLU A 56 6.12 -18.46 13.97
CA GLU A 56 5.02 -19.09 14.70
C GLU A 56 3.77 -18.24 14.65
N LEU A 57 3.87 -17.02 15.14
CA LEU A 57 2.72 -16.12 15.14
C LEU A 57 2.02 -15.98 13.80
N SER A 58 2.79 -15.78 12.73
CA SER A 58 2.22 -15.60 11.39
C SER A 58 1.45 -16.82 10.91
N ARG A 59 1.95 -18.02 11.20
CA ARG A 59 1.26 -19.23 10.78
C ARG A 59 -0.01 -19.36 11.58
N TYR A 60 0.14 -19.36 12.89
CA TYR A 60 -1.00 -19.52 13.78
C TYR A 60 -2.18 -18.64 13.41
N LEU A 61 -1.94 -17.37 13.16
CA LEU A 61 -3.04 -16.50 12.81
C LEU A 61 -3.63 -16.84 11.44
N THR A 62 -2.79 -16.91 10.43
CA THR A 62 -3.22 -17.27 9.07
C THR A 62 -4.10 -18.52 9.11
N ASP A 63 -3.66 -19.47 9.93
CA ASP A 63 -4.34 -20.73 10.09
C ASP A 63 -5.68 -20.57 10.79
N HIS A 64 -5.64 -20.07 12.02
CA HIS A 64 -6.84 -19.87 12.81
C HIS A 64 -7.79 -18.76 12.43
N PHE A 65 -7.37 -17.82 11.59
CA PHE A 65 -8.30 -16.74 11.25
C PHE A 65 -8.21 -16.41 9.80
N PRO A 66 -8.72 -17.29 8.95
CA PRO A 66 -8.67 -17.04 7.51
C PRO A 66 -9.59 -15.88 7.14
N ALA A 67 -9.22 -15.16 6.09
CA ALA A 67 -10.01 -14.01 5.71
C ALA A 67 -11.46 -14.34 5.51
N ASN A 68 -12.32 -13.37 5.79
CA ASN A 68 -13.75 -13.48 5.62
C ASN A 68 -14.11 -12.42 4.59
N VAL A 69 -13.81 -12.71 3.34
CA VAL A 69 -14.08 -11.76 2.26
C VAL A 69 -14.94 -12.46 1.23
N ASP A 70 -16.10 -11.88 0.95
CA ASP A 70 -16.99 -12.51 -0.02
C ASP A 70 -16.61 -12.37 -1.49
N GLU A 71 -17.42 -13.01 -2.30
CA GLU A 71 -17.25 -13.06 -3.74
C GLU A 71 -17.19 -11.67 -4.34
N TYR A 72 -17.47 -10.68 -3.50
CA TYR A 72 -17.47 -9.29 -3.93
C TYR A 72 -16.44 -8.43 -3.25
N GLY A 73 -15.47 -9.06 -2.59
CA GLY A 73 -14.46 -8.29 -1.90
C GLY A 73 -15.05 -7.44 -0.80
N ARG A 74 -15.89 -8.06 0.01
CA ARG A 74 -16.50 -7.36 1.11
C ARG A 74 -16.11 -8.20 2.24
N VAL A 75 -15.62 -7.58 3.29
CA VAL A 75 -15.21 -8.39 4.39
C VAL A 75 -16.30 -8.37 5.43
N TYR A 76 -16.45 -9.54 6.05
CA TYR A 76 -17.43 -9.78 7.09
C TYR A 76 -16.72 -10.70 8.09
N GLY A 77 -17.50 -11.30 8.98
CA GLY A 77 -16.92 -12.20 9.94
C GLY A 77 -15.86 -11.52 10.80
N ASN A 78 -14.74 -12.23 10.95
CA ASN A 78 -13.61 -11.79 11.76
C ASN A 78 -12.89 -10.51 11.37
N GLY A 79 -13.19 -9.97 10.19
CA GLY A 79 -12.53 -8.74 9.78
C GLY A 79 -11.15 -8.96 9.18
N VAL A 80 -10.73 -10.21 9.13
CA VAL A 80 -9.44 -10.53 8.56
C VAL A 80 -9.61 -10.59 7.07
N ARG A 81 -8.87 -9.78 6.34
CA ARG A 81 -9.02 -9.80 4.89
C ARG A 81 -7.94 -10.54 4.15
N THR A 82 -7.01 -11.11 4.90
CA THR A 82 -5.93 -11.89 4.29
C THR A 82 -5.03 -12.55 5.31
N ASN A 83 -4.26 -13.52 4.84
CA ASN A 83 -3.34 -14.23 5.72
C ASN A 83 -2.41 -13.22 6.38
N PHE A 84 -1.76 -13.65 7.47
CA PHE A 84 -0.87 -12.80 8.21
C PHE A 84 0.59 -13.12 7.90
N PHE A 85 0.86 -13.61 6.69
CA PHE A 85 2.23 -13.93 6.32
C PHE A 85 2.99 -12.68 5.96
N GLY A 86 2.33 -11.54 6.09
CA GLY A 86 2.99 -10.29 5.77
C GLY A 86 4.33 -10.17 6.48
N MET A 87 4.28 -10.31 7.79
CA MET A 87 5.49 -10.19 8.58
C MET A 87 6.72 -11.01 8.20
N ARG A 88 6.58 -12.08 7.42
CA ARG A 88 7.74 -12.90 7.08
C ARG A 88 8.83 -12.26 6.21
N HIS A 89 9.15 -10.99 6.47
CA HIS A 89 10.20 -10.34 5.70
C HIS A 89 11.37 -9.96 6.55
N MET A 90 12.55 -9.96 5.95
CA MET A 90 13.72 -9.56 6.69
C MET A 90 13.77 -8.04 6.57
N ASN A 91 13.03 -7.34 7.43
CA ASN A 91 12.98 -5.88 7.41
C ASN A 91 14.41 -5.30 7.40
N GLY A 92 14.82 -4.70 6.29
CA GLY A 92 16.14 -4.13 6.24
C GLY A 92 16.88 -4.51 4.98
N PHE A 93 16.48 -5.63 4.39
CA PHE A 93 17.09 -6.12 3.16
C PHE A 93 16.03 -6.01 2.08
N PRO A 94 16.27 -5.15 1.09
CA PRO A 94 15.31 -4.94 0.01
C PRO A 94 15.38 -6.00 -1.09
N MET A 95 14.31 -6.06 -1.87
CA MET A 95 14.23 -6.96 -3.02
C MET A 95 15.33 -6.35 -3.86
N ILE A 96 16.05 -7.17 -4.61
CA ILE A 96 17.17 -6.60 -5.31
C ILE A 96 17.05 -5.82 -6.59
N PRO A 97 16.29 -6.32 -7.53
CA PRO A 97 16.53 -5.26 -8.52
C PRO A 97 15.93 -3.87 -8.36
N ALA A 98 15.09 -3.64 -7.35
CA ALA A 98 14.54 -2.29 -7.11
C ALA A 98 14.50 -1.33 -8.31
N THR A 99 13.36 -1.22 -8.99
CA THR A 99 13.18 -0.40 -10.20
C THR A 99 13.81 0.97 -10.47
N TRP A 100 13.95 1.22 -11.77
CA TRP A 100 14.43 2.49 -12.30
C TRP A 100 13.12 3.20 -12.69
N PRO A 101 13.05 4.51 -12.53
CA PRO A 101 11.89 5.37 -12.84
C PRO A 101 11.80 5.51 -14.35
N LEU A 102 10.60 5.66 -14.91
CA LEU A 102 10.55 5.80 -16.35
C LEU A 102 10.65 7.23 -16.77
N ALA A 103 11.44 7.52 -17.78
CA ALA A 103 11.61 8.88 -18.24
C ALA A 103 10.30 9.37 -18.81
N SER A 104 9.51 8.44 -19.31
CA SER A 104 8.22 8.76 -19.87
C SER A 104 7.25 7.61 -19.72
N ASN A 105 6.01 7.95 -19.40
CA ASN A 105 4.99 6.92 -19.20
C ASN A 105 3.92 6.95 -20.26
N LEU A 106 4.17 7.64 -21.36
CA LEU A 106 3.14 7.73 -22.39
C LEU A 106 2.87 6.39 -23.00
N LYS A 107 3.93 5.70 -23.42
CA LYS A 107 3.74 4.39 -24.00
C LYS A 107 3.08 3.51 -22.95
N LYS A 108 3.60 3.55 -21.72
CA LYS A 108 3.00 2.73 -20.68
C LYS A 108 1.48 2.89 -20.67
N ARG A 109 1.01 4.15 -20.68
CA ARG A 109 -0.41 4.47 -20.64
C ARG A 109 -1.09 3.98 -21.88
N ALA A 110 -0.66 4.50 -23.01
CA ALA A 110 -1.23 4.12 -24.29
C ALA A 110 -1.40 2.61 -24.37
N ASP A 111 -0.29 1.90 -24.18
CA ASP A 111 -0.34 0.47 -24.24
C ASP A 111 -1.37 -0.11 -23.28
N ALA A 112 -1.83 0.66 -22.32
CA ALA A 112 -2.84 0.14 -21.39
C ALA A 112 -4.19 0.76 -21.71
N ASP A 113 -4.28 1.30 -22.91
CA ASP A 113 -5.52 1.91 -23.35
C ASP A 113 -6.08 2.92 -22.38
N LEU A 114 -5.35 4.00 -22.18
CA LEU A 114 -5.83 5.05 -21.30
C LEU A 114 -5.65 6.32 -22.14
N ALA A 115 -6.61 7.21 -22.02
CA ALA A 115 -6.64 8.44 -22.79
C ALA A 115 -5.41 9.32 -22.66
N ASP A 116 -5.21 10.20 -23.65
CA ASP A 116 -4.09 11.11 -23.59
C ASP A 116 -4.62 12.53 -23.35
N GLY A 117 -5.80 12.59 -22.75
CA GLY A 117 -6.45 13.86 -22.43
C GLY A 117 -7.91 13.62 -22.11
N PRO A 118 -8.69 14.65 -21.70
CA PRO A 118 -10.11 14.44 -21.40
C PRO A 118 -10.69 13.85 -22.67
N VAL A 119 -11.59 12.87 -22.57
CA VAL A 119 -12.11 12.27 -23.81
C VAL A 119 -13.35 12.98 -24.33
N SER A 120 -14.16 13.43 -23.40
CA SER A 120 -15.38 14.15 -23.72
C SER A 120 -15.25 15.54 -23.15
N GLU A 121 -15.91 16.50 -23.75
CA GLU A 121 -15.82 17.85 -23.25
C GLU A 121 -16.30 17.91 -21.83
N ARG A 122 -17.23 17.04 -21.47
CA ARG A 122 -17.76 17.04 -20.12
C ARG A 122 -16.63 16.92 -19.12
N ASP A 123 -15.85 15.85 -19.30
CA ASP A 123 -14.72 15.56 -18.46
C ASP A 123 -13.77 16.75 -18.41
N ASN A 124 -13.49 17.33 -19.58
CA ASN A 124 -12.62 18.47 -19.64
C ASN A 124 -13.16 19.54 -18.69
N LEU A 125 -14.46 19.73 -18.66
CA LEU A 125 -14.99 20.73 -17.74
C LEU A 125 -14.89 20.30 -16.29
N LEU A 126 -15.15 19.02 -16.04
CA LEU A 126 -15.10 18.51 -14.68
C LEU A 126 -13.71 18.64 -14.07
N PHE A 127 -12.70 18.25 -14.83
CA PHE A 127 -11.35 18.36 -14.35
C PHE A 127 -11.06 19.80 -14.04
N ARG A 128 -11.33 20.67 -15.00
CA ARG A 128 -11.11 22.09 -14.80
C ARG A 128 -11.91 22.63 -13.64
N ALA A 129 -13.09 22.07 -13.41
CA ALA A 129 -13.94 22.53 -12.31
C ALA A 129 -13.23 22.16 -11.01
N ALA A 130 -12.68 20.94 -10.96
CA ALA A 130 -11.97 20.50 -9.79
C ALA A 130 -10.84 21.51 -9.55
N VAL A 131 -10.09 21.85 -10.59
CA VAL A 131 -9.03 22.84 -10.40
C VAL A 131 -9.58 24.14 -9.82
N ARG A 132 -10.71 24.56 -10.37
CA ARG A 132 -11.38 25.77 -9.95
C ARG A 132 -11.73 25.71 -8.49
N LEU A 133 -12.66 24.83 -8.13
CA LEU A 133 -13.08 24.69 -6.74
C LEU A 133 -11.93 24.57 -5.75
N MET A 134 -10.90 23.82 -6.14
CA MET A 134 -9.76 23.57 -5.28
C MET A 134 -8.80 24.70 -5.01
N PHE A 135 -8.45 25.43 -6.04
CA PHE A 135 -7.51 26.52 -5.86
C PHE A 135 -8.25 27.82 -5.82
N SER A 136 -9.47 27.79 -5.31
CA SER A 136 -10.30 28.99 -5.32
C SER A 136 -10.06 30.09 -4.36
N ASP A 137 -10.74 30.06 -3.24
CA ASP A 137 -10.55 31.16 -2.33
C ASP A 137 -9.72 30.66 -1.21
N LEU A 138 -8.43 30.51 -1.51
CA LEU A 138 -7.45 30.02 -0.56
C LEU A 138 -7.06 31.04 0.48
N GLU A 139 -6.84 30.55 1.70
CA GLU A 139 -6.44 31.41 2.80
C GLU A 139 -5.10 31.01 3.37
N PRO A 140 -4.15 31.97 3.41
CA PRO A 140 -2.77 31.87 3.89
C PRO A 140 -2.56 31.29 5.26
N VAL A 141 -1.52 30.47 5.37
CA VAL A 141 -1.13 29.84 6.61
C VAL A 141 0.39 29.73 6.61
N PRO A 142 0.98 29.54 7.79
CA PRO A 142 2.44 29.43 7.77
C PRO A 142 2.84 28.20 6.98
N LEU A 143 4.00 28.27 6.36
CA LEU A 143 4.53 27.14 5.63
C LEU A 143 5.21 26.28 6.68
N LYS A 144 4.70 25.09 7.00
CA LYS A 144 5.36 24.28 8.00
C LYS A 144 6.23 23.18 7.41
N ILE A 145 7.40 23.00 8.00
CA ILE A 145 8.40 22.04 7.55
C ILE A 145 8.64 20.88 8.53
N ARG A 146 8.66 19.64 8.01
CA ARG A 146 8.88 18.45 8.83
C ARG A 146 10.30 18.55 9.41
N LYS A 147 10.46 18.31 10.70
CA LYS A 147 11.78 18.42 11.28
C LYS A 147 12.67 17.28 10.85
N GLY A 148 13.95 17.60 10.62
CA GLY A 148 14.93 16.60 10.23
C GLY A 148 14.78 15.94 8.88
N SER A 149 14.10 16.62 7.95
CA SER A 149 13.92 16.10 6.61
C SER A 149 15.00 16.75 5.80
N SER A 150 15.45 16.10 4.73
CA SER A 150 16.54 16.66 3.92
C SER A 150 16.10 17.61 2.81
N THR A 151 16.75 18.77 2.69
CA THR A 151 16.33 19.66 1.63
C THR A 151 16.66 19.04 0.28
N CYS A 152 17.44 17.97 0.27
CA CYS A 152 17.85 17.33 -1.00
C CYS A 152 18.59 18.33 -1.91
N ILE A 153 18.64 18.02 -3.21
CA ILE A 153 19.34 18.90 -4.13
C ILE A 153 19.06 20.37 -3.93
N PRO A 154 20.12 21.18 -3.85
CA PRO A 154 21.49 20.68 -3.96
C PRO A 154 22.26 20.59 -2.65
N TYR A 155 21.65 21.04 -1.57
CA TYR A 155 22.33 21.04 -0.25
C TYR A 155 22.27 19.80 0.64
N PHE A 156 21.08 19.26 0.80
CA PHE A 156 20.93 18.07 1.60
C PHE A 156 21.12 18.39 3.05
N SER A 157 20.61 19.54 3.48
CA SER A 157 20.71 19.94 4.87
C SER A 157 19.60 19.22 5.65
N ASN A 158 19.78 19.14 6.96
CA ASN A 158 18.86 18.45 7.87
C ASN A 158 18.45 19.45 8.91
N ASP A 159 19.19 20.55 8.90
CA ASP A 159 19.09 21.64 9.84
C ASP A 159 17.90 22.53 9.71
N MET A 160 17.02 22.51 10.71
CA MET A 160 15.82 23.34 10.66
C MET A 160 16.15 24.78 10.39
N GLY A 161 17.29 25.22 10.92
CA GLY A 161 17.67 26.59 10.69
C GLY A 161 17.90 26.83 9.22
N THR A 162 18.77 26.03 8.65
CA THR A 162 19.10 26.14 7.25
C THR A 162 17.87 26.00 6.38
N LYS A 163 16.99 25.07 6.72
CA LYS A 163 15.78 24.89 5.95
C LYS A 163 14.97 26.20 5.97
N ILE A 164 14.55 26.66 7.15
CA ILE A 164 13.79 27.90 7.21
C ILE A 164 14.42 29.00 6.37
N GLU A 165 15.75 29.03 6.28
CA GLU A 165 16.39 30.07 5.49
C GLU A 165 16.08 29.79 4.04
N ILE A 166 16.42 28.60 3.57
CA ILE A 166 16.19 28.23 2.17
C ILE A 166 14.77 28.55 1.76
N ALA A 167 13.82 28.13 2.60
CA ALA A 167 12.41 28.36 2.36
C ALA A 167 12.05 29.85 2.23
N GLU A 168 12.33 30.62 3.27
CA GLU A 168 12.03 32.06 3.26
C GLU A 168 12.65 32.73 2.05
N ARG A 169 13.89 32.32 1.74
CA ARG A 169 14.60 32.85 0.59
C ARG A 169 13.80 32.46 -0.65
N ALA A 170 13.39 31.20 -0.72
CA ALA A 170 12.62 30.71 -1.87
C ALA A 170 11.39 31.55 -2.12
N LEU A 171 10.52 31.66 -1.12
CA LEU A 171 9.32 32.43 -1.27
C LEU A 171 9.64 33.83 -1.70
N GLU A 172 10.87 34.26 -1.44
CA GLU A 172 11.24 35.61 -1.82
C GLU A 172 11.58 35.66 -3.30
N LYS A 173 12.57 34.90 -3.72
CA LYS A 173 12.96 34.92 -5.10
C LYS A 173 12.15 33.98 -6.02
N ALA A 174 11.13 33.34 -5.45
CA ALA A 174 10.27 32.40 -6.17
C ALA A 174 9.79 33.00 -7.45
N GLU A 175 9.31 34.24 -7.38
CA GLU A 175 8.83 34.91 -8.56
C GLU A 175 9.93 35.14 -9.56
N GLU A 176 11.05 35.68 -9.12
CA GLU A 176 12.19 35.92 -10.02
C GLU A 176 12.52 34.68 -10.84
N ALA A 177 12.75 33.56 -10.17
CA ALA A 177 13.03 32.31 -10.84
C ALA A 177 11.66 31.99 -11.36
N GLY A 178 11.54 31.28 -12.47
CA GLY A 178 10.17 31.04 -12.89
C GLY A 178 9.84 32.02 -13.99
N ASN A 179 9.97 33.32 -13.72
CA ASN A 179 9.78 34.29 -14.77
C ASN A 179 11.01 33.99 -15.61
N LEU A 180 12.01 33.50 -14.90
CA LEU A 180 13.25 33.11 -15.49
C LEU A 180 13.03 31.85 -16.34
N MET A 181 12.18 30.96 -15.84
CA MET A 181 11.88 29.71 -16.55
C MET A 181 10.92 29.97 -17.69
N LEU A 182 10.10 31.01 -17.56
CA LEU A 182 9.18 31.34 -18.63
C LEU A 182 10.09 31.69 -19.81
N GLN A 183 11.21 32.33 -19.49
CA GLN A 183 12.17 32.69 -20.52
C GLN A 183 12.96 31.48 -20.98
N GLY A 184 12.70 30.33 -20.38
CA GLY A 184 13.43 29.15 -20.80
C GLY A 184 14.83 29.05 -20.22
N LYS A 185 15.20 30.04 -19.42
CA LYS A 185 16.50 30.11 -18.76
C LYS A 185 16.51 29.21 -17.52
N PHE A 186 16.26 27.92 -17.71
CA PHE A 186 16.18 27.00 -16.60
C PHE A 186 17.44 26.91 -15.78
N ASP A 187 18.57 26.98 -16.45
CA ASP A 187 19.80 26.89 -15.73
C ASP A 187 19.97 28.10 -14.87
N ASP A 188 19.99 29.29 -15.45
CA ASP A 188 20.12 30.49 -14.62
C ASP A 188 19.25 30.28 -13.38
N ALA A 189 18.00 29.91 -13.64
CA ALA A 189 17.04 29.68 -12.59
C ALA A 189 17.58 28.85 -11.45
N TYR A 190 18.09 27.67 -11.76
CA TYR A 190 18.64 26.80 -10.74
C TYR A 190 19.87 27.39 -10.07
N GLN A 191 20.85 27.81 -10.85
CA GLN A 191 22.06 28.39 -10.30
C GLN A 191 21.82 29.53 -9.31
N LEU A 192 20.85 30.39 -9.59
CA LEU A 192 20.59 31.53 -8.71
C LEU A 192 19.63 31.32 -7.58
N HIS A 193 18.80 30.30 -7.67
CA HIS A 193 17.81 30.09 -6.62
C HIS A 193 17.54 28.65 -6.41
N GLN A 194 18.49 27.85 -6.89
CA GLN A 194 18.43 26.40 -6.82
C GLN A 194 17.06 25.81 -6.93
N MET A 195 16.30 26.31 -7.90
CA MET A 195 14.95 25.81 -8.20
C MET A 195 15.11 25.08 -9.52
N GLY A 196 15.11 23.75 -9.46
CA GLY A 196 15.26 22.97 -10.67
C GLY A 196 16.20 21.83 -10.41
N GLY A 197 16.93 21.44 -11.42
CA GLY A 197 17.87 20.37 -11.21
C GLY A 197 17.28 18.99 -11.29
N ALA A 198 16.87 18.43 -10.14
CA ALA A 198 16.35 17.07 -10.15
C ALA A 198 15.86 16.55 -8.83
N TYR A 199 15.08 15.50 -8.93
CA TYR A 199 14.59 14.84 -7.77
C TYR A 199 15.72 13.89 -7.40
N TYR A 200 15.79 13.53 -6.12
CA TYR A 200 16.82 12.60 -5.65
C TYR A 200 16.06 11.33 -5.21
N VAL A 201 16.24 10.24 -5.94
CA VAL A 201 15.54 9.01 -5.59
C VAL A 201 15.77 8.44 -4.21
N VAL A 202 14.68 8.30 -3.47
CA VAL A 202 14.72 7.74 -2.13
C VAL A 202 13.79 6.50 -2.08
N TYR A 203 14.34 5.42 -1.56
CA TYR A 203 13.67 4.12 -1.44
C TYR A 203 12.90 3.80 -0.18
N ARG A 204 11.67 4.31 -0.04
CA ARG A 204 10.84 3.94 1.13
C ARG A 204 10.46 2.46 0.94
N ALA A 205 10.89 1.59 1.85
CA ALA A 205 10.58 0.19 1.73
C ALA A 205 9.27 -0.16 2.41
N GLN A 206 8.44 -0.96 1.75
CA GLN A 206 7.15 -1.40 2.27
C GLN A 206 7.42 -2.80 2.78
N SER A 207 7.60 -2.86 4.10
CA SER A 207 7.93 -4.05 4.86
C SER A 207 7.07 -5.27 4.69
N THR A 208 5.97 -5.14 3.98
CA THR A 208 5.09 -6.28 3.87
C THR A 208 4.26 -6.31 2.62
N ASP A 209 4.51 -7.34 1.84
CA ASP A 209 3.84 -7.53 0.58
C ASP A 209 3.24 -8.91 0.62
N ALA A 210 2.54 -9.29 -0.43
CA ALA A 210 1.94 -10.61 -0.49
C ALA A 210 2.96 -11.75 -0.34
N ILE A 211 2.59 -12.75 0.47
CA ILE A 211 3.41 -13.94 0.67
C ILE A 211 2.38 -15.02 0.92
N THR A 212 2.51 -16.14 0.21
CA THR A 212 1.55 -17.21 0.39
C THR A 212 2.12 -18.58 0.58
N LEU A 213 1.24 -19.43 1.12
CA LEU A 213 1.62 -20.77 1.38
C LEU A 213 0.90 -21.69 0.46
N ASP A 214 1.67 -22.27 -0.45
CA ASP A 214 1.19 -23.22 -1.45
C ASP A 214 1.00 -24.52 -0.68
N PRO A 215 -0.25 -24.86 -0.31
CA PRO A 215 -0.47 -26.10 0.44
C PRO A 215 0.18 -27.26 -0.26
N LYS A 216 0.10 -27.24 -1.59
CA LYS A 216 0.68 -28.27 -2.45
C LYS A 216 2.14 -28.56 -2.10
N THR A 217 3.02 -27.57 -2.27
CA THR A 217 4.44 -27.76 -1.97
C THR A 217 4.71 -27.81 -0.46
N GLY A 218 4.31 -26.77 0.24
CA GLY A 218 4.58 -26.74 1.66
C GLY A 218 5.50 -25.56 1.87
N LYS A 219 5.99 -24.98 0.78
CA LYS A 219 6.86 -23.81 0.87
C LYS A 219 6.10 -22.53 0.51
N PHE A 220 6.68 -21.39 0.90
CA PHE A 220 6.08 -20.08 0.69
C PHE A 220 6.42 -19.41 -0.64
N VAL A 221 5.61 -18.40 -0.98
CA VAL A 221 5.83 -17.66 -2.22
C VAL A 221 5.68 -16.15 -2.09
N SER A 222 6.60 -15.42 -2.71
CA SER A 222 6.57 -13.97 -2.63
C SER A 222 6.01 -13.34 -3.90
N LYS A 223 5.00 -12.50 -3.75
CA LYS A 223 4.38 -11.81 -4.88
C LYS A 223 5.41 -11.13 -5.76
N ASP A 224 5.67 -11.68 -6.94
CA ASP A 224 6.65 -11.05 -7.80
C ASP A 224 6.34 -9.59 -7.97
N ARG A 225 7.40 -8.78 -8.03
CA ARG A 225 7.30 -7.34 -8.20
C ARG A 225 8.14 -6.94 -9.40
N MET A 226 7.48 -6.35 -10.40
CA MET A 226 8.14 -5.95 -11.64
C MET A 226 8.90 -4.65 -11.54
N VAL A 227 10.11 -4.65 -12.10
CA VAL A 227 10.99 -3.51 -12.06
C VAL A 227 11.62 -3.27 -13.41
N ALA A 228 11.65 -2.03 -13.86
CA ALA A 228 12.23 -1.79 -15.17
C ALA A 228 13.70 -1.47 -15.04
N ASP A 229 14.51 -2.15 -15.83
CA ASP A 229 15.95 -1.93 -15.84
C ASP A 229 16.23 -0.62 -16.56
N PHE A 230 17.46 -0.12 -16.44
CA PHE A 230 17.79 1.15 -17.06
C PHE A 230 17.30 1.33 -18.48
N GLU A 231 17.74 0.45 -19.36
CA GLU A 231 17.38 0.55 -20.78
C GLU A 231 15.91 0.71 -20.96
N TYR A 232 15.13 0.03 -20.13
CA TYR A 232 13.70 0.15 -20.24
C TYR A 232 13.27 1.56 -19.88
N ALA A 233 13.61 1.96 -18.66
CA ALA A 233 13.25 3.27 -18.16
C ALA A 233 13.59 4.47 -19.04
N VAL A 234 14.70 4.39 -19.76
CA VAL A 234 15.13 5.53 -20.58
C VAL A 234 14.35 5.65 -21.85
N THR A 235 13.97 4.49 -22.36
CA THR A 235 13.23 4.39 -23.60
C THR A 235 11.74 4.37 -23.33
N GLY A 236 11.36 4.44 -22.07
CA GLY A 236 9.97 4.46 -21.71
C GLY A 236 9.18 3.21 -22.06
N GLY A 237 9.89 2.09 -22.18
CA GLY A 237 9.23 0.85 -22.51
C GLY A 237 9.69 0.27 -23.83
N GLU A 238 10.17 1.14 -24.73
CA GLU A 238 10.66 0.75 -26.05
C GLU A 238 11.59 -0.44 -26.03
N GLN A 239 12.71 -0.34 -25.34
CA GLN A 239 13.59 -1.49 -25.27
C GLN A 239 13.68 -1.92 -23.85
N GLY A 240 14.82 -2.48 -23.51
CA GLY A 240 15.02 -2.94 -22.15
C GLY A 240 13.94 -3.92 -21.76
N SER A 241 14.14 -4.51 -20.59
CA SER A 241 13.19 -5.46 -20.07
C SER A 241 12.51 -4.94 -18.82
N LEU A 242 11.55 -5.72 -18.36
CA LEU A 242 10.77 -5.40 -17.19
C LEU A 242 10.53 -6.75 -16.55
N PHE A 243 11.32 -7.07 -15.54
CA PHE A 243 11.25 -8.35 -14.85
C PHE A 243 10.91 -8.23 -13.36
N ALA A 244 10.94 -9.36 -12.68
CA ALA A 244 10.64 -9.36 -11.26
C ALA A 244 11.90 -9.16 -10.44
N ALA A 245 11.80 -8.36 -9.38
CA ALA A 245 12.94 -8.13 -8.52
C ALA A 245 13.20 -9.42 -7.77
N SER A 246 14.41 -9.63 -7.26
CA SER A 246 14.71 -10.87 -6.57
C SER A 246 14.54 -10.90 -5.04
N LYS A 247 13.33 -11.15 -4.56
CA LYS A 247 13.09 -11.17 -3.13
C LYS A 247 13.67 -12.33 -2.33
N ASP A 248 14.48 -13.20 -2.94
CA ASP A 248 15.04 -14.32 -2.19
C ASP A 248 15.99 -13.87 -1.10
N ALA A 249 15.72 -14.32 0.13
CA ALA A 249 16.55 -13.93 1.28
C ALA A 249 17.69 -14.88 1.59
N SER A 250 17.81 -15.95 0.84
CA SER A 250 18.86 -16.90 1.10
C SER A 250 20.21 -16.24 1.08
N ARG A 251 20.42 -15.40 0.08
CA ARG A 251 21.70 -14.71 0.01
C ARG A 251 22.20 -14.30 1.39
N LEU A 252 21.34 -13.63 2.17
CA LEU A 252 21.67 -13.16 3.51
C LEU A 252 22.57 -14.09 4.32
N LYS A 253 22.40 -15.39 4.14
CA LYS A 253 23.23 -16.35 4.87
C LYS A 253 24.65 -16.28 4.37
N GLU A 254 24.86 -16.64 3.11
CA GLU A 254 26.19 -16.61 2.53
C GLU A 254 26.85 -15.24 2.66
N GLN A 255 26.06 -14.18 2.46
CA GLN A 255 26.59 -12.83 2.55
C GLN A 255 26.94 -12.37 3.94
N TYR A 256 25.94 -12.32 4.81
CA TYR A 256 26.16 -11.84 6.17
C TYR A 256 26.06 -12.89 7.26
N GLY A 257 26.04 -14.15 6.88
CA GLY A 257 25.95 -15.20 7.86
C GLY A 257 24.75 -15.05 8.78
N ILE A 258 23.57 -15.01 8.19
CA ILE A 258 22.35 -14.86 8.93
C ILE A 258 21.44 -16.02 8.62
N ASP A 259 20.96 -16.70 9.66
CA ASP A 259 20.08 -17.83 9.46
C ASP A 259 18.75 -17.28 9.01
N VAL A 260 18.38 -17.65 7.80
CA VAL A 260 17.13 -17.23 7.19
C VAL A 260 16.19 -18.42 7.21
N PRO A 261 15.11 -18.36 7.99
CA PRO A 261 14.14 -19.47 8.07
C PRO A 261 13.36 -19.59 6.76
N ASP A 262 12.89 -20.80 6.44
CA ASP A 262 12.15 -20.97 5.22
C ASP A 262 10.97 -20.04 5.16
N GLY A 263 10.74 -19.48 3.98
CA GLY A 263 9.59 -18.62 3.80
C GLY A 263 9.69 -17.23 4.37
N PHE A 264 10.90 -16.67 4.27
CA PHE A 264 11.18 -15.33 4.71
C PHE A 264 11.83 -14.71 3.50
N PHE A 265 11.42 -13.49 3.18
CA PHE A 265 11.95 -12.82 1.99
C PHE A 265 12.40 -11.41 2.22
N CYS A 266 13.13 -10.89 1.23
CA CYS A 266 13.61 -9.52 1.25
C CYS A 266 12.34 -8.74 1.03
N GLU A 267 12.35 -7.46 1.44
CA GLU A 267 11.16 -6.63 1.30
C GLU A 267 11.03 -5.93 -0.03
N ARG A 268 9.84 -5.42 -0.28
CA ARG A 268 9.54 -4.70 -1.50
C ARG A 268 10.05 -3.31 -1.33
N ARG A 269 10.63 -2.72 -2.37
CA ARG A 269 11.10 -1.35 -2.23
C ARG A 269 10.50 -0.39 -3.24
N ARG A 270 9.63 0.47 -2.75
CA ARG A 270 8.98 1.44 -3.58
C ARG A 270 9.95 2.57 -3.72
N THR A 271 9.95 3.25 -4.85
CA THR A 271 10.88 4.36 -4.99
C THR A 271 10.12 5.67 -4.72
N ALA A 272 10.82 6.77 -4.49
CA ALA A 272 10.15 8.05 -4.23
C ALA A 272 11.09 9.25 -4.44
N MET A 273 10.55 10.36 -4.93
CA MET A 273 11.34 11.55 -5.20
C MET A 273 11.73 12.48 -4.04
N GLY A 274 13.00 12.84 -3.97
CA GLY A 274 13.44 13.76 -2.93
C GLY A 274 13.43 15.09 -3.66
N GLY A 275 12.45 15.93 -3.35
CA GLY A 275 12.34 17.17 -4.08
C GLY A 275 13.29 18.29 -3.71
N PRO A 276 13.77 19.08 -4.68
CA PRO A 276 14.67 20.21 -4.46
C PRO A 276 13.85 21.19 -3.65
N PHE A 277 14.18 21.35 -2.37
CA PHE A 277 13.42 22.22 -1.50
C PHE A 277 13.23 23.63 -2.02
N ALA A 278 14.26 24.22 -2.58
CA ALA A 278 14.13 25.56 -3.10
C ALA A 278 12.82 25.69 -3.89
N LEU A 279 12.55 24.68 -4.70
CA LEU A 279 11.40 24.61 -5.56
C LEU A 279 10.16 24.12 -4.79
N ASN A 280 10.24 22.91 -4.24
CA ASN A 280 9.14 22.35 -3.45
C ASN A 280 8.48 23.32 -2.45
N ALA A 281 9.21 24.31 -1.94
CA ALA A 281 8.63 25.21 -0.94
C ALA A 281 7.54 26.12 -1.46
N PRO A 282 7.85 26.92 -2.50
CA PRO A 282 6.87 27.84 -3.08
C PRO A 282 5.62 27.10 -3.47
N ILE A 283 5.75 25.79 -3.69
CA ILE A 283 4.61 24.94 -4.03
C ILE A 283 3.83 24.56 -2.76
N MET A 284 4.54 24.08 -1.75
CA MET A 284 3.87 23.71 -0.51
C MET A 284 3.11 24.92 0.01
N ALA A 285 3.73 26.10 -0.13
CA ALA A 285 3.13 27.35 0.33
C ALA A 285 1.68 27.51 -0.15
N VAL A 286 1.38 26.91 -1.29
CA VAL A 286 0.04 26.97 -1.86
C VAL A 286 -0.70 25.66 -1.57
N ALA A 287 0.05 24.57 -1.66
CA ALA A 287 -0.53 23.26 -1.46
C ALA A 287 -1.30 23.14 -0.16
N GLN A 288 -0.70 23.56 0.93
CA GLN A 288 -1.36 23.46 2.24
C GLN A 288 -2.65 24.26 2.30
N PRO A 289 -2.63 25.51 1.80
CA PRO A 289 -3.88 26.28 1.85
C PRO A 289 -4.98 25.53 1.07
N VAL A 290 -4.63 24.96 -0.09
CA VAL A 290 -5.62 24.22 -0.85
C VAL A 290 -6.13 23.12 0.05
N ARG A 291 -5.18 22.37 0.57
CA ARG A 291 -5.50 21.28 1.49
C ARG A 291 -6.55 21.74 2.49
N ASN A 292 -6.25 22.85 3.16
CA ASN A 292 -7.16 23.41 4.13
C ASN A 292 -8.55 23.65 3.57
N LYS A 293 -8.63 24.07 2.30
CA LYS A 293 -9.93 24.32 1.70
C LYS A 293 -10.69 23.04 1.51
N ILE A 294 -10.25 22.22 0.56
CA ILE A 294 -10.96 20.97 0.30
C ILE A 294 -11.24 20.17 1.58
N TYR A 295 -10.35 20.21 2.57
CA TYR A 295 -10.58 19.47 3.80
C TYR A 295 -11.66 20.10 4.66
N SER A 296 -11.94 21.38 4.42
CA SER A 296 -12.99 22.01 5.16
C SER A 296 -14.25 21.95 4.27
N LYS A 297 -14.45 22.93 3.39
CA LYS A 297 -15.65 22.96 2.54
C LYS A 297 -16.04 21.61 1.93
N TYR A 298 -15.09 20.86 1.40
CA TYR A 298 -15.47 19.60 0.81
C TYR A 298 -15.12 18.43 1.71
N ALA A 299 -15.27 18.70 3.00
CA ALA A 299 -14.96 17.69 3.98
C ALA A 299 -15.76 16.38 3.84
N TYR A 300 -16.89 16.43 3.14
CA TYR A 300 -17.67 15.21 3.04
C TYR A 300 -16.87 14.14 2.34
N THR A 301 -16.30 14.51 1.19
CA THR A 301 -15.60 13.52 0.42
C THR A 301 -14.12 13.46 0.66
N PHE A 302 -13.56 14.48 1.30
CA PHE A 302 -12.10 14.51 1.48
C PHE A 302 -11.46 14.39 2.84
N HIS A 303 -12.13 14.85 3.88
CA HIS A 303 -11.61 14.83 5.23
C HIS A 303 -12.17 13.68 6.07
N HIS A 304 -11.35 12.67 6.32
CA HIS A 304 -11.79 11.53 7.11
C HIS A 304 -10.81 11.31 8.25
N THR A 305 -11.32 11.35 9.48
CA THR A 305 -10.47 11.19 10.66
C THR A 305 -10.61 9.85 11.34
N THR A 306 -11.76 9.58 11.95
CA THR A 306 -11.95 8.31 12.67
C THR A 306 -12.72 7.26 11.95
N ARG A 307 -12.62 6.04 12.45
CA ARG A 307 -13.34 4.97 11.80
C ARG A 307 -14.83 5.12 11.99
N LEU A 308 -15.24 5.94 12.96
CA LEU A 308 -16.68 6.12 13.16
C LEU A 308 -17.12 7.26 12.28
N ASN A 309 -16.23 8.20 12.09
CA ASN A 309 -16.52 9.35 11.27
C ASN A 309 -16.85 8.91 9.83
N LYS A 310 -16.11 7.93 9.33
CA LYS A 310 -16.32 7.39 7.99
C LYS A 310 -17.65 6.66 8.04
N GLU A 311 -17.72 5.68 8.94
CA GLU A 311 -18.93 4.88 9.17
C GLU A 311 -20.20 5.71 8.99
N GLU A 312 -20.21 6.89 9.62
CA GLU A 312 -21.34 7.80 9.53
C GLU A 312 -21.82 7.90 8.09
N LYS A 313 -20.98 8.46 7.22
CA LYS A 313 -21.29 8.68 5.79
C LYS A 313 -21.73 7.44 5.00
N VAL A 314 -20.98 6.36 5.15
CA VAL A 314 -21.28 5.14 4.42
C VAL A 314 -22.53 4.44 4.90
N LYS A 315 -22.93 4.70 6.16
CA LYS A 315 -24.12 4.08 6.73
C LYS A 315 -25.35 4.41 5.90
N GLU A 316 -25.38 5.63 5.36
CA GLU A 316 -26.51 6.09 4.58
C GLU A 316 -26.53 5.74 3.11
N TRP A 317 -25.54 5.01 2.63
CA TRP A 317 -25.55 4.68 1.23
C TRP A 317 -26.37 3.42 1.05
N SER A 318 -26.78 3.14 -0.18
CA SER A 318 -27.55 1.96 -0.43
C SER A 318 -26.61 1.01 -1.12
N LEU A 319 -25.50 1.56 -1.59
CA LEU A 319 -24.48 0.76 -2.22
C LEU A 319 -23.16 1.43 -1.99
N CYS A 320 -22.17 0.60 -1.69
CA CYS A 320 -20.84 1.09 -1.44
C CYS A 320 -19.81 0.24 -2.14
N VAL A 321 -19.11 0.85 -3.09
CA VAL A 321 -18.07 0.13 -3.81
C VAL A 321 -16.66 0.59 -3.44
N ALA A 322 -15.83 -0.38 -3.06
CA ALA A 322 -14.45 -0.11 -2.69
C ALA A 322 -13.63 -0.34 -3.95
N THR A 323 -13.17 0.76 -4.54
CA THR A 323 -12.38 0.71 -5.77
C THR A 323 -10.90 0.59 -5.49
N ASP A 324 -10.13 0.35 -6.55
CA ASP A 324 -8.68 0.20 -6.45
C ASP A 324 -7.88 0.41 -7.74
N VAL A 325 -6.88 1.29 -7.69
CA VAL A 325 -6.03 1.60 -8.82
C VAL A 325 -4.66 1.02 -8.54
N SER A 326 -3.97 0.41 -9.48
CA SER A 326 -2.65 -0.05 -9.09
C SER A 326 -1.59 0.74 -9.82
N ASP A 327 -0.51 1.02 -9.10
CA ASP A 327 0.61 1.78 -9.62
C ASP A 327 0.12 3.15 -10.11
N HIS A 328 -0.61 3.82 -9.23
CA HIS A 328 -1.16 5.13 -9.47
C HIS A 328 -0.16 6.19 -9.93
N ASP A 329 0.97 6.24 -9.26
CA ASP A 329 2.01 7.24 -9.52
C ASP A 329 2.64 7.20 -10.90
N THR A 330 3.03 6.02 -11.35
CA THR A 330 3.67 5.96 -12.64
C THR A 330 2.67 6.17 -13.78
N PHE A 331 1.39 5.95 -13.50
CA PHE A 331 0.35 6.15 -14.52
C PHE A 331 -0.18 7.57 -14.62
N TRP A 332 -0.12 8.31 -13.52
CA TRP A 332 -0.61 9.66 -13.51
C TRP A 332 -0.27 10.39 -14.83
N PRO A 333 -1.29 10.88 -15.54
CA PRO A 333 -1.19 11.60 -16.83
C PRO A 333 -0.48 12.94 -16.85
N GLY A 334 0.48 13.07 -17.76
CA GLY A 334 1.22 14.31 -17.87
C GLY A 334 0.28 15.43 -18.21
N TRP A 335 -0.70 15.10 -19.04
CA TRP A 335 -1.66 16.09 -19.45
C TRP A 335 -2.52 16.61 -18.33
N LEU A 336 -2.74 15.83 -17.26
CA LEU A 336 -3.55 16.41 -16.19
C LEU A 336 -2.76 17.59 -15.60
N ARG A 337 -1.43 17.46 -15.64
CA ARG A 337 -0.56 18.52 -15.15
C ARG A 337 -0.78 19.74 -16.03
N ASP A 338 -0.57 19.57 -17.33
CA ASP A 338 -0.75 20.70 -18.23
C ASP A 338 -2.18 21.25 -18.18
N LEU A 339 -3.20 20.38 -18.08
CA LEU A 339 -4.59 20.85 -18.00
C LEU A 339 -4.69 21.80 -16.83
N ILE A 340 -4.27 21.28 -15.68
CA ILE A 340 -4.29 22.03 -14.44
C ILE A 340 -3.61 23.39 -14.48
N CYS A 341 -2.38 23.44 -15.00
CA CYS A 341 -1.69 24.70 -15.08
C CYS A 341 -2.49 25.68 -15.92
N ASP A 342 -2.99 25.19 -17.05
CA ASP A 342 -3.80 26.00 -17.95
C ASP A 342 -4.98 26.59 -17.22
N GLU A 343 -5.75 25.76 -16.52
CA GLU A 343 -6.88 26.28 -15.77
C GLU A 343 -6.41 27.30 -14.74
N LEU A 344 -5.36 26.95 -14.00
CA LEU A 344 -4.79 27.85 -12.98
C LEU A 344 -4.45 29.19 -13.60
N LEU A 345 -3.90 29.19 -14.81
CA LEU A 345 -3.60 30.47 -15.44
C LEU A 345 -4.89 31.23 -15.69
N ASN A 346 -5.87 30.53 -16.28
CA ASN A 346 -7.18 31.14 -16.56
C ASN A 346 -7.69 31.73 -15.26
N MET A 347 -7.77 30.94 -14.20
CA MET A 347 -8.23 31.47 -12.90
C MET A 347 -7.51 32.75 -12.48
N GLY A 348 -6.33 33.01 -13.06
CA GLY A 348 -5.58 34.22 -12.73
C GLY A 348 -4.36 34.10 -11.82
N TYR A 349 -3.82 32.90 -11.71
CA TYR A 349 -2.64 32.67 -10.89
C TYR A 349 -1.43 33.23 -11.61
N ALA A 350 -0.61 33.99 -10.91
CA ALA A 350 0.59 34.52 -11.50
C ALA A 350 1.33 33.40 -12.28
N PRO A 351 1.66 33.67 -13.56
CA PRO A 351 2.34 32.79 -14.51
C PRO A 351 3.59 32.09 -13.97
N TRP A 352 4.54 32.92 -13.50
CA TRP A 352 5.80 32.41 -12.95
C TRP A 352 5.56 31.31 -11.93
N TRP A 353 4.56 31.48 -11.08
CA TRP A 353 4.29 30.45 -10.10
C TRP A 353 3.79 29.19 -10.79
N VAL A 354 2.82 29.36 -11.69
CA VAL A 354 2.32 28.22 -12.41
C VAL A 354 3.52 27.59 -13.12
N LYS A 355 4.35 28.42 -13.75
CA LYS A 355 5.52 27.88 -14.42
C LYS A 355 6.36 27.04 -13.45
N LEU A 356 6.51 27.49 -12.19
CA LEU A 356 7.26 26.73 -11.19
C LEU A 356 6.57 25.40 -11.06
N PHE A 357 5.28 25.46 -10.79
CA PHE A 357 4.49 24.25 -10.63
C PHE A 357 4.69 23.26 -11.77
N GLU A 358 4.52 23.74 -13.00
CA GLU A 358 4.66 22.86 -14.16
C GLU A 358 6.01 22.14 -14.14
N THR A 359 7.06 22.95 -14.19
CA THR A 359 8.44 22.49 -14.19
C THR A 359 8.65 21.45 -13.12
N SER A 360 8.11 21.74 -11.96
CA SER A 360 8.20 20.87 -10.82
C SER A 360 7.71 19.48 -11.17
N LEU A 361 6.73 19.43 -12.07
CA LEU A 361 6.12 18.18 -12.47
C LEU A 361 6.62 17.51 -13.71
N LYS A 362 7.73 17.99 -14.22
CA LYS A 362 8.34 17.38 -15.37
C LYS A 362 9.85 17.48 -15.24
N LEU A 363 10.32 17.36 -14.00
CA LEU A 363 11.74 17.49 -13.70
C LEU A 363 12.51 16.22 -13.84
N PRO A 364 13.84 16.30 -14.04
CA PRO A 364 14.65 15.08 -14.19
C PRO A 364 14.81 14.49 -12.82
N VAL A 365 15.29 13.25 -12.78
CA VAL A 365 15.50 12.60 -11.51
C VAL A 365 16.85 11.90 -11.49
N TYR A 366 17.54 12.07 -10.37
CA TYR A 366 18.84 11.48 -10.14
C TYR A 366 18.58 10.15 -9.47
N VAL A 367 19.04 9.07 -10.08
CA VAL A 367 18.84 7.75 -9.49
C VAL A 367 20.05 7.40 -8.65
N GLY A 368 19.80 7.17 -7.35
CA GLY A 368 20.87 6.86 -6.42
C GLY A 368 21.49 5.52 -6.68
N ALA A 369 21.04 4.53 -5.92
CA ALA A 369 21.57 3.20 -6.07
C ALA A 369 20.50 2.14 -5.88
N PRO A 370 19.85 1.74 -6.98
CA PRO A 370 18.77 0.75 -7.12
C PRO A 370 19.20 -0.65 -6.77
N ALA A 371 20.48 -0.90 -6.90
CA ALA A 371 21.05 -2.21 -6.63
C ALA A 371 22.53 -2.09 -6.58
N PRO A 372 23.22 -3.15 -6.13
CA PRO A 372 24.68 -3.13 -6.04
C PRO A 372 25.18 -2.92 -7.46
N GLU A 373 26.16 -2.03 -7.62
CA GLU A 373 26.71 -1.76 -8.94
C GLU A 373 25.74 -1.02 -9.88
N GLN A 374 24.89 -0.16 -9.34
CA GLN A 374 23.97 0.58 -10.20
C GLN A 374 23.62 1.96 -9.72
N GLY A 375 23.30 2.84 -10.65
CA GLY A 375 22.90 4.16 -10.24
C GLY A 375 23.84 5.27 -10.55
N HIS A 376 23.82 6.29 -9.71
CA HIS A 376 24.70 7.41 -9.93
C HIS A 376 24.54 7.81 -11.36
N THR A 377 23.29 7.84 -11.81
CA THR A 377 22.95 8.29 -13.15
C THR A 377 21.86 9.33 -12.99
N LEU A 378 21.89 10.37 -13.81
CA LEU A 378 20.87 11.39 -13.74
C LEU A 378 20.01 11.28 -15.00
N LEU A 379 18.72 11.02 -14.87
CA LEU A 379 17.85 10.89 -16.05
C LEU A 379 17.16 12.20 -16.43
N GLY A 380 17.33 12.59 -17.68
CA GLY A 380 16.71 13.81 -18.16
C GLY A 380 17.61 14.99 -17.96
N ASP A 381 17.69 15.84 -18.98
CA ASP A 381 18.53 17.01 -18.89
C ASP A 381 17.78 18.03 -18.08
N PRO A 382 18.44 18.61 -17.05
CA PRO A 382 17.84 19.61 -16.17
C PRO A 382 17.81 20.97 -16.76
N SER A 383 18.41 21.14 -17.93
CA SER A 383 18.43 22.46 -18.56
C SER A 383 17.15 22.63 -19.31
N ASN A 384 16.52 21.49 -19.56
CA ASN A 384 15.28 21.51 -20.29
C ASN A 384 14.34 20.45 -19.78
N PRO A 385 13.72 20.74 -18.65
CA PRO A 385 12.77 19.83 -18.00
C PRO A 385 11.70 19.34 -18.97
N ASP A 386 11.71 18.04 -19.25
CA ASP A 386 10.76 17.41 -20.19
C ASP A 386 10.52 15.93 -19.87
N LEU A 387 10.47 15.59 -18.60
CA LEU A 387 10.22 14.21 -18.28
C LEU A 387 8.72 14.05 -18.13
N GLU A 388 8.27 12.80 -18.16
CA GLU A 388 6.85 12.43 -17.98
C GLU A 388 6.93 11.20 -17.11
N VAL A 389 7.35 11.37 -15.87
CA VAL A 389 7.52 10.22 -14.98
C VAL A 389 6.26 9.82 -14.34
N GLY A 390 5.24 10.63 -14.57
CA GLY A 390 3.97 10.39 -13.96
C GLY A 390 3.93 11.42 -12.86
N LEU A 391 3.71 10.98 -11.63
CA LEU A 391 3.62 11.89 -10.51
C LEU A 391 4.80 11.81 -9.52
N SER A 392 5.79 12.68 -9.65
CA SER A 392 6.96 12.61 -8.76
C SER A 392 6.60 12.83 -7.31
N SER A 393 6.47 11.75 -6.57
CA SER A 393 6.11 11.77 -5.15
C SER A 393 6.70 12.89 -4.25
N GLY A 394 7.98 13.17 -4.36
CA GLY A 394 8.52 14.21 -3.49
C GLY A 394 7.83 15.54 -3.64
N GLN A 395 7.26 15.78 -4.81
CA GLN A 395 6.59 17.04 -5.11
C GLN A 395 5.70 17.58 -4.01
N GLY A 396 5.75 18.91 -3.86
CA GLY A 396 5.01 19.58 -2.81
C GLY A 396 3.53 19.29 -2.66
N ALA A 397 2.87 18.94 -3.77
CA ALA A 397 1.43 18.68 -3.76
C ALA A 397 1.03 17.33 -4.33
N THR A 398 1.89 16.35 -4.18
CA THR A 398 1.59 15.03 -4.72
C THR A 398 0.27 14.49 -4.26
N ASP A 399 -0.16 14.86 -3.06
CA ASP A 399 -1.44 14.33 -2.62
C ASP A 399 -2.57 15.03 -3.38
N LEU A 400 -2.44 16.33 -3.59
CA LEU A 400 -3.49 17.04 -4.31
C LEU A 400 -3.57 16.56 -5.74
N MET A 401 -2.43 16.27 -6.35
CA MET A 401 -2.45 15.79 -7.73
C MET A 401 -3.21 14.49 -7.81
N GLY A 402 -2.90 13.56 -6.92
CA GLY A 402 -3.60 12.30 -6.93
C GLY A 402 -5.09 12.44 -6.70
N THR A 403 -5.55 13.45 -5.98
CA THR A 403 -6.99 13.52 -5.76
C THR A 403 -7.70 14.23 -6.90
N LEU A 404 -7.22 15.43 -7.20
CA LEU A 404 -7.78 16.19 -8.31
C LEU A 404 -7.97 15.19 -9.45
N LEU A 405 -7.03 14.26 -9.64
CA LEU A 405 -7.22 13.27 -10.70
C LEU A 405 -8.31 12.25 -10.37
N MET A 406 -8.03 11.32 -9.47
CA MET A 406 -9.00 10.29 -9.11
C MET A 406 -10.38 10.74 -8.65
N SER A 407 -10.50 11.89 -7.99
CA SER A 407 -11.85 12.27 -7.57
C SER A 407 -12.68 12.39 -8.85
N ILE A 408 -12.29 13.28 -9.76
CA ILE A 408 -13.01 13.45 -11.00
C ILE A 408 -13.09 12.12 -11.77
N THR A 409 -12.00 11.38 -11.84
CA THR A 409 -12.00 10.10 -12.52
C THR A 409 -13.16 9.22 -12.04
N TYR A 410 -13.31 9.11 -10.74
CA TYR A 410 -14.36 8.28 -10.15
C TYR A 410 -15.74 8.80 -10.41
N LEU A 411 -15.93 10.10 -10.24
CA LEU A 411 -17.22 10.73 -10.50
C LEU A 411 -17.58 10.44 -11.95
N VAL A 412 -16.59 10.52 -12.83
CA VAL A 412 -16.82 10.24 -14.24
C VAL A 412 -17.10 8.75 -14.41
N MET A 413 -16.62 7.94 -13.49
CA MET A 413 -16.91 6.54 -13.65
C MET A 413 -18.36 6.31 -13.25
N GLN A 414 -18.89 7.21 -12.43
CA GLN A 414 -20.26 7.05 -11.98
C GLN A 414 -21.20 7.65 -13.01
N LEU A 415 -20.79 8.78 -13.58
CA LEU A 415 -21.61 9.44 -14.56
C LEU A 415 -21.72 8.52 -15.73
N ASP A 416 -20.60 7.93 -16.10
CA ASP A 416 -20.59 7.03 -17.24
C ASP A 416 -21.47 5.80 -17.07
N HIS A 417 -21.34 5.06 -15.98
CA HIS A 417 -22.12 3.85 -15.87
C HIS A 417 -23.36 3.83 -14.99
N THR A 418 -23.75 4.94 -14.41
CA THR A 418 -24.91 4.87 -13.55
C THR A 418 -25.75 6.12 -13.49
N ALA A 419 -25.31 7.21 -14.07
CA ALA A 419 -26.12 8.40 -13.91
C ALA A 419 -26.17 9.38 -15.07
N PRO A 420 -26.39 8.86 -16.30
CA PRO A 420 -26.48 9.61 -17.57
C PRO A 420 -27.41 10.79 -17.38
N HIS A 421 -28.49 10.51 -16.66
CA HIS A 421 -29.48 11.50 -16.40
C HIS A 421 -28.93 12.71 -15.70
N LEU A 422 -27.66 12.66 -15.35
CA LEU A 422 -27.06 13.79 -14.66
C LEU A 422 -26.27 14.73 -15.56
N ASN A 423 -25.83 14.22 -16.71
CA ASN A 423 -25.00 14.99 -17.64
C ASN A 423 -25.50 16.36 -17.98
N SER A 424 -26.81 16.46 -18.22
CA SER A 424 -27.47 17.73 -18.54
C SER A 424 -27.21 18.81 -17.51
N ARG A 425 -26.64 18.42 -16.37
CA ARG A 425 -26.34 19.34 -15.27
C ARG A 425 -24.97 19.98 -15.47
N ILE A 426 -24.26 19.46 -16.46
CA ILE A 426 -22.92 19.91 -16.77
C ILE A 426 -22.88 20.48 -18.17
N LYS A 427 -23.36 21.70 -18.32
CA LYS A 427 -23.39 22.33 -19.62
C LYS A 427 -22.15 23.20 -19.87
N ASP A 428 -22.07 24.34 -19.21
CA ASP A 428 -20.96 25.26 -19.35
C ASP A 428 -19.97 25.05 -18.21
N MET A 429 -19.01 25.96 -18.05
CA MET A 429 -18.03 25.84 -16.98
C MET A 429 -18.75 25.90 -15.63
N PRO A 430 -19.42 27.04 -15.35
CA PRO A 430 -20.18 27.28 -14.11
C PRO A 430 -21.03 26.11 -13.68
N SER A 431 -21.94 25.69 -14.56
CA SER A 431 -22.82 24.57 -14.26
C SER A 431 -22.02 23.44 -13.66
N ALA A 432 -20.81 23.26 -14.21
CA ALA A 432 -19.89 22.22 -13.79
C ALA A 432 -19.39 22.51 -12.38
N CYS A 433 -18.91 23.72 -12.15
CA CYS A 433 -18.45 24.03 -10.81
C CYS A 433 -19.59 23.77 -9.86
N ARG A 434 -20.78 24.24 -10.23
CA ARG A 434 -21.98 24.08 -9.40
C ARG A 434 -22.25 22.63 -9.10
N PHE A 435 -22.22 21.82 -10.15
CA PHE A 435 -22.48 20.41 -9.96
C PHE A 435 -21.42 19.72 -9.15
N LEU A 436 -20.16 19.94 -9.50
CA LEU A 436 -19.06 19.31 -8.79
C LEU A 436 -19.11 19.72 -7.33
N ASP A 437 -19.36 21.01 -7.12
CA ASP A 437 -19.45 21.49 -5.77
C ASP A 437 -20.50 20.68 -5.02
N SER A 438 -21.66 20.49 -5.61
CA SER A 438 -22.68 19.71 -4.91
C SER A 438 -22.18 18.29 -4.64
N TYR A 439 -21.69 17.65 -5.70
CA TYR A 439 -21.20 16.28 -5.59
C TYR A 439 -20.21 16.16 -4.44
N TRP A 440 -19.20 17.03 -4.43
CA TRP A 440 -18.19 16.98 -3.36
C TRP A 440 -18.72 17.16 -1.95
N GLN A 441 -19.74 18.01 -1.76
CA GLN A 441 -20.30 18.19 -0.41
C GLN A 441 -21.17 17.02 -0.06
N GLY A 442 -21.23 16.04 -0.96
CA GLY A 442 -22.01 14.84 -0.71
C GLY A 442 -23.51 15.05 -0.81
N HIS A 443 -23.91 15.86 -1.77
CA HIS A 443 -25.32 16.15 -1.96
C HIS A 443 -26.01 15.54 -3.17
N GLU A 444 -25.39 14.60 -3.87
CA GLU A 444 -26.08 14.01 -5.02
C GLU A 444 -26.41 12.56 -4.69
N GLU A 445 -27.10 11.85 -5.59
CA GLU A 445 -27.45 10.45 -5.29
C GLU A 445 -26.26 9.57 -5.51
N ILE A 446 -25.21 10.17 -6.03
CA ILE A 446 -23.95 9.47 -6.19
C ILE A 446 -22.97 10.21 -5.26
N ARG A 447 -22.22 9.42 -4.48
CA ARG A 447 -21.30 10.02 -3.54
C ARG A 447 -19.97 9.36 -3.54
N GLN A 448 -19.00 10.08 -3.01
CA GLN A 448 -17.66 9.55 -3.01
C GLN A 448 -16.90 9.98 -1.79
N ILE A 449 -15.98 9.14 -1.33
CA ILE A 449 -15.08 9.50 -0.22
C ILE A 449 -13.71 8.99 -0.64
N SER A 450 -12.75 9.91 -0.75
CA SER A 450 -11.41 9.51 -1.17
C SER A 450 -10.18 10.25 -0.63
N LYS A 451 -9.04 9.72 -1.08
CA LYS A 451 -7.73 10.25 -0.76
C LYS A 451 -6.93 9.73 -1.95
N SER A 452 -6.52 10.64 -2.83
CA SER A 452 -5.78 10.20 -4.00
C SER A 452 -6.55 9.02 -4.57
N ASP A 453 -5.91 7.86 -4.67
CA ASP A 453 -6.61 6.74 -5.26
C ASP A 453 -7.37 5.84 -4.34
N ASP A 454 -7.39 6.12 -3.04
CA ASP A 454 -8.18 5.24 -2.19
C ASP A 454 -9.52 5.90 -2.02
N ALA A 455 -10.57 5.14 -2.33
CA ALA A 455 -11.91 5.69 -2.19
C ALA A 455 -12.99 4.66 -2.14
N MET A 456 -14.15 5.17 -1.76
CA MET A 456 -15.34 4.39 -1.66
C MET A 456 -16.47 5.14 -2.35
N LEU A 457 -16.96 4.48 -3.38
CA LEU A 457 -18.02 5.02 -4.21
C LEU A 457 -19.37 4.57 -3.69
N GLY A 458 -20.27 5.54 -3.54
CA GLY A 458 -21.59 5.19 -3.06
C GLY A 458 -22.74 5.70 -3.90
N TRP A 459 -23.90 5.03 -3.76
CA TRP A 459 -25.16 5.39 -4.44
C TRP A 459 -26.26 5.36 -3.40
N THR A 460 -27.12 6.37 -3.42
CA THR A 460 -28.23 6.43 -2.48
C THR A 460 -29.45 5.97 -3.27
N LYS A 461 -30.57 5.74 -2.57
CA LYS A 461 -31.81 5.32 -3.23
C LYS A 461 -32.05 6.36 -4.30
N GLY A 462 -32.17 5.90 -5.55
CA GLY A 462 -32.39 6.82 -6.63
C GLY A 462 -32.26 6.10 -7.94
N ARG A 463 -32.20 6.89 -9.01
CA ARG A 463 -32.08 6.33 -10.34
C ARG A 463 -30.78 5.54 -10.49
N ALA A 464 -29.67 6.26 -10.35
CA ALA A 464 -28.34 5.69 -10.48
C ALA A 464 -28.16 4.35 -9.75
N LEU A 465 -28.78 4.23 -8.58
CA LEU A 465 -28.66 3.02 -7.79
C LEU A 465 -28.68 1.70 -8.57
N VAL A 466 -29.50 1.59 -9.60
CA VAL A 466 -29.52 0.33 -10.32
C VAL A 466 -28.26 0.23 -11.15
N GLY A 467 -27.85 1.37 -11.68
CA GLY A 467 -26.65 1.44 -12.49
C GLY A 467 -25.47 1.02 -11.65
N GLY A 468 -25.41 1.62 -10.46
CA GLY A 468 -24.34 1.31 -9.52
C GLY A 468 -24.13 -0.18 -9.47
N HIS A 469 -25.16 -0.92 -9.10
CA HIS A 469 -25.04 -2.37 -9.01
C HIS A 469 -24.48 -3.00 -10.26
N ARG A 470 -24.76 -2.41 -11.42
CA ARG A 470 -24.24 -2.97 -12.66
C ARG A 470 -22.74 -2.78 -12.70
N LEU A 471 -22.32 -1.55 -12.35
CA LEU A 471 -20.92 -1.17 -12.32
C LEU A 471 -20.16 -2.13 -11.46
N PHE A 472 -20.63 -2.29 -10.23
CA PHE A 472 -20.04 -3.22 -9.26
C PHE A 472 -19.88 -4.60 -9.90
N GLU A 473 -20.91 -5.05 -10.60
CA GLU A 473 -20.86 -6.35 -11.23
C GLU A 473 -19.76 -6.38 -12.30
N MET A 474 -19.59 -5.25 -12.98
CA MET A 474 -18.60 -5.09 -14.03
C MET A 474 -17.17 -5.18 -13.49
N LEU A 475 -16.99 -4.61 -12.32
CA LEU A 475 -15.71 -4.60 -11.65
C LEU A 475 -15.41 -6.00 -11.15
N LYS A 476 -16.45 -6.76 -10.81
CA LYS A 476 -16.18 -8.12 -10.35
C LYS A 476 -15.80 -8.95 -11.54
N GLU A 477 -16.65 -8.99 -12.55
CA GLU A 477 -16.31 -9.79 -13.71
C GLU A 477 -14.98 -9.24 -14.18
N GLY A 478 -14.81 -7.94 -13.97
CA GLY A 478 -13.59 -7.26 -14.34
C GLY A 478 -12.89 -7.77 -15.59
N LYS A 479 -13.58 -7.73 -16.71
CA LYS A 479 -13.00 -8.15 -17.97
C LYS A 479 -12.84 -6.85 -18.70
N VAL A 480 -13.56 -5.85 -18.22
CA VAL A 480 -13.53 -4.52 -18.81
C VAL A 480 -13.20 -3.39 -17.83
N ASN A 481 -12.30 -2.51 -18.22
CA ASN A 481 -11.98 -1.40 -17.35
C ASN A 481 -12.99 -0.29 -17.55
N PRO A 482 -13.71 0.06 -16.49
CA PRO A 482 -14.73 1.10 -16.49
C PRO A 482 -14.25 2.52 -16.69
N SER A 483 -12.93 2.74 -16.81
CA SER A 483 -12.49 4.11 -16.98
C SER A 483 -11.56 4.32 -18.12
N PRO A 484 -11.66 5.49 -18.73
CA PRO A 484 -10.78 5.80 -19.85
C PRO A 484 -9.46 6.42 -19.34
N TYR A 485 -9.40 6.77 -18.07
CA TYR A 485 -8.21 7.41 -17.56
C TYR A 485 -7.16 6.58 -16.79
N MET A 486 -7.65 5.69 -15.92
CA MET A 486 -6.78 4.85 -15.13
C MET A 486 -7.38 3.47 -15.15
N LYS A 487 -6.62 2.47 -14.76
CA LYS A 487 -7.18 1.13 -14.69
C LYS A 487 -7.71 0.96 -13.28
N ILE A 488 -9.03 0.87 -13.18
CA ILE A 488 -9.72 0.72 -11.92
C ILE A 488 -10.23 -0.72 -11.79
N SER A 489 -10.56 -1.14 -10.56
CA SER A 489 -11.11 -2.47 -10.29
C SER A 489 -11.58 -2.52 -8.83
N TYR A 490 -12.31 -3.57 -8.47
CA TYR A 490 -12.80 -3.66 -7.10
C TYR A 490 -11.71 -4.14 -6.17
N GLU A 491 -11.71 -3.62 -4.95
CA GLU A 491 -10.71 -4.00 -3.95
C GLU A 491 -11.13 -5.26 -3.19
N HIS A 492 -10.44 -6.37 -3.38
CA HIS A 492 -10.79 -7.60 -2.68
C HIS A 492 -10.62 -7.40 -1.17
N GLY A 493 -11.73 -7.38 -0.44
CA GLY A 493 -11.68 -7.13 0.99
C GLY A 493 -11.51 -5.62 1.07
N GLY A 494 -12.56 -4.91 0.68
CA GLY A 494 -12.52 -3.47 0.68
C GLY A 494 -12.37 -2.79 2.01
N ALA A 495 -11.54 -1.75 2.02
CA ALA A 495 -11.33 -0.93 3.19
C ALA A 495 -10.89 0.47 2.72
N PHE A 496 -11.12 1.47 3.54
CA PHE A 496 -10.78 2.83 3.19
C PHE A 496 -9.93 3.53 4.24
N LEU A 497 -8.77 4.00 3.79
CA LEU A 497 -7.85 4.73 4.62
C LEU A 497 -7.48 4.00 5.89
N GLY A 498 -7.21 2.70 5.79
CA GLY A 498 -6.76 1.93 6.93
C GLY A 498 -7.73 1.19 7.82
N ASP A 499 -9.01 1.49 7.65
CA ASP A 499 -10.05 0.82 8.42
C ASP A 499 -10.80 -0.09 7.47
N ILE A 500 -11.17 -1.28 7.93
CA ILE A 500 -11.88 -2.23 7.10
C ILE A 500 -13.37 -2.08 7.21
N LEU A 501 -14.04 -2.10 6.07
CA LEU A 501 -15.48 -2.01 6.04
C LEU A 501 -16.03 -3.39 6.27
N LEU A 502 -16.60 -3.57 7.47
CA LEU A 502 -17.16 -4.85 7.94
C LEU A 502 -18.69 -5.04 7.83
N TYR A 503 -19.11 -5.63 6.71
CA TYR A 503 -20.53 -5.88 6.49
C TYR A 503 -20.86 -7.07 7.36
N ASP A 504 -22.14 -7.42 7.38
CA ASP A 504 -22.65 -8.59 8.10
C ASP A 504 -23.37 -9.42 7.05
N SER A 505 -24.18 -10.37 7.49
CA SER A 505 -24.93 -11.24 6.57
C SER A 505 -25.78 -10.45 5.57
N ARG A 506 -26.26 -9.28 5.99
CA ARG A 506 -27.09 -8.42 5.16
C ARG A 506 -26.30 -7.88 3.96
N ARG A 507 -25.04 -7.54 4.20
CA ARG A 507 -24.15 -7.02 3.16
C ARG A 507 -24.59 -5.68 2.60
N GLU A 508 -24.86 -4.72 3.48
CA GLU A 508 -25.28 -3.39 3.06
C GLU A 508 -24.60 -2.26 3.80
N PRO A 509 -24.33 -1.16 3.09
CA PRO A 509 -23.68 0.01 3.68
C PRO A 509 -24.38 0.44 4.97
N GLY A 510 -25.60 -0.05 5.16
CA GLY A 510 -26.35 0.32 6.33
C GLY A 510 -25.89 -0.32 7.62
N SER A 511 -25.94 -1.64 7.68
CA SER A 511 -25.57 -2.37 8.89
C SER A 511 -24.12 -2.76 8.93
N ALA A 512 -23.30 -2.11 8.11
CA ALA A 512 -21.88 -2.43 8.08
C ALA A 512 -21.11 -1.48 8.98
N ILE A 513 -19.95 -1.90 9.45
CA ILE A 513 -19.14 -1.02 10.29
C ILE A 513 -17.70 -0.98 9.85
N PHE A 514 -17.00 0.04 10.34
CA PHE A 514 -15.59 0.24 10.03
C PHE A 514 -14.76 -0.16 11.24
N VAL A 515 -13.71 -0.92 11.01
CA VAL A 515 -12.85 -1.35 12.11
C VAL A 515 -11.40 -1.37 11.68
N GLY A 516 -10.52 -0.85 12.53
CA GLY A 516 -9.12 -0.85 12.19
C GLY A 516 -8.72 -2.19 11.59
N ASN A 517 -7.78 -2.16 10.64
CA ASN A 517 -7.35 -3.41 10.02
C ASN A 517 -6.36 -4.08 10.96
N ILE A 518 -6.67 -5.29 11.41
CA ILE A 518 -5.78 -6.00 12.33
C ILE A 518 -4.40 -6.30 11.73
N ASN A 519 -4.39 -6.70 10.46
CA ASN A 519 -3.14 -7.01 9.81
C ASN A 519 -2.27 -5.78 9.88
N SER A 520 -2.88 -4.62 9.69
CA SER A 520 -2.16 -3.36 9.75
C SER A 520 -1.46 -3.24 11.09
N MET A 521 -2.14 -3.65 12.17
CA MET A 521 -1.56 -3.59 13.52
C MET A 521 -0.36 -4.51 13.58
N LEU A 522 -0.57 -5.76 13.23
CA LEU A 522 0.53 -6.69 13.23
C LEU A 522 1.67 -6.12 12.40
N ASN A 523 1.43 -5.79 11.14
CA ASN A 523 2.52 -5.23 10.33
C ASN A 523 3.25 -4.06 10.98
N ASN A 524 2.51 -3.12 11.56
CA ASN A 524 3.14 -1.98 12.19
C ASN A 524 3.98 -2.37 13.39
N GLN A 525 3.50 -3.28 14.21
CA GLN A 525 4.26 -3.66 15.38
C GLN A 525 5.44 -4.55 15.17
N PHE A 526 5.39 -5.44 14.21
CA PHE A 526 6.52 -6.33 14.00
C PHE A 526 7.20 -6.19 12.67
N SER A 527 6.80 -5.19 11.90
CA SER A 527 7.45 -4.96 10.62
C SER A 527 7.58 -3.49 10.24
N PRO A 528 8.13 -2.67 11.14
CA PRO A 528 8.32 -1.23 10.92
C PRO A 528 8.92 -0.98 9.55
N GLU A 529 8.61 0.18 8.96
CA GLU A 529 9.17 0.52 7.66
C GLU A 529 10.59 1.08 7.87
N TYR A 530 10.85 1.65 9.06
CA TYR A 530 12.16 2.21 9.40
C TYR A 530 12.51 1.69 10.79
N GLY A 531 13.79 1.71 11.16
CA GLY A 531 14.18 1.26 12.47
C GLY A 531 13.94 2.35 13.51
N VAL A 532 14.35 2.10 14.74
CA VAL A 532 14.15 3.09 15.79
C VAL A 532 15.18 4.21 15.85
N GLN A 533 16.19 4.17 14.97
CA GLN A 533 17.22 5.22 14.95
C GLN A 533 17.65 5.65 16.33
N SER A 534 18.11 4.73 17.16
CA SER A 534 18.52 5.12 18.50
C SER A 534 19.75 6.02 18.42
N GLY A 535 20.35 6.05 17.25
CA GLY A 535 21.51 6.89 17.07
C GLY A 535 21.14 8.36 17.15
N VAL A 536 20.05 8.72 16.47
CA VAL A 536 19.60 10.10 16.41
C VAL A 536 19.21 10.69 17.75
N ARG A 537 20.00 11.66 18.20
CA ARG A 537 19.79 12.31 19.47
C ARG A 537 18.44 12.98 19.58
N ASP A 538 18.13 13.85 18.64
CA ASP A 538 16.84 14.54 18.66
C ASP A 538 15.74 13.57 18.21
N ARG A 539 14.90 13.14 19.14
CA ARG A 539 13.85 12.19 18.77
C ARG A 539 12.84 12.70 17.77
N SER A 540 12.65 14.02 17.73
CA SER A 540 11.69 14.56 16.81
C SER A 540 12.23 14.54 15.38
N LYS A 541 13.48 14.15 15.18
CA LYS A 541 14.01 14.10 13.83
C LYS A 541 14.00 12.65 13.29
N ARG A 542 13.61 11.73 14.16
CA ARG A 542 13.55 10.32 13.79
C ARG A 542 12.27 9.96 13.04
N LYS A 543 12.31 8.84 12.34
CA LYS A 543 11.13 8.40 11.64
C LYS A 543 10.13 7.92 12.66
N ARG A 544 10.59 7.36 13.77
CA ARG A 544 9.67 6.92 14.83
C ARG A 544 10.10 7.57 16.15
N PRO A 545 9.78 8.85 16.33
CA PRO A 545 10.15 9.54 17.55
C PRO A 545 9.84 8.76 18.82
N PHE A 546 8.58 8.38 18.99
CA PHE A 546 8.20 7.66 20.18
C PHE A 546 7.43 6.39 19.97
N PRO A 547 8.14 5.35 19.51
CA PRO A 547 7.64 4.02 19.20
C PRO A 547 6.74 3.49 20.25
N GLY A 548 7.18 3.64 21.49
CA GLY A 548 6.44 3.15 22.63
C GLY A 548 5.00 3.57 22.78
N LEU A 549 4.70 4.85 22.50
CA LEU A 549 3.36 5.41 22.65
C LEU A 549 2.31 4.67 21.84
N ALA A 550 2.65 4.25 20.64
CA ALA A 550 1.68 3.53 19.81
C ALA A 550 0.92 2.47 20.61
N TRP A 551 1.53 1.97 21.69
CA TRP A 551 0.91 0.95 22.51
C TRP A 551 -0.36 1.45 23.17
N ALA A 552 -0.33 2.72 23.61
CA ALA A 552 -1.47 3.38 24.25
C ALA A 552 -2.71 3.52 23.34
N SER A 553 -2.48 4.01 22.14
CA SER A 553 -3.54 4.19 21.17
C SER A 553 -3.92 2.87 20.49
N MET A 554 -3.27 1.77 20.86
CA MET A 554 -3.56 0.47 20.25
C MET A 554 -4.97 -0.08 20.46
N LYS A 555 -5.36 -0.21 21.72
CA LYS A 555 -6.69 -0.72 22.05
C LYS A 555 -7.69 0.15 21.32
N ASP A 556 -7.41 1.44 21.31
CA ASP A 556 -8.29 2.35 20.63
C ASP A 556 -8.39 2.12 19.11
N THR A 557 -7.28 2.26 18.42
CA THR A 557 -7.25 2.09 16.97
C THR A 557 -7.74 0.75 16.48
N TYR A 558 -7.21 -0.33 17.05
CA TYR A 558 -7.58 -1.66 16.62
C TYR A 558 -8.64 -2.35 17.48
N GLY A 559 -9.06 -1.66 18.55
CA GLY A 559 -10.07 -2.23 19.44
C GLY A 559 -11.24 -2.90 18.74
N ALA A 560 -12.01 -2.12 17.98
CA ALA A 560 -13.17 -2.60 17.24
C ALA A 560 -12.99 -3.88 16.42
N CYS A 561 -11.76 -4.30 16.16
CA CYS A 561 -11.59 -5.50 15.37
C CYS A 561 -12.18 -6.69 16.08
N PRO A 562 -12.83 -7.59 15.33
CA PRO A 562 -13.44 -8.79 15.91
C PRO A 562 -12.42 -9.66 16.67
N ILE A 563 -11.47 -10.24 15.94
CA ILE A 563 -10.51 -11.09 16.59
C ILE A 563 -9.42 -10.36 17.36
N TYR A 564 -9.65 -9.10 17.72
CA TYR A 564 -8.65 -8.36 18.45
C TYR A 564 -8.10 -9.17 19.62
N SER A 565 -8.84 -9.13 20.73
CA SER A 565 -8.46 -9.85 21.94
C SER A 565 -7.61 -11.08 21.65
N ASP A 566 -8.11 -11.93 20.76
CA ASP A 566 -7.42 -13.15 20.37
C ASP A 566 -5.99 -12.87 19.95
N VAL A 567 -5.85 -12.03 18.93
CA VAL A 567 -4.52 -11.71 18.42
C VAL A 567 -3.60 -11.34 19.56
N LEU A 568 -4.01 -10.42 20.42
CA LEU A 568 -3.18 -10.02 21.55
C LEU A 568 -2.68 -11.18 22.39
N GLU A 569 -3.43 -12.28 22.41
CA GLU A 569 -3.00 -13.44 23.16
C GLU A 569 -2.04 -14.24 22.31
N ALA A 570 -2.41 -14.50 21.06
CA ALA A 570 -1.55 -15.25 20.16
C ALA A 570 -0.15 -14.66 20.28
N ILE A 571 -0.09 -13.33 20.30
CA ILE A 571 1.18 -12.65 20.43
C ILE A 571 1.78 -13.01 21.76
N GLU A 572 1.15 -12.51 22.81
CA GLU A 572 1.59 -12.73 24.19
C GLU A 572 2.21 -14.10 24.32
N ARG A 573 1.48 -15.09 23.86
CA ARG A 573 1.95 -16.46 23.87
C ARG A 573 3.23 -16.56 23.03
N CYS A 574 3.08 -16.61 21.71
CA CYS A 574 4.22 -16.73 20.81
C CYS A 574 5.46 -15.95 21.22
N TRP A 575 5.25 -14.78 21.81
CA TRP A 575 6.34 -13.93 22.24
C TRP A 575 6.98 -14.56 23.44
N TRP A 576 6.18 -14.73 24.49
CA TRP A 576 6.65 -15.37 25.72
C TRP A 576 7.33 -16.68 25.33
N ASN A 577 6.76 -17.29 24.30
CA ASN A 577 7.26 -18.54 23.77
C ASN A 577 8.70 -18.47 23.27
N ALA A 578 9.03 -17.42 22.56
CA ALA A 578 10.36 -17.29 21.99
C ALA A 578 11.31 -16.35 22.72
N PHE A 579 10.85 -15.70 23.78
CA PHE A 579 11.69 -14.76 24.49
C PHE A 579 11.74 -14.97 25.99
N GLY A 580 10.80 -15.72 26.54
CA GLY A 580 10.80 -15.89 27.97
C GLY A 580 10.11 -14.70 28.60
N GLU A 581 10.13 -13.54 27.93
CA GLU A 581 9.46 -12.32 28.42
C GLU A 581 7.96 -12.41 28.09
N SER A 582 7.20 -11.43 28.57
CA SER A 582 5.77 -11.33 28.27
C SER A 582 5.68 -10.10 27.38
N TYR A 583 5.13 -10.24 26.18
CA TYR A 583 5.04 -9.07 25.35
C TYR A 583 4.32 -7.90 26.04
N ARG A 584 3.19 -8.18 26.70
CA ARG A 584 2.41 -7.13 27.36
C ARG A 584 3.33 -6.19 28.12
N ALA A 585 4.20 -6.81 28.91
CA ALA A 585 5.19 -6.12 29.73
C ALA A 585 6.08 -5.23 28.88
N TYR A 586 6.81 -5.89 28.00
CA TYR A 586 7.72 -5.22 27.10
C TYR A 586 7.17 -3.85 26.71
N ARG A 587 6.07 -3.87 25.96
CA ARG A 587 5.44 -2.65 25.48
C ARG A 587 5.02 -1.69 26.57
N GLU A 588 4.72 -2.24 27.75
CA GLU A 588 4.31 -1.42 28.88
C GLU A 588 5.45 -0.53 29.38
N ASP A 589 6.65 -1.10 29.40
CA ASP A 589 7.82 -0.34 29.84
C ASP A 589 8.14 0.65 28.76
N MET A 590 8.28 0.11 27.56
CA MET A 590 8.56 0.92 26.40
C MET A 590 7.63 2.11 26.46
N LEU A 591 6.33 1.85 26.69
CA LEU A 591 5.36 2.95 26.79
C LEU A 591 5.76 3.93 27.90
N LYS A 592 5.93 3.41 29.11
CA LYS A 592 6.34 4.25 30.24
C LYS A 592 7.57 5.10 29.91
N ARG A 593 8.62 4.47 29.41
CA ARG A 593 9.85 5.19 29.06
C ARG A 593 9.57 6.32 28.09
N ASP A 594 9.05 5.96 26.93
CA ASP A 594 8.74 6.92 25.89
C ASP A 594 7.86 8.05 26.41
N THR A 595 6.92 7.71 27.29
CA THR A 595 6.05 8.74 27.84
C THR A 595 6.87 9.77 28.59
N LEU A 596 7.90 9.31 29.28
CA LEU A 596 8.75 10.25 30.01
C LEU A 596 9.52 11.06 29.02
N GLU A 597 10.26 10.39 28.14
CA GLU A 597 11.05 11.10 27.15
C GLU A 597 10.22 12.18 26.47
N LEU A 598 9.02 11.82 26.03
CA LEU A 598 8.13 12.76 25.36
C LEU A 598 7.99 14.05 26.11
N SER A 599 7.70 13.95 27.40
CA SER A 599 7.54 15.15 28.22
C SER A 599 8.73 16.09 28.11
N ARG A 600 9.89 15.55 27.74
CA ARG A 600 11.07 16.40 27.60
C ARG A 600 10.88 17.31 26.38
N TYR A 601 10.32 16.76 25.31
CA TYR A 601 10.10 17.51 24.07
C TYR A 601 8.83 18.35 24.08
N VAL A 602 7.87 18.00 24.92
CA VAL A 602 6.66 18.79 24.95
C VAL A 602 6.75 19.77 26.11
N ALA A 603 6.51 21.05 25.81
CA ALA A 603 6.58 22.09 26.83
C ALA A 603 5.49 21.87 27.89
N SER A 604 4.27 22.29 27.56
CA SER A 604 3.12 22.16 28.45
C SER A 604 3.10 20.83 29.19
N MET A 605 3.46 19.76 28.50
CA MET A 605 3.51 18.45 29.11
C MET A 605 4.36 18.65 30.36
N ALA A 606 3.71 18.73 31.52
CA ALA A 606 4.44 18.90 32.78
C ALA A 606 5.57 17.87 32.61
N ARG A 607 6.79 18.21 33.02
CA ARG A 607 7.89 17.27 32.84
C ARG A 607 7.71 15.91 33.53
N GLN A 608 6.45 15.45 33.53
CA GLN A 608 6.00 14.16 34.08
C GLN A 608 4.47 13.92 34.05
N ALA A 609 3.67 14.94 33.75
CA ALA A 609 2.22 14.76 33.67
C ALA A 609 2.01 13.69 32.61
N GLY A 610 0.98 12.87 32.80
CA GLY A 610 0.73 11.80 31.85
C GLY A 610 0.29 12.14 30.44
N LEU A 611 0.06 11.07 29.68
CA LEU A 611 -0.41 11.16 28.30
C LEU A 611 -1.81 11.74 28.37
N ALA A 612 -2.23 11.97 29.60
CA ALA A 612 -3.54 12.52 29.93
C ALA A 612 -4.33 13.09 28.76
N GLU A 613 -3.98 14.32 28.39
CA GLU A 613 -4.66 15.05 27.35
C GLU A 613 -4.12 14.89 25.92
N LEU A 614 -3.56 13.73 25.61
CA LEU A 614 -3.08 13.48 24.24
C LEU A 614 -4.13 12.60 23.60
N THR A 615 -4.54 12.96 22.39
CA THR A 615 -5.53 12.18 21.68
C THR A 615 -4.85 11.01 21.01
N PRO A 616 -5.61 9.95 20.74
CA PRO A 616 -5.05 8.75 20.08
C PRO A 616 -4.28 9.18 18.84
N ILE A 617 -4.91 10.00 18.01
CA ILE A 617 -4.27 10.51 16.83
C ILE A 617 -2.89 11.01 17.24
N ASP A 618 -2.84 11.91 18.21
CA ASP A 618 -1.57 12.44 18.68
C ASP A 618 -0.53 11.34 18.90
N LEU A 619 -0.98 10.19 19.39
CA LEU A 619 -0.08 9.09 19.67
C LEU A 619 0.44 8.37 18.43
N GLU A 620 -0.47 7.78 17.66
CA GLU A 620 -0.05 7.07 16.45
C GLU A 620 0.89 7.99 15.64
N VAL A 621 0.59 9.29 15.64
CA VAL A 621 1.40 10.30 14.93
C VAL A 621 2.80 10.52 15.53
N LEU A 622 2.97 10.27 16.81
CA LEU A 622 4.27 10.45 17.44
C LEU A 622 5.03 9.15 17.28
N ALA A 623 4.30 8.05 17.16
CA ALA A 623 4.94 6.76 16.99
C ALA A 623 5.30 6.63 15.53
N ASP A 624 4.65 7.45 14.70
CA ASP A 624 4.85 7.44 13.27
C ASP A 624 4.43 8.76 12.58
N PRO A 625 5.30 9.77 12.57
CA PRO A 625 5.04 11.08 11.96
C PRO A 625 4.78 11.05 10.45
N ASN A 626 5.11 9.93 9.85
CA ASN A 626 4.91 9.81 8.42
C ASN A 626 3.42 9.84 8.12
N LYS A 627 2.61 9.30 9.02
CA LYS A 627 1.15 9.29 8.83
C LYS A 627 0.57 10.70 8.82
N LEU A 628 1.41 11.70 9.06
CA LEU A 628 0.91 13.06 9.06
C LEU A 628 0.89 13.54 7.63
N GLN A 629 1.39 12.70 6.72
CA GLN A 629 1.44 13.06 5.31
C GLN A 629 0.17 12.65 4.58
N TYR A 630 -0.46 11.61 5.08
CA TYR A 630 -1.71 11.17 4.50
C TYR A 630 -2.93 11.16 5.46
N LYS A 631 -3.06 10.07 6.20
CA LYS A 631 -4.18 9.88 7.09
C LYS A 631 -4.58 10.97 8.10
N TRP A 632 -3.79 12.02 8.26
CA TRP A 632 -4.15 13.11 9.18
C TRP A 632 -3.56 14.43 8.74
N THR A 633 -4.11 15.53 9.25
CA THR A 633 -3.60 16.84 8.86
C THR A 633 -3.33 17.69 10.08
N GLU A 634 -2.61 18.78 9.88
CA GLU A 634 -2.26 19.68 10.97
C GLU A 634 -3.42 19.91 11.92
N ALA A 635 -4.61 20.03 11.35
CA ALA A 635 -5.79 20.28 12.15
C ALA A 635 -6.27 19.15 13.07
N ASP A 636 -6.08 17.89 12.70
CA ASP A 636 -6.54 16.78 13.57
C ASP A 636 -5.48 16.37 14.59
N VAL A 637 -4.48 17.23 14.75
CA VAL A 637 -3.40 16.93 15.67
C VAL A 637 -3.20 18.02 16.71
N SER A 638 -3.14 17.60 17.98
CA SER A 638 -2.94 18.54 19.08
C SER A 638 -1.86 19.60 18.81
N ALA A 639 -2.28 20.84 18.96
CA ALA A 639 -1.45 22.03 18.75
C ALA A 639 0.03 21.94 19.01
N ASN A 640 0.36 21.67 20.27
CA ASN A 640 1.74 21.55 20.71
C ASN A 640 2.38 20.27 20.19
N ILE A 641 1.61 19.18 20.12
CA ILE A 641 2.16 17.95 19.59
C ILE A 641 2.67 18.18 18.15
N HIS A 642 1.91 18.97 17.40
CA HIS A 642 2.29 19.29 16.03
C HIS A 642 3.63 20.03 16.03
N GLU A 643 3.84 20.92 16.99
CA GLU A 643 5.10 21.68 17.07
C GLU A 643 6.28 20.74 17.29
N VAL A 644 6.04 19.59 17.92
CA VAL A 644 7.12 18.66 18.19
C VAL A 644 7.76 18.16 16.91
N LEU A 645 6.91 17.86 15.94
CA LEU A 645 7.35 17.31 14.67
C LEU A 645 7.48 18.32 13.53
N MET A 646 6.90 19.49 13.69
CA MET A 646 6.95 20.46 12.61
C MET A 646 7.43 21.84 13.03
N HIS A 647 7.92 22.58 12.05
CA HIS A 647 8.36 23.94 12.32
C HIS A 647 8.02 24.80 11.14
N GLY A 648 7.34 25.91 11.38
CA GLY A 648 6.96 26.78 10.29
C GLY A 648 7.74 28.07 10.05
N VAL A 649 7.32 28.78 9.01
CA VAL A 649 7.92 30.04 8.64
C VAL A 649 6.96 31.16 9.03
N SER A 650 7.51 32.36 9.24
CA SER A 650 6.71 33.53 9.62
C SER A 650 5.50 33.68 8.72
N VAL A 651 4.31 33.67 9.30
CA VAL A 651 3.13 33.81 8.46
C VAL A 651 3.25 35.10 7.65
N GLU A 652 3.73 36.14 8.32
CA GLU A 652 3.90 37.43 7.67
C GLU A 652 4.57 37.25 6.31
N LYS A 653 5.52 36.34 6.24
CA LYS A 653 6.25 36.11 5.01
C LYS A 653 5.54 35.21 4.01
N THR A 654 4.98 34.08 4.46
CA THR A 654 4.29 33.17 3.54
C THR A 654 3.05 33.90 3.03
N GLU A 655 2.43 34.69 3.90
CA GLU A 655 1.26 35.41 3.52
C GLU A 655 1.55 36.41 2.42
N ARG A 656 2.60 37.20 2.59
CA ARG A 656 2.97 38.16 1.57
C ARG A 656 3.15 37.42 0.27
N PHE A 657 3.81 36.26 0.33
CA PHE A 657 4.08 35.44 -0.85
C PHE A 657 2.79 34.97 -1.51
N LEU A 658 1.97 34.27 -0.73
CA LEU A 658 0.70 33.75 -1.20
C LEU A 658 -0.11 34.79 -1.93
N ARG A 659 -0.02 36.03 -1.46
CA ARG A 659 -0.73 37.13 -2.07
C ARG A 659 -0.24 37.34 -3.49
N SER A 660 1.06 37.52 -3.67
CA SER A 660 1.60 37.75 -5.01
C SER A 660 1.30 36.60 -5.99
N VAL A 661 0.96 35.44 -5.45
CA VAL A 661 0.71 34.28 -6.29
C VAL A 661 -0.71 34.24 -6.79
N MET A 662 -1.62 34.16 -5.83
CA MET A 662 -3.03 34.06 -6.15
C MET A 662 -3.65 35.20 -6.93
N PRO A 663 -4.78 34.89 -7.62
CA PRO A 663 -5.56 35.78 -8.45
C PRO A 663 -5.88 37.03 -7.69
N ARG A 664 -5.51 38.17 -8.26
CA ARG A 664 -5.76 39.44 -7.64
C ARG A 664 -7.29 39.62 -7.69
N PRO C 1 41.16 -33.96 46.45
CA PRO C 1 41.09 -34.75 45.18
C PRO C 1 40.08 -35.90 45.28
N ARG C 2 38.96 -35.76 44.58
CA ARG C 2 37.91 -36.79 44.61
C ARG C 2 36.99 -36.70 43.40
N ARG C 3 36.71 -35.47 42.97
CA ARG C 3 35.79 -35.18 41.87
C ARG C 3 34.42 -35.31 42.49
N ALA C 4 33.72 -34.20 42.61
CA ALA C 4 32.41 -34.20 43.20
C ALA C 4 31.34 -34.62 42.22
N PRO C 5 30.26 -35.21 42.74
CA PRO C 5 29.11 -35.68 41.98
C PRO C 5 28.38 -34.49 41.37
N ALA C 6 27.97 -34.61 40.11
CA ALA C 6 27.21 -33.56 39.45
C ALA C 6 25.98 -34.24 38.85
N PHE C 7 24.87 -33.53 38.77
CA PHE C 7 23.67 -34.14 38.21
C PHE C 7 22.98 -33.07 37.41
N PRO C 8 22.45 -33.47 36.23
CA PRO C 8 21.75 -32.63 35.27
C PRO C 8 20.37 -32.40 35.83
N LEU C 9 19.77 -31.26 35.46
CA LEU C 9 18.45 -30.91 35.95
C LEU C 9 17.49 -32.10 35.86
N SER C 10 17.65 -32.89 34.80
CA SER C 10 16.86 -34.10 34.55
C SER C 10 16.87 -35.06 35.73
N ASP C 11 18.06 -35.35 36.26
CA ASP C 11 18.21 -36.28 37.37
C ASP C 11 17.26 -35.98 38.50
N ILE C 12 16.66 -37.02 39.02
CA ILE C 12 15.74 -36.90 40.12
C ILE C 12 16.30 -36.07 41.27
N LYS C 13 17.60 -36.19 41.53
CA LYS C 13 18.24 -35.44 42.62
C LYS C 13 18.04 -33.94 42.43
N ALA C 14 18.09 -33.49 41.18
CA ALA C 14 17.90 -32.08 40.87
C ALA C 14 16.41 -31.77 40.89
N GLN C 15 15.59 -32.63 40.31
CA GLN C 15 14.16 -32.39 40.30
C GLN C 15 13.64 -32.16 41.71
N MET C 16 14.04 -33.02 42.63
CA MET C 16 13.61 -32.90 44.01
C MET C 16 13.90 -31.51 44.61
N LEU C 17 14.77 -30.72 43.97
CA LEU C 17 15.11 -29.39 44.52
C LEU C 17 14.08 -28.33 44.26
N PHE C 18 13.24 -28.55 43.27
CA PHE C 18 12.24 -27.55 42.95
C PHE C 18 10.84 -28.07 43.06
N ALA C 19 10.04 -27.36 43.85
CA ALA C 19 8.67 -27.72 44.08
C ALA C 19 7.77 -27.68 42.83
N ASN C 20 6.62 -28.34 42.97
CA ASN C 20 5.65 -28.44 41.90
C ASN C 20 4.76 -27.21 41.74
N ASN C 21 5.41 -26.07 41.51
CA ASN C 21 4.69 -24.84 41.26
C ASN C 21 5.46 -24.11 40.18
N ILE C 22 4.89 -23.04 39.68
CA ILE C 22 5.57 -22.35 38.61
C ILE C 22 6.86 -21.68 38.99
N LYS C 23 6.83 -20.76 39.95
CA LYS C 23 8.05 -20.08 40.35
C LYS C 23 9.23 -21.04 40.44
N ALA C 24 9.04 -22.10 41.24
CA ALA C 24 10.08 -23.09 41.45
C ALA C 24 10.58 -23.60 40.10
N GLN C 25 9.68 -24.23 39.35
CA GLN C 25 10.03 -24.78 38.04
C GLN C 25 10.84 -23.83 37.17
N GLN C 26 10.30 -22.62 37.03
CA GLN C 26 10.91 -21.62 36.19
C GLN C 26 12.30 -21.31 36.62
N ALA C 27 12.52 -21.30 37.94
CA ALA C 27 13.84 -21.03 38.47
C ALA C 27 14.78 -22.19 38.08
N SER C 28 14.29 -23.42 38.14
CA SER C 28 15.13 -24.55 37.80
C SER C 28 15.55 -24.44 36.34
N LYS C 29 14.60 -24.04 35.48
CA LYS C 29 14.86 -23.94 34.05
C LYS C 29 15.45 -22.61 33.55
N ARG C 30 15.29 -21.52 34.30
CA ARG C 30 15.77 -20.21 33.83
C ARG C 30 17.08 -20.30 33.10
N SER C 31 17.17 -19.61 31.97
CA SER C 31 18.37 -19.65 31.14
C SER C 31 19.16 -18.35 31.24
N PHE C 32 20.35 -18.33 30.64
CA PHE C 32 21.17 -17.13 30.69
C PHE C 32 20.33 -15.98 30.23
N LYS C 33 20.55 -14.79 30.79
CA LYS C 33 19.80 -13.61 30.40
C LYS C 33 20.55 -12.35 30.77
N GLU C 34 20.49 -11.36 29.88
CA GLU C 34 21.15 -10.08 30.09
C GLU C 34 20.32 -8.97 29.45
N GLY C 35 20.74 -7.72 29.65
CA GLY C 35 20.00 -6.63 29.07
C GLY C 35 20.10 -5.38 29.91
N ALA C 36 19.90 -4.24 29.25
CA ALA C 36 19.97 -2.94 29.89
C ALA C 36 19.20 -2.91 31.16
N ILE C 37 19.52 -1.99 32.05
CA ILE C 37 18.76 -1.88 33.27
C ILE C 37 18.18 -0.49 33.24
N GLU C 38 17.18 -0.25 34.08
CA GLU C 38 16.59 1.05 34.15
C GLU C 38 17.34 1.73 35.28
N THR C 39 18.48 2.34 34.94
CA THR C 39 19.33 3.02 35.92
C THR C 39 18.48 3.89 36.83
N TYR C 40 17.61 4.69 36.24
CA TYR C 40 16.67 5.51 36.99
C TYR C 40 15.40 5.34 36.20
N GLU C 41 14.26 5.59 36.84
CA GLU C 41 13.02 5.41 36.11
C GLU C 41 12.97 6.16 34.79
N GLY C 42 12.70 5.41 33.73
CA GLY C 42 12.59 6.01 32.43
C GLY C 42 13.89 6.12 31.68
N LEU C 43 15.01 5.80 32.33
CA LEU C 43 16.31 5.91 31.67
C LEU C 43 17.06 4.58 31.65
N LEU C 44 17.58 4.20 30.49
CA LEU C 44 18.31 2.92 30.39
C LEU C 44 19.82 3.08 30.47
N SER C 45 20.47 2.16 31.17
CA SER C 45 21.93 2.17 31.35
C SER C 45 22.67 2.26 30.05
N VAL C 46 21.94 2.03 28.96
CA VAL C 46 22.52 2.06 27.62
C VAL C 46 22.08 3.23 26.76
N ASP C 47 21.22 4.09 27.29
CA ASP C 47 20.78 5.24 26.52
C ASP C 47 22.06 5.97 26.09
N PRO C 48 22.14 6.33 24.79
CA PRO C 48 23.30 7.04 24.23
C PRO C 48 23.65 8.28 25.02
N ARG C 49 22.67 9.15 25.22
CA ARG C 49 22.87 10.36 25.99
C ARG C 49 23.61 10.01 27.28
N PHE C 50 23.15 8.95 27.95
CA PHE C 50 23.75 8.54 29.19
C PHE C 50 25.17 8.00 29.06
N LEU C 51 25.40 7.09 28.10
CA LEU C 51 26.75 6.53 27.92
C LEU C 51 27.70 7.65 27.61
N SER C 52 27.24 8.56 26.78
CA SER C 52 28.02 9.72 26.41
C SER C 52 28.40 10.48 27.69
N PHE C 53 27.39 10.77 28.50
CA PHE C 53 27.59 11.48 29.75
C PHE C 53 28.59 10.74 30.58
N LYS C 54 28.39 9.44 30.71
CA LYS C 54 29.31 8.62 31.50
C LYS C 54 30.72 8.75 30.92
N ASN C 55 30.85 8.71 29.61
CA ASN C 55 32.17 8.82 29.00
C ASN C 55 32.89 10.13 29.35
N GLU C 56 32.23 11.26 29.12
CA GLU C 56 32.80 12.56 29.41
C GLU C 56 33.11 12.71 30.89
N LEU C 57 32.10 12.56 31.73
CA LEU C 57 32.30 12.68 33.17
C LEU C 57 33.44 11.84 33.73
N SER C 58 33.50 10.56 33.34
CA SER C 58 34.53 9.65 33.82
C SER C 58 35.94 10.09 33.45
N ARG C 59 36.12 10.60 32.24
CA ARG C 59 37.43 11.04 31.81
C ARG C 59 37.80 12.29 32.59
N TYR C 60 36.93 13.29 32.50
CA TYR C 60 37.18 14.55 33.17
C TYR C 60 37.63 14.39 34.61
N LEU C 61 36.94 13.57 35.38
CA LEU C 61 37.33 13.40 36.77
C LEU C 61 38.68 12.68 36.89
N THR C 62 38.81 11.54 36.26
CA THR C 62 40.06 10.78 36.28
C THR C 62 41.25 11.68 35.95
N ASP C 63 41.02 12.55 34.96
CA ASP C 63 42.01 13.49 34.50
C ASP C 63 42.31 14.55 35.54
N HIS C 64 41.29 15.32 35.89
CA HIS C 64 41.43 16.39 36.86
C HIS C 64 41.63 16.02 38.32
N PHE C 65 41.37 14.79 38.72
CA PHE C 65 41.53 14.46 40.13
C PHE C 65 42.15 13.11 40.30
N PRO C 66 43.44 13.01 39.98
CA PRO C 66 44.12 11.72 40.11
C PRO C 66 44.26 11.34 41.58
N ALA C 67 44.27 10.04 41.85
CA ALA C 67 44.34 9.59 43.22
C ALA C 67 45.51 10.19 43.96
N ASN C 68 45.32 10.37 45.26
CA ASN C 68 46.35 10.90 46.14
C ASN C 68 46.59 9.79 47.16
N VAL C 69 47.31 8.77 46.72
CA VAL C 69 47.60 7.63 47.58
C VAL C 69 49.09 7.44 47.64
N ASP C 70 49.65 7.46 48.85
CA ASP C 70 51.08 7.31 48.98
C ASP C 70 51.64 5.91 48.79
N GLU C 71 52.97 5.86 48.87
CA GLU C 71 53.74 4.64 48.69
C GLU C 71 53.30 3.57 49.67
N TYR C 72 52.43 3.96 50.59
CA TYR C 72 51.93 3.05 51.61
C TYR C 72 50.44 2.80 51.55
N GLY C 73 49.82 3.19 50.44
CA GLY C 73 48.39 3.00 50.32
C GLY C 73 47.63 3.79 51.38
N ARG C 74 47.99 5.05 51.50
CA ARG C 74 47.34 5.91 52.44
C ARG C 74 46.88 7.02 51.57
N VAL C 75 45.64 7.40 51.71
CA VAL C 75 45.19 8.44 50.86
C VAL C 75 45.21 9.75 51.62
N TYR C 76 45.58 10.78 50.88
CA TYR C 76 45.69 12.14 51.38
C TYR C 76 45.17 13.02 50.24
N GLY C 77 45.44 14.32 50.34
CA GLY C 77 45.00 15.21 49.30
C GLY C 77 43.50 15.18 49.09
N ASN C 78 43.13 15.11 47.81
CA ASN C 78 41.74 15.12 47.37
C ASN C 78 40.84 13.97 47.83
N GLY C 79 41.42 12.92 48.41
CA GLY C 79 40.61 11.80 48.86
C GLY C 79 40.24 10.82 47.75
N VAL C 80 40.69 11.12 46.54
CA VAL C 80 40.43 10.25 45.42
C VAL C 80 41.45 9.13 45.48
N ARG C 81 40.99 7.89 45.56
CA ARG C 81 41.94 6.80 45.63
C ARG C 81 42.14 6.04 44.34
N THR C 82 41.44 6.49 43.29
CA THR C 82 41.58 5.85 41.98
C THR C 82 40.81 6.56 40.91
N ASN C 83 41.14 6.25 39.66
CA ASN C 83 40.45 6.87 38.54
C ASN C 83 38.96 6.60 38.65
N PHE C 84 38.17 7.37 37.91
CA PHE C 84 36.74 7.24 37.93
C PHE C 84 36.22 6.50 36.71
N PHE C 85 37.03 5.61 36.15
CA PHE C 85 36.61 4.86 34.98
C PHE C 85 35.68 3.74 35.37
N GLY C 86 35.38 3.66 36.66
CA GLY C 86 34.50 2.61 37.12
C GLY C 86 33.22 2.56 36.32
N MET C 87 32.54 3.70 36.25
CA MET C 87 31.29 3.79 35.55
C MET C 87 31.23 3.29 34.10
N ARG C 88 32.35 3.15 33.40
CA ARG C 88 32.30 2.72 32.00
C ARG C 88 31.81 1.30 31.71
N HIS C 89 30.79 0.85 32.43
CA HIS C 89 30.26 -0.48 32.19
C HIS C 89 28.84 -0.44 31.68
N MET C 90 28.49 -1.43 30.87
CA MET C 90 27.13 -1.50 30.39
C MET C 90 26.36 -2.24 31.47
N ASN C 91 25.91 -1.52 32.49
CA ASN C 91 25.15 -2.11 33.60
C ASN C 91 23.99 -2.94 33.06
N GLY C 92 24.08 -4.27 33.20
CA GLY C 92 23.01 -5.11 32.72
C GLY C 92 23.51 -6.28 31.93
N PHE C 93 24.70 -6.13 31.36
CA PHE C 93 25.33 -7.18 30.56
C PHE C 93 26.53 -7.65 31.36
N PRO C 94 26.52 -8.90 31.81
CA PRO C 94 27.62 -9.45 32.60
C PRO C 94 28.78 -9.94 31.75
N MET C 95 29.94 -10.09 32.42
CA MET C 95 31.14 -10.62 31.80
C MET C 95 30.64 -12.02 31.49
N ILE C 96 31.11 -12.59 30.39
CA ILE C 96 30.53 -13.87 30.04
C ILE C 96 30.94 -15.17 30.66
N PRO C 97 32.21 -15.41 30.81
CA PRO C 97 32.07 -16.73 31.41
C PRO C 97 31.59 -16.92 32.83
N ALA C 98 31.37 -15.85 33.59
CA ALA C 98 30.83 -15.96 34.96
C ALA C 98 31.04 -17.30 35.68
N THR C 99 32.06 -17.41 36.52
CA THR C 99 32.44 -18.65 37.23
C THR C 99 31.48 -19.71 37.79
N TRP C 100 32.02 -20.92 37.86
CA TRP C 100 31.35 -22.06 38.46
C TRP C 100 32.00 -22.12 39.86
N PRO C 101 31.23 -22.49 40.89
CA PRO C 101 31.63 -22.61 42.29
C PRO C 101 32.51 -23.83 42.44
N LEU C 102 33.47 -23.85 43.36
CA LEU C 102 34.28 -25.04 43.46
C LEU C 102 33.68 -26.00 44.45
N ALA C 103 33.65 -27.28 44.09
CA ALA C 103 33.08 -28.29 44.98
C ALA C 103 33.92 -28.39 46.23
N SER C 104 35.21 -28.08 46.07
CA SER C 104 36.13 -28.11 47.18
C SER C 104 37.25 -27.11 46.99
N ASN C 105 37.62 -26.46 48.09
CA ASN C 105 38.67 -25.44 48.03
C ASN C 105 39.92 -25.86 48.75
N LEU C 106 40.05 -27.14 49.08
CA LEU C 106 41.22 -27.57 49.83
C LEU C 106 42.48 -27.41 49.01
N LYS C 107 42.45 -27.91 47.78
CA LYS C 107 43.63 -27.77 46.95
C LYS C 107 43.87 -26.27 46.76
N LYS C 108 42.83 -25.52 46.45
CA LYS C 108 43.01 -24.09 46.28
C LYS C 108 43.83 -23.50 47.43
N ARG C 109 43.43 -23.82 48.67
CA ARG C 109 44.10 -23.31 49.87
C ARG C 109 45.50 -23.83 49.96
N ALA C 110 45.62 -25.14 50.03
CA ALA C 110 46.92 -25.77 50.11
C ALA C 110 47.89 -25.15 49.12
N ASP C 111 47.50 -25.18 47.85
CA ASP C 111 48.33 -24.63 46.83
C ASP C 111 48.70 -23.18 47.11
N ALA C 112 47.99 -22.51 48.02
CA ALA C 112 48.33 -21.12 48.33
C ALA C 112 49.00 -21.06 49.69
N ASP C 113 49.47 -22.21 50.14
CA ASP C 113 50.14 -22.30 51.42
C ASP C 113 49.36 -21.69 52.55
N LEU C 114 48.21 -22.27 52.86
CA LEU C 114 47.41 -21.79 53.97
C LEU C 114 47.11 -23.06 54.75
N ALA C 115 47.13 -22.92 56.07
CA ALA C 115 46.93 -24.04 56.98
C ALA C 115 45.64 -24.82 56.81
N ASP C 116 45.63 -26.05 57.29
CA ASP C 116 44.44 -26.85 57.20
C ASP C 116 43.84 -27.02 58.60
N GLY C 117 44.16 -26.05 59.46
CA GLY C 117 43.67 -26.04 60.84
C GLY C 117 44.49 -25.07 61.67
N PRO C 118 44.15 -24.83 62.95
CA PRO C 118 44.94 -23.89 63.77
C PRO C 118 46.36 -24.44 63.70
N VAL C 119 47.37 -23.58 63.59
CA VAL C 119 48.74 -24.11 63.49
C VAL C 119 49.40 -24.30 64.85
N SER C 120 49.10 -23.38 65.75
CA SER C 120 49.62 -23.42 67.10
C SER C 120 48.45 -23.58 68.03
N GLU C 121 48.68 -24.18 69.18
CA GLU C 121 47.60 -24.37 70.12
C GLU C 121 47.02 -23.03 70.51
N ARG C 122 47.84 -22.00 70.50
CA ARG C 122 47.36 -20.68 70.89
C ARG C 122 46.16 -20.30 70.04
N ASP C 123 46.38 -20.35 68.74
CA ASP C 123 45.36 -20.02 67.76
C ASP C 123 44.12 -20.87 67.99
N ASN C 124 44.33 -22.17 68.20
CA ASN C 124 43.22 -23.05 68.46
C ASN C 124 42.40 -22.50 69.61
N LEU C 125 43.07 -21.99 70.64
CA LEU C 125 42.29 -21.44 71.74
C LEU C 125 41.62 -20.15 71.38
N LEU C 126 42.31 -19.31 70.62
CA LEU C 126 41.76 -18.01 70.24
C LEU C 126 40.50 -18.16 69.41
N PHE C 127 40.56 -19.05 68.42
CA PHE C 127 39.41 -19.28 67.58
C PHE C 127 38.27 -19.74 68.46
N ARG C 128 38.53 -20.76 69.26
CA ARG C 128 37.50 -21.27 70.15
C ARG C 128 37.00 -20.21 71.12
N ALA C 129 37.88 -19.29 71.51
CA ALA C 129 37.49 -18.23 72.43
C ALA C 129 36.51 -17.33 71.70
N ALA C 130 36.82 -17.03 70.44
CA ALA C 130 35.93 -16.20 69.64
C ALA C 130 34.57 -16.90 69.63
N VAL C 131 34.54 -18.20 69.34
CA VAL C 131 33.26 -18.90 69.35
C VAL C 131 32.55 -18.74 70.69
N ARG C 132 33.31 -18.87 71.76
CA ARG C 132 32.81 -18.74 73.12
C ARG C 132 32.20 -17.38 73.33
N LEU C 133 33.01 -16.33 73.32
CA LEU C 133 32.52 -14.98 73.52
C LEU C 133 31.31 -14.62 72.66
N MET C 134 31.33 -15.07 71.42
CA MET C 134 30.28 -14.75 70.47
C MET C 134 28.93 -15.40 70.66
N PHE C 135 28.94 -16.68 70.93
CA PHE C 135 27.68 -17.39 71.10
C PHE C 135 27.39 -17.57 72.55
N SER C 136 27.83 -16.63 73.37
CA SER C 136 27.69 -16.78 74.80
C SER C 136 26.39 -16.55 75.47
N ASP C 137 26.16 -15.34 75.93
CA ASP C 137 24.92 -15.14 76.62
C ASP C 137 24.01 -14.38 75.70
N LEU C 138 23.51 -15.11 74.71
CA LEU C 138 22.63 -14.56 73.70
C LEU C 138 21.23 -14.29 74.20
N GLU C 139 20.63 -13.20 73.70
CA GLU C 139 19.29 -12.84 74.09
C GLU C 139 18.35 -12.78 72.89
N PRO C 140 17.25 -13.55 72.95
CA PRO C 140 16.19 -13.71 71.95
C PRO C 140 15.58 -12.45 71.40
N VAL C 141 15.34 -12.47 70.10
CA VAL C 141 14.70 -11.37 69.38
C VAL C 141 13.85 -11.97 68.27
N PRO C 142 12.92 -11.19 67.75
CA PRO C 142 12.12 -11.78 66.68
C PRO C 142 13.00 -12.07 65.48
N LEU C 143 12.63 -13.10 64.75
CA LEU C 143 13.36 -13.46 63.54
C LEU C 143 12.79 -12.54 62.47
N LYS C 144 13.57 -11.60 61.96
CA LYS C 144 13.02 -10.74 60.91
C LYS C 144 13.44 -11.13 59.52
N ILE C 145 12.49 -11.07 58.60
CA ILE C 145 12.67 -11.47 57.20
C ILE C 145 12.59 -10.31 56.20
N ARG C 146 13.55 -10.22 55.28
CA ARG C 146 13.57 -9.16 54.26
C ARG C 146 12.34 -9.35 53.39
N LYS C 147 11.62 -8.28 53.12
CA LYS C 147 10.42 -8.40 52.30
C LYS C 147 10.76 -8.66 50.85
N GLY C 148 9.94 -9.52 50.22
CA GLY C 148 10.13 -9.84 48.81
C GLY C 148 11.39 -10.60 48.42
N SER C 149 11.96 -11.35 49.35
CA SER C 149 13.16 -12.14 49.08
C SER C 149 12.62 -13.52 48.81
N SER C 150 13.33 -14.31 48.01
CA SER C 150 12.86 -15.65 47.68
C SER C 150 13.25 -16.75 48.65
N THR C 151 12.32 -17.59 49.06
CA THR C 151 12.70 -18.64 49.99
C THR C 151 13.64 -19.62 49.29
N CYS C 152 13.76 -19.52 47.97
CA CYS C 152 14.61 -20.45 47.20
C CYS C 152 14.16 -21.92 47.42
N ILE C 153 15.06 -22.86 47.15
CA ILE C 153 14.70 -24.26 47.29
C ILE C 153 13.95 -24.58 48.57
N PRO C 154 12.83 -25.29 48.45
CA PRO C 154 12.35 -25.76 47.14
C PRO C 154 11.17 -25.00 46.57
N TYR C 155 10.65 -24.04 47.34
CA TYR C 155 9.47 -23.26 46.90
C TYR C 155 9.65 -22.02 46.04
N PHE C 156 10.57 -21.17 46.45
CA PHE C 156 10.83 -19.97 45.69
C PHE C 156 9.69 -19.01 45.81
N SER C 157 9.11 -18.92 47.02
CA SER C 157 8.02 -17.99 47.26
C SER C 157 8.61 -16.60 47.50
N ASN C 158 7.78 -15.58 47.35
CA ASN C 158 8.16 -14.18 47.46
C ASN C 158 7.25 -13.57 48.50
N ASP C 159 6.22 -14.34 48.80
CA ASP C 159 5.14 -13.99 49.68
C ASP C 159 5.45 -13.95 51.15
N MET C 160 5.41 -12.76 51.74
CA MET C 160 5.70 -12.63 53.16
C MET C 160 4.87 -13.57 53.99
N GLY C 161 3.64 -13.81 53.56
CA GLY C 161 2.81 -14.73 54.30
C GLY C 161 3.41 -16.11 54.30
N THR C 162 3.65 -16.61 53.10
CA THR C 162 4.22 -17.93 52.94
C THR C 162 5.55 -18.04 53.66
N LYS C 163 6.37 -17.01 53.59
CA LYS C 163 7.65 -17.06 54.27
C LYS C 163 7.42 -17.23 55.77
N ILE C 164 6.73 -16.28 56.41
CA ILE C 164 6.47 -16.42 57.84
C ILE C 164 5.99 -17.82 58.21
N GLU C 165 5.23 -18.46 57.33
CA GLU C 165 4.74 -19.80 57.64
C GLU C 165 5.94 -20.73 57.63
N ILE C 166 6.66 -20.77 56.51
CA ILE C 166 7.82 -21.64 56.37
C ILE C 166 8.75 -21.50 57.57
N ALA C 167 9.03 -20.26 57.92
CA ALA C 167 9.91 -19.95 59.05
C ALA C 167 9.39 -20.51 60.37
N GLU C 168 8.19 -20.10 60.77
CA GLU C 168 7.59 -20.57 62.02
C GLU C 168 7.58 -22.09 62.08
N ARG C 169 7.24 -22.69 60.95
CA ARG C 169 7.21 -24.14 60.82
C ARG C 169 8.62 -24.65 61.06
N ALA C 170 9.59 -24.01 60.42
CA ALA C 170 10.99 -24.40 60.56
C ALA C 170 11.43 -24.44 62.01
N LEU C 171 11.30 -23.30 62.70
CA LEU C 171 11.69 -23.23 64.08
C LEU C 171 10.98 -24.29 64.88
N GLU C 172 9.88 -24.78 64.36
CA GLU C 172 9.14 -25.79 65.10
C GLU C 172 9.77 -27.15 64.88
N LYS C 173 9.85 -27.59 63.65
CA LYS C 173 10.41 -28.89 63.37
C LYS C 173 11.95 -28.90 63.22
N ALA C 174 12.57 -27.74 63.44
CA ALA C 174 14.03 -27.57 63.33
C ALA C 174 14.73 -28.66 64.08
N GLU C 175 14.30 -28.90 65.32
CA GLU C 175 14.93 -29.92 66.12
C GLU C 175 14.73 -31.29 65.52
N GLU C 176 13.51 -31.63 65.16
CA GLU C 176 13.23 -32.93 64.55
C GLU C 176 14.18 -33.26 63.41
N ALA C 177 14.25 -32.34 62.45
CA ALA C 177 15.16 -32.49 61.33
C ALA C 177 16.46 -32.19 62.01
N GLY C 178 17.57 -32.76 61.55
CA GLY C 178 18.78 -32.42 62.30
C GLY C 178 19.09 -33.56 63.23
N ASN C 179 18.15 -33.93 64.10
CA ASN C 179 18.35 -35.10 64.93
C ASN C 179 18.27 -36.17 63.85
N LEU C 180 17.53 -35.82 62.82
CA LEU C 180 17.33 -36.67 61.67
C LEU C 180 18.65 -36.75 60.91
N MET C 181 19.35 -35.62 60.84
CA MET C 181 20.62 -35.55 60.12
C MET C 181 21.74 -36.17 60.94
N LEU C 182 21.58 -36.14 62.26
CA LEU C 182 22.58 -36.75 63.12
C LEU C 182 22.55 -38.23 62.73
N GLN C 183 21.34 -38.71 62.44
CA GLN C 183 21.18 -40.10 62.05
C GLN C 183 21.64 -40.31 60.61
N GLY C 184 22.06 -39.25 59.95
CA GLY C 184 22.51 -39.40 58.58
C GLY C 184 21.38 -39.50 57.57
N LYS C 185 20.15 -39.41 58.07
CA LYS C 185 18.95 -39.46 57.23
C LYS C 185 18.69 -38.09 56.59
N PHE C 186 19.66 -37.62 55.80
CA PHE C 186 19.54 -36.31 55.20
C PHE C 186 18.36 -36.13 54.30
N ASP C 187 18.04 -37.19 53.57
CA ASP C 187 16.92 -37.10 52.67
C ASP C 187 15.66 -36.97 53.47
N ASP C 188 15.35 -37.93 54.32
CA ASP C 188 14.13 -37.81 55.12
C ASP C 188 14.04 -36.34 55.58
N ALA C 189 15.14 -35.87 56.15
CA ALA C 189 15.22 -34.52 56.65
C ALA C 189 14.67 -33.49 55.68
N TYR C 190 15.20 -33.48 54.47
CA TYR C 190 14.74 -32.53 53.47
C TYR C 190 13.28 -32.75 53.07
N GLN C 191 12.93 -33.98 52.71
CA GLN C 191 11.57 -34.28 52.32
C GLN C 191 10.51 -33.84 53.34
N LEU C 192 10.79 -34.01 54.62
CA LEU C 192 9.80 -33.66 55.64
C LEU C 192 9.83 -32.24 56.16
N HIS C 193 10.93 -31.54 55.98
CA HIS C 193 11.02 -30.20 56.51
C HIS C 193 11.84 -29.33 55.64
N GLN C 194 12.00 -29.78 54.41
CA GLN C 194 12.77 -29.11 53.37
C GLN C 194 13.97 -28.39 53.87
N MET C 195 14.74 -29.05 54.74
CA MET C 195 15.98 -28.51 55.29
C MET C 195 17.07 -29.35 54.63
N GLY C 196 17.75 -28.75 53.66
CA GLY C 196 18.79 -29.48 52.96
C GLY C 196 18.70 -29.20 51.49
N GLY C 197 19.06 -30.17 50.69
CA GLY C 197 18.95 -29.95 49.27
C GLY C 197 20.10 -29.20 48.65
N ALA C 198 19.98 -27.88 48.53
CA ALA C 198 21.04 -27.11 47.89
C ALA C 198 20.82 -25.62 47.87
N TYR C 199 21.93 -24.95 47.62
CA TYR C 199 21.90 -23.52 47.49
C TYR C 199 21.52 -23.31 46.02
N TYR C 200 20.92 -22.17 45.73
CA TYR C 200 20.53 -21.83 44.36
C TYR C 200 21.41 -20.65 43.94
N VAL C 201 22.32 -20.87 43.02
CA VAL C 201 23.21 -19.79 42.59
C VAL C 201 22.56 -18.54 42.04
N VAL C 202 22.86 -17.42 42.69
CA VAL C 202 22.36 -16.12 42.28
C VAL C 202 23.55 -15.19 41.99
N TYR C 203 23.50 -14.55 40.83
CA TYR C 203 24.53 -13.65 40.34
C TYR C 203 24.43 -12.16 40.64
N ARG C 204 24.80 -11.73 41.85
CA ARG C 204 24.81 -10.29 42.17
C ARG C 204 25.95 -9.67 41.33
N ALA C 205 25.63 -8.76 40.42
CA ALA C 205 26.65 -8.17 39.60
C ALA C 205 27.22 -6.91 40.25
N GLN C 206 28.54 -6.77 40.20
CA GLN C 206 29.25 -5.62 40.77
C GLN C 206 29.55 -4.75 39.57
N SER C 207 28.70 -3.74 39.43
CA SER C 207 28.70 -2.77 38.33
C SER C 207 29.97 -2.04 38.03
N THR C 208 30.98 -2.20 38.86
CA THR C 208 32.19 -1.46 38.60
C THR C 208 33.43 -2.10 39.13
N ASP C 209 34.30 -2.41 38.20
CA ASP C 209 35.56 -3.08 38.49
C ASP C 209 36.64 -2.22 37.88
N ALA C 210 37.89 -2.61 38.07
CA ALA C 210 38.99 -1.87 37.51
C ALA C 210 38.92 -1.70 35.98
N ILE C 211 39.20 -0.50 35.52
CA ILE C 211 39.24 -0.19 34.09
C ILE C 211 40.28 0.88 34.00
N THR C 212 41.23 0.71 33.08
CA THR C 212 42.29 1.70 32.94
C THR C 212 42.57 2.19 31.56
N LEU C 213 43.24 3.33 31.54
CA LEU C 213 43.59 3.93 30.29
C LEU C 213 45.07 3.88 30.10
N ASP C 214 45.46 3.04 29.13
CA ASP C 214 46.84 2.83 28.75
C ASP C 214 47.20 4.07 27.93
N PRO C 215 47.94 5.02 28.53
CA PRO C 215 48.29 6.24 27.79
C PRO C 215 48.95 5.87 26.48
N LYS C 216 49.76 4.81 26.54
CA LYS C 216 50.49 4.30 25.37
C LYS C 216 49.56 4.08 24.17
N THR C 217 48.59 3.17 24.30
CA THR C 217 47.67 2.89 23.20
C THR C 217 46.65 4.01 23.00
N GLY C 218 45.90 4.32 24.05
CA GLY C 218 44.90 5.34 23.91
C GLY C 218 43.56 4.64 24.16
N LYS C 219 43.61 3.31 24.23
CA LYS C 219 42.39 2.54 24.50
C LYS C 219 42.37 2.05 25.95
N PHE C 220 41.18 1.65 26.39
CA PHE C 220 40.95 1.19 27.77
C PHE C 220 41.16 -0.29 28.02
N VAL C 221 41.30 -0.64 29.28
CA VAL C 221 41.50 -2.03 29.67
C VAL C 221 40.70 -2.48 30.88
N SER C 222 40.11 -3.67 30.77
CA SER C 222 39.31 -4.19 31.86
C SER C 222 40.04 -5.24 32.69
N LYS C 223 40.11 -5.03 33.99
CA LYS C 223 40.77 -5.95 34.91
C LYS C 223 40.29 -7.38 34.69
N ASP C 224 41.14 -8.22 34.10
CA ASP C 224 40.71 -9.59 33.88
C ASP C 224 40.20 -10.20 35.16
N ARG C 225 39.17 -11.02 35.03
CA ARG C 225 38.55 -11.71 36.15
C ARG C 225 38.53 -13.20 35.86
N MET C 226 39.19 -13.97 36.72
CA MET C 226 39.31 -15.42 36.55
C MET C 226 38.09 -16.19 36.99
N VAL C 227 37.70 -17.15 36.16
CA VAL C 227 36.52 -17.95 36.41
C VAL C 227 36.82 -19.42 36.14
N ALA C 228 36.40 -20.30 37.01
CA ALA C 228 36.68 -21.71 36.77
C ALA C 228 35.55 -22.36 36.01
N ASP C 229 35.91 -23.06 34.95
CA ASP C 229 34.94 -23.77 34.14
C ASP C 229 34.47 -25.00 34.90
N PHE C 230 33.40 -25.63 34.44
CA PHE C 230 32.88 -26.79 35.13
C PHE C 230 33.90 -27.82 35.58
N GLU C 231 34.65 -28.35 34.62
CA GLU C 231 35.63 -29.37 34.92
C GLU C 231 36.54 -28.97 36.03
N TYR C 232 36.88 -27.68 36.06
CA TYR C 232 37.76 -27.21 37.12
C TYR C 232 37.01 -27.32 38.46
N ALA C 233 35.89 -26.65 38.54
CA ALA C 233 35.09 -26.63 39.75
C ALA C 233 34.76 -27.96 40.39
N VAL C 234 34.56 -28.99 39.57
CA VAL C 234 34.17 -30.30 40.10
C VAL C 234 35.32 -31.04 40.70
N THR C 235 36.47 -30.82 40.09
CA THR C 235 37.71 -31.47 40.51
C THR C 235 38.45 -30.61 41.52
N GLY C 236 37.89 -29.46 41.84
CA GLY C 236 38.51 -28.58 42.80
C GLY C 236 39.86 -28.03 42.41
N GLY C 237 40.12 -27.96 41.12
CA GLY C 237 41.38 -27.44 40.64
C GLY C 237 42.20 -28.47 39.88
N GLU C 238 41.96 -29.75 40.18
CA GLU C 238 42.66 -30.87 39.54
C GLU C 238 42.73 -30.76 38.03
N GLN C 239 41.60 -30.71 37.36
CA GLN C 239 41.66 -30.57 35.92
C GLN C 239 41.01 -29.28 35.57
N GLY C 240 40.41 -29.25 34.38
CA GLY C 240 39.75 -28.06 33.93
C GLY C 240 40.70 -26.88 33.94
N SER C 241 40.21 -25.79 33.41
CA SER C 241 40.99 -24.57 33.36
C SER C 241 40.38 -23.48 34.22
N LEU C 242 41.10 -22.39 34.30
CA LEU C 242 40.71 -21.25 35.08
C LEU C 242 41.22 -20.07 34.27
N PHE C 243 40.31 -19.46 33.51
CA PHE C 243 40.64 -18.35 32.63
C PHE C 243 39.91 -17.06 32.97
N ALA C 244 40.10 -16.05 32.13
CA ALA C 244 39.44 -14.78 32.36
C ALA C 244 38.10 -14.73 31.65
N ALA C 245 37.11 -14.15 32.33
CA ALA C 245 35.78 -14.03 31.74
C ALA C 245 35.89 -13.00 30.62
N SER C 246 34.98 -13.03 29.65
CA SER C 246 35.06 -12.08 28.55
C SER C 246 34.28 -10.78 28.67
N LYS C 247 34.86 -9.78 29.31
CA LYS C 247 34.17 -8.50 29.48
C LYS C 247 33.98 -7.63 28.24
N ASP C 248 34.33 -8.11 27.05
CA ASP C 248 34.15 -7.28 25.87
C ASP C 248 32.70 -6.99 25.56
N ALA C 249 32.38 -5.70 25.44
CA ALA C 249 31.00 -5.29 25.18
C ALA C 249 30.64 -5.12 23.70
N SER C 250 31.60 -5.35 22.83
CA SER C 250 31.33 -5.19 21.42
C SER C 250 30.18 -6.05 20.99
N ARG C 251 30.17 -7.29 21.45
CA ARG C 251 29.09 -8.18 21.08
C ARG C 251 27.74 -7.44 21.08
N LEU C 252 27.45 -6.72 22.15
CA LEU C 252 26.20 -5.96 22.29
C LEU C 252 25.69 -5.31 21.01
N LYS C 253 26.60 -4.86 20.16
CA LYS C 253 26.19 -4.23 18.92
C LYS C 253 25.59 -5.26 18.00
N GLU C 254 26.41 -6.22 17.58
CA GLU C 254 25.94 -7.26 16.68
C GLU C 254 24.72 -8.00 17.25
N GLN C 255 24.73 -8.25 18.55
CA GLN C 255 23.64 -8.97 19.19
C GLN C 255 22.36 -8.18 19.31
N TYR C 256 22.42 -7.07 20.04
CA TYR C 256 21.23 -6.26 20.26
C TYR C 256 21.21 -4.91 19.58
N GLY C 257 22.13 -4.69 18.65
CA GLY C 257 22.17 -3.42 17.95
C GLY C 257 22.27 -2.24 18.89
N ILE C 258 23.31 -2.24 19.72
CA ILE C 258 23.52 -1.18 20.67
C ILE C 258 24.88 -0.57 20.43
N ASP C 259 24.92 0.74 20.28
CA ASP C 259 26.18 1.42 20.04
C ASP C 259 26.94 1.40 21.34
N VAL C 260 28.08 0.73 21.30
CA VAL C 260 28.96 0.60 22.45
C VAL C 260 30.16 1.50 22.21
N PRO C 261 30.32 2.56 23.01
CA PRO C 261 31.45 3.49 22.85
C PRO C 261 32.75 2.82 23.27
N ASP C 262 33.86 3.25 22.69
CA ASP C 262 35.13 2.64 23.05
C ASP C 262 35.37 2.72 24.53
N GLY C 263 35.90 1.63 25.08
CA GLY C 263 36.24 1.63 26.50
C GLY C 263 35.07 1.47 27.46
N PHE C 264 34.12 0.65 27.05
CA PHE C 264 32.95 0.34 27.84
C PHE C 264 32.94 -1.16 27.84
N PHE C 265 32.72 -1.75 29.01
CA PHE C 265 32.73 -3.21 29.13
C PHE C 265 31.56 -3.79 29.85
N CYS C 266 31.43 -5.11 29.72
CA CYS C 266 30.39 -5.85 30.41
C CYS C 266 30.84 -5.83 31.85
N GLU C 267 29.91 -6.02 32.78
CA GLU C 267 30.26 -5.95 34.20
C GLU C 267 30.74 -7.27 34.77
N ARG C 268 31.32 -7.17 35.96
CA ARG C 268 31.83 -8.33 36.67
C ARG C 268 30.67 -8.97 37.35
N ARG C 269 30.61 -10.30 37.37
CA ARG C 269 29.50 -10.95 38.06
C ARG C 269 29.94 -11.89 39.16
N ARG C 270 29.70 -11.49 40.38
CA ARG C 270 30.06 -12.28 41.53
C ARG C 270 28.94 -13.27 41.69
N THR C 271 29.24 -14.47 42.18
CA THR C 271 28.16 -15.42 42.36
C THR C 271 27.75 -15.41 43.84
N ALA C 272 26.60 -15.97 44.17
CA ALA C 272 26.16 -16.01 45.56
C ALA C 272 25.07 -17.07 45.82
N MET C 273 25.07 -17.68 46.99
CA MET C 273 24.12 -18.73 47.33
C MET C 273 22.70 -18.33 47.75
N GLY C 274 21.69 -18.96 47.16
CA GLY C 274 20.32 -18.68 47.55
C GLY C 274 20.04 -19.82 48.52
N GLY C 275 19.99 -19.49 49.80
CA GLY C 275 19.81 -20.54 50.78
C GLY C 275 18.41 -21.10 50.97
N PRO C 276 18.27 -22.41 51.20
CA PRO C 276 16.99 -23.08 51.42
C PRO C 276 16.46 -22.48 52.71
N PHE C 277 15.43 -21.66 52.62
CA PHE C 277 14.90 -20.98 53.79
C PHE C 277 14.56 -21.90 54.95
N ALA C 278 13.95 -23.02 54.67
CA ALA C 278 13.61 -23.93 55.74
C ALA C 278 14.79 -24.08 56.71
N LEU C 279 15.97 -24.21 56.14
CA LEU C 279 17.21 -24.38 56.86
C LEU C 279 17.77 -23.03 57.35
N ASN C 280 18.04 -22.12 56.42
CA ASN C 280 18.55 -20.80 56.76
C ASN C 280 17.82 -20.10 57.94
N ALA C 281 16.55 -20.41 58.19
CA ALA C 281 15.82 -19.72 59.25
C ALA C 281 16.29 -20.05 60.65
N PRO C 282 16.28 -21.35 61.01
CA PRO C 282 16.71 -21.78 62.34
C PRO C 282 18.09 -21.25 62.64
N ILE C 283 18.85 -20.96 61.59
CA ILE C 283 20.18 -20.40 61.74
C ILE C 283 20.12 -18.89 62.00
N MET C 284 19.36 -18.18 61.18
CA MET C 284 19.23 -16.74 61.37
C MET C 284 18.71 -16.49 62.80
N ALA C 285 17.80 -17.34 63.23
CA ALA C 285 17.21 -17.24 64.56
C ALA C 285 18.27 -17.07 65.66
N VAL C 286 19.45 -17.62 65.41
CA VAL C 286 20.55 -17.54 66.37
C VAL C 286 21.54 -16.46 65.91
N ALA C 287 21.73 -16.39 64.59
CA ALA C 287 22.67 -15.46 64.03
C ALA C 287 22.43 -14.03 64.49
N GLN C 288 21.19 -13.57 64.40
CA GLN C 288 20.88 -12.20 64.80
C GLN C 288 21.18 -11.92 66.26
N PRO C 289 20.79 -12.85 67.16
CA PRO C 289 21.09 -12.58 68.56
C PRO C 289 22.62 -12.45 68.77
N VAL C 290 23.40 -13.30 68.09
CA VAL C 290 24.85 -13.20 68.20
C VAL C 290 25.22 -11.80 67.76
N ARG C 291 24.74 -11.47 66.57
CA ARG C 291 24.99 -10.15 65.99
C ARG C 291 24.78 -9.09 67.06
N ASN C 292 23.61 -9.12 67.69
CA ASN C 292 23.27 -8.19 68.74
C ASN C 292 24.30 -8.15 69.84
N LYS C 293 24.86 -9.30 70.18
CA LYS C 293 25.87 -9.34 71.24
C LYS C 293 27.14 -8.66 70.81
N ILE C 294 27.87 -9.27 69.90
CA ILE C 294 29.12 -8.67 69.45
C ILE C 294 28.98 -7.19 69.08
N TYR C 295 27.83 -6.79 68.51
CA TYR C 295 27.66 -5.38 68.15
C TYR C 295 27.45 -4.50 69.36
N SER C 296 27.06 -5.09 70.48
CA SER C 296 26.91 -4.30 71.67
C SER C 296 28.22 -4.47 72.48
N LYS C 297 28.34 -5.50 73.32
CA LYS C 297 29.54 -5.69 74.13
C LYS C 297 30.87 -5.46 73.40
N TYR C 298 31.01 -5.99 72.20
CA TYR C 298 32.27 -5.79 71.52
C TYR C 298 32.16 -4.73 70.44
N ALA C 299 31.36 -3.72 70.76
CA ALA C 299 31.13 -2.66 69.82
C ALA C 299 32.41 -1.91 69.40
N TYR C 300 33.47 -2.01 70.20
CA TYR C 300 34.65 -1.25 69.82
C TYR C 300 35.17 -1.73 68.49
N THR C 301 35.31 -3.04 68.35
CA THR C 301 35.88 -3.56 67.15
C THR C 301 34.88 -3.97 66.10
N PHE C 302 33.61 -4.11 66.47
CA PHE C 302 32.62 -4.60 65.51
C PHE C 302 31.50 -3.72 64.99
N HIS C 303 31.04 -2.78 65.82
CA HIS C 303 29.93 -1.90 65.46
C HIS C 303 30.40 -0.51 65.02
N HIS C 304 30.32 -0.24 63.72
CA HIS C 304 30.73 1.05 63.19
C HIS C 304 29.59 1.64 62.38
N THR C 305 29.15 2.83 62.77
CA THR C 305 28.05 3.49 62.10
C THR C 305 28.44 4.66 61.21
N THR C 306 28.92 5.74 61.81
CA THR C 306 29.30 6.92 61.03
C THR C 306 30.75 7.10 60.76
N ARG C 307 31.07 7.96 59.80
CA ARG C 307 32.45 8.18 59.49
C ARG C 307 33.15 8.89 60.63
N LEU C 308 32.39 9.52 61.52
CA LEU C 308 33.04 10.22 62.63
C LEU C 308 33.20 9.22 63.76
N ASN C 309 32.26 8.30 63.84
CA ASN C 309 32.30 7.30 64.87
C ASN C 309 33.58 6.46 64.75
N LYS C 310 33.97 6.15 63.52
CA LYS C 310 35.18 5.38 63.24
C LYS C 310 36.33 6.27 63.61
N GLU C 311 36.38 7.43 62.96
CA GLU C 311 37.40 8.46 63.20
C GLU C 311 37.81 8.51 64.67
N GLU C 312 36.83 8.54 65.54
CA GLU C 312 37.05 8.57 66.98
C GLU C 312 38.13 7.57 67.35
N LYS C 313 37.84 6.28 67.19
CA LYS C 313 38.74 5.17 67.54
C LYS C 313 40.15 5.22 66.91
N VAL C 314 40.20 5.47 65.61
CA VAL C 314 41.47 5.50 64.90
C VAL C 314 42.31 6.72 65.25
N LYS C 315 41.67 7.79 65.72
CA LYS C 315 42.38 9.01 66.10
C LYS C 315 43.43 8.73 67.16
N GLU C 316 43.11 7.81 68.06
CA GLU C 316 43.99 7.47 69.16
C GLU C 316 45.06 6.43 68.88
N TRP C 317 45.15 5.93 67.68
CA TRP C 317 46.16 4.93 67.43
C TRP C 317 47.44 5.65 67.06
N SER C 318 48.54 4.94 67.11
CA SER C 318 49.81 5.56 66.76
C SER C 318 50.17 4.99 65.41
N LEU C 319 49.48 3.91 65.06
CA LEU C 319 49.68 3.29 63.77
C LEU C 319 48.39 2.64 63.37
N CYS C 320 48.06 2.81 62.09
CA CYS C 320 46.85 2.24 61.55
C CYS C 320 47.10 1.58 60.21
N VAL C 321 46.91 0.26 60.17
CA VAL C 321 47.11 -0.46 58.92
C VAL C 321 45.80 -0.94 58.31
N ALA C 322 45.60 -0.59 57.05
CA ALA C 322 44.42 -0.99 56.32
C ALA C 322 44.78 -2.26 55.57
N THR C 323 44.27 -3.38 56.06
CA THR C 323 44.54 -4.69 55.46
C THR C 323 43.56 -5.04 54.37
N ASP C 324 43.85 -6.13 53.66
CA ASP C 324 43.00 -6.60 52.55
C ASP C 324 43.17 -8.07 52.15
N VAL C 325 42.06 -8.80 52.13
CA VAL C 325 42.05 -10.21 51.75
C VAL C 325 41.38 -10.32 50.41
N SER C 326 41.86 -11.13 49.48
CA SER C 326 41.08 -11.19 48.24
C SER C 326 40.44 -12.56 48.10
N ASP C 327 39.22 -12.55 47.58
CA ASP C 327 38.44 -13.75 47.37
C ASP C 327 38.28 -14.50 48.69
N HIS C 328 37.84 -13.74 49.69
CA HIS C 328 37.61 -14.25 51.04
C HIS C 328 36.70 -15.47 51.12
N ASP C 329 35.59 -15.43 50.39
CA ASP C 329 34.59 -16.50 50.42
C ASP C 329 35.05 -17.86 49.95
N THR C 330 35.72 -17.90 48.82
CA THR C 330 36.13 -19.20 48.31
C THR C 330 37.28 -19.77 49.13
N PHE C 331 38.00 -18.92 49.85
CA PHE C 331 39.11 -19.39 50.68
C PHE C 331 38.72 -19.83 52.08
N TRP C 332 37.63 -19.26 52.60
CA TRP C 332 37.19 -19.60 53.93
C TRP C 332 37.37 -21.10 54.20
N PRO C 333 38.13 -21.45 55.26
CA PRO C 333 38.45 -22.82 55.70
C PRO C 333 37.30 -23.70 56.19
N GLY C 334 37.19 -24.89 55.63
CA GLY C 334 36.14 -25.80 56.02
C GLY C 334 36.30 -26.13 57.49
N TRP C 335 37.56 -26.25 57.89
CA TRP C 335 37.84 -26.58 59.26
C TRP C 335 37.40 -25.53 60.25
N LEU C 336 37.33 -24.25 59.85
CA LEU C 336 36.87 -23.28 60.83
C LEU C 336 35.41 -23.62 61.16
N ARG C 337 34.71 -24.15 60.17
CA ARG C 337 33.33 -24.57 60.36
C ARG C 337 33.31 -25.68 61.39
N ASP C 338 34.05 -26.75 61.11
CA ASP C 338 34.07 -27.86 62.05
C ASP C 338 34.60 -27.45 63.43
N LEU C 339 35.62 -26.58 63.48
CA LEU C 339 36.16 -26.12 64.76
C LEU C 339 35.01 -25.52 65.55
N ILE C 340 34.37 -24.55 64.90
CA ILE C 340 33.24 -23.84 65.49
C ILE C 340 32.11 -24.73 66.02
N CYS C 341 31.66 -25.68 65.22
CA CYS C 341 30.60 -26.56 65.67
C CYS C 341 31.05 -27.30 66.92
N ASP C 342 32.29 -27.79 66.88
CA ASP C 342 32.86 -28.51 68.02
C ASP C 342 32.81 -27.66 69.27
N GLU C 343 33.31 -26.43 69.19
CA GLU C 343 33.27 -25.56 70.35
C GLU C 343 31.83 -25.34 70.79
N LEU C 344 30.94 -25.04 69.83
CA LEU C 344 29.53 -24.83 70.13
C LEU C 344 28.95 -26.02 70.87
N LEU C 345 29.33 -27.24 70.47
CA LEU C 345 28.84 -28.40 71.20
C LEU C 345 29.35 -28.36 72.63
N ASN C 346 30.66 -28.14 72.78
CA ASN C 346 31.28 -28.06 74.10
C ASN C 346 30.49 -27.04 74.90
N MET C 347 30.35 -25.81 74.39
CA MET C 347 29.57 -24.79 75.11
C MET C 347 28.19 -25.28 75.56
N GLY C 348 27.69 -26.35 74.95
CA GLY C 348 26.39 -26.90 75.33
C GLY C 348 25.20 -26.63 74.43
N TYR C 349 25.46 -26.27 73.19
CA TYR C 349 24.39 -26.03 72.22
C TYR C 349 23.79 -27.36 71.81
N ALA C 350 22.47 -27.44 71.82
CA ALA C 350 21.80 -28.65 71.39
C ALA C 350 22.42 -29.13 70.05
N PRO C 351 22.84 -30.41 70.00
CA PRO C 351 23.47 -31.11 68.88
C PRO C 351 22.79 -30.93 67.53
N TRP C 352 21.50 -31.28 67.49
CA TRP C 352 20.69 -31.16 66.29
C TRP C 352 20.83 -29.79 65.65
N TRP C 353 20.83 -28.74 66.47
CA TRP C 353 20.97 -27.42 65.90
C TRP C 353 22.37 -27.26 65.32
N VAL C 354 23.38 -27.63 66.08
CA VAL C 354 24.73 -27.54 65.57
C VAL C 354 24.77 -28.36 64.28
N LYS C 355 24.19 -29.57 64.32
CA LYS C 355 24.18 -30.38 63.12
C LYS C 355 23.55 -29.62 61.94
N LEU C 356 22.48 -28.85 62.21
CA LEU C 356 21.84 -28.04 61.15
C LEU C 356 22.90 -27.11 60.64
N PHE C 357 23.49 -26.36 61.56
CA PHE C 357 24.53 -25.39 61.22
C PHE C 357 25.62 -26.00 60.34
N GLU C 358 26.18 -27.12 60.78
CA GLU C 358 27.25 -27.75 60.03
C GLU C 358 26.84 -28.02 58.58
N THR C 359 25.80 -28.83 58.47
CA THR C 359 25.21 -29.24 57.19
C THR C 359 25.02 -28.04 56.29
N SER C 360 24.51 -26.98 56.90
CA SER C 360 24.25 -25.74 56.21
C SER C 360 25.51 -25.24 55.52
N LEU C 361 26.65 -25.55 56.13
CA LEU C 361 27.93 -25.09 55.62
C LEU C 361 28.73 -26.04 54.77
N LYS C 362 28.09 -27.12 54.37
CA LYS C 362 28.74 -28.06 53.48
C LYS C 362 27.70 -28.63 52.53
N LEU C 363 26.76 -27.77 52.14
CA LEU C 363 25.65 -28.19 51.29
C LEU C 363 25.97 -28.11 49.81
N PRO C 364 25.25 -28.87 48.97
CA PRO C 364 25.51 -28.84 47.53
C PRO C 364 24.94 -27.55 47.00
N VAL C 365 25.29 -27.22 45.77
CA VAL C 365 24.77 -26.01 45.16
C VAL C 365 24.33 -26.28 43.73
N TYR C 366 23.16 -25.75 43.41
CA TYR C 366 22.57 -25.87 42.09
C TYR C 366 23.04 -24.68 41.31
N VAL C 367 23.72 -24.92 40.19
CA VAL C 367 24.20 -23.82 39.37
C VAL C 367 23.18 -23.51 38.31
N GLY C 368 22.69 -22.27 38.33
CA GLY C 368 21.67 -21.84 37.39
C GLY C 368 22.18 -21.76 35.97
N ALA C 369 22.54 -20.55 35.57
CA ALA C 369 23.02 -20.35 34.23
C ALA C 369 24.14 -19.31 34.19
N PRO C 370 25.38 -19.76 34.31
CA PRO C 370 26.65 -19.02 34.31
C PRO C 370 26.96 -18.34 33.01
N ALA C 371 26.38 -18.89 31.95
CA ALA C 371 26.61 -18.36 30.61
C ALA C 371 25.62 -19.01 29.68
N PRO C 372 25.51 -18.51 28.45
CA PRO C 372 24.58 -19.06 27.48
C PRO C 372 24.99 -20.50 27.26
N GLU C 373 24.03 -21.41 27.25
CA GLU C 373 24.33 -22.82 27.06
C GLU C 373 25.05 -23.47 28.24
N GLN C 374 24.79 -23.03 29.46
CA GLN C 374 25.45 -23.65 30.61
C GLN C 374 24.62 -23.66 31.87
N GLY C 375 24.88 -24.64 32.72
CA GLY C 375 24.17 -24.67 33.97
C GLY C 375 23.17 -25.78 34.14
N HIS C 376 22.14 -25.51 34.92
CA HIS C 376 21.14 -26.51 35.14
C HIS C 376 21.85 -27.77 35.52
N THR C 377 22.85 -27.61 36.39
CA THR C 377 23.61 -28.74 36.92
C THR C 377 23.60 -28.58 38.43
N LEU C 378 23.51 -29.68 39.17
CA LEU C 378 23.52 -29.61 40.61
C LEU C 378 24.84 -30.22 41.08
N LEU C 379 25.69 -29.45 41.77
CA LEU C 379 26.97 -29.99 42.25
C LEU C 379 26.88 -30.53 43.67
N GLY C 380 27.32 -31.78 43.83
CA GLY C 380 27.31 -32.40 45.13
C GLY C 380 26.00 -33.11 45.39
N ASP C 381 26.10 -34.30 45.96
CA ASP C 381 24.92 -35.07 46.24
C ASP C 381 24.33 -34.50 47.51
N PRO C 382 23.01 -34.20 47.50
CA PRO C 382 22.30 -33.64 48.65
C PRO C 382 21.94 -34.66 49.67
N SER C 383 22.17 -35.93 49.37
CA SER C 383 21.81 -36.99 50.32
C SER C 383 22.93 -37.12 51.30
N ASN C 384 24.07 -36.59 50.89
CA ASN C 384 25.24 -36.66 51.72
C ASN C 384 26.08 -35.41 51.60
N PRO C 385 25.63 -34.36 52.24
CA PRO C 385 26.30 -33.06 52.24
C PRO C 385 27.78 -33.19 52.59
N ASP C 386 28.65 -32.88 51.63
CA ASP C 386 30.11 -32.99 51.80
C ASP C 386 30.87 -32.03 50.87
N LEU C 387 30.34 -30.83 50.67
CA LEU C 387 31.04 -29.90 49.83
C LEU C 387 31.94 -29.07 50.74
N GLU C 388 32.92 -28.40 50.13
CA GLU C 388 33.85 -27.51 50.83
C GLU C 388 33.96 -26.34 49.88
N VAL C 389 32.88 -25.58 49.74
CA VAL C 389 32.88 -24.47 48.79
C VAL C 389 33.48 -23.24 49.36
N GLY C 390 33.79 -23.33 50.64
CA GLY C 390 34.32 -22.20 51.34
C GLY C 390 33.13 -21.72 52.14
N LEU C 391 32.78 -20.45 51.98
CA LEU C 391 31.68 -19.87 52.73
C LEU C 391 30.44 -19.54 51.88
N SER C 392 29.45 -20.44 51.84
CA SER C 392 28.26 -20.17 51.03
C SER C 392 27.50 -18.95 51.45
N SER C 393 27.74 -17.84 50.75
CA SER C 393 27.10 -16.56 51.04
C SER C 393 25.61 -16.53 51.47
N GLY C 394 24.75 -17.28 50.81
CA GLY C 394 23.36 -17.23 51.21
C GLY C 394 23.13 -17.61 52.66
N GLN C 395 24.03 -18.41 53.21
CA GLN C 395 23.93 -18.89 54.57
C GLN C 395 23.51 -17.84 55.59
N GLY C 396 22.69 -18.28 56.53
CA GLY C 396 22.15 -17.40 57.55
C GLY C 396 23.09 -16.53 58.34
N ALA C 397 24.34 -16.99 58.53
CA ALA C 397 25.33 -16.27 59.31
C ALA C 397 26.64 -16.01 58.58
N THR C 398 26.57 -15.85 57.26
CA THR C 398 27.79 -15.62 56.50
C THR C 398 28.60 -14.46 57.00
N ASP C 399 27.94 -13.47 57.59
CA ASP C 399 28.74 -12.36 58.07
C ASP C 399 29.49 -12.77 59.35
N LEU C 400 28.83 -13.54 60.22
CA LEU C 400 29.50 -13.95 61.42
C LEU C 400 30.64 -14.89 61.11
N MET C 401 30.48 -15.74 60.10
CA MET C 401 31.56 -16.65 59.76
C MET C 401 32.78 -15.86 59.30
N GLY C 402 32.57 -14.89 58.45
CA GLY C 402 33.68 -14.10 57.99
C GLY C 402 34.36 -13.33 59.11
N THR C 403 33.66 -12.96 60.18
CA THR C 403 34.36 -12.20 61.20
C THR C 403 35.07 -13.12 62.18
N LEU C 404 34.32 -14.05 62.74
CA LEU C 404 34.88 -15.02 63.66
C LEU C 404 36.21 -15.45 63.04
N LEU C 405 36.27 -15.62 61.72
CA LEU C 405 37.53 -16.00 61.09
C LEU C 405 38.56 -14.85 61.10
N MET C 406 38.36 -13.86 60.24
CA MET C 406 39.30 -12.74 60.15
C MET C 406 39.60 -11.96 61.43
N SER C 407 38.66 -11.85 62.36
CA SER C 407 39.01 -11.10 63.56
C SER C 407 40.20 -11.82 64.19
N ILE C 408 40.01 -13.09 64.57
CA ILE C 408 41.09 -13.86 65.17
C ILE C 408 42.31 -13.90 64.23
N THR C 409 42.09 -14.12 62.94
CA THR C 409 43.20 -14.14 61.99
C THR C 409 44.08 -12.92 62.14
N TYR C 410 43.47 -11.74 62.18
CA TYR C 410 44.19 -10.48 62.29
C TYR C 410 44.90 -10.32 63.61
N LEU C 411 44.21 -10.64 64.70
CA LEU C 411 44.79 -10.55 66.03
C LEU C 411 46.02 -11.45 66.04
N VAL C 412 45.90 -12.62 65.41
CA VAL C 412 47.02 -13.55 65.34
C VAL C 412 48.10 -12.95 64.44
N MET C 413 47.71 -12.09 63.54
CA MET C 413 48.73 -11.52 62.70
C MET C 413 49.48 -10.50 63.52
N GLN C 414 48.83 -9.96 64.54
CA GLN C 414 49.48 -8.96 65.37
C GLN C 414 50.33 -9.65 66.44
N LEU C 415 49.80 -10.74 66.98
CA LEU C 415 50.51 -11.45 68.01
C LEU C 415 51.77 -11.97 67.39
N ASP C 416 51.63 -12.51 66.19
CA ASP C 416 52.79 -13.06 65.51
C ASP C 416 53.88 -12.05 65.19
N HIS C 417 53.56 -10.92 64.59
CA HIS C 417 54.63 -9.99 64.24
C HIS C 417 54.86 -8.76 65.06
N THR C 418 54.14 -8.58 66.17
CA THR C 418 54.38 -7.35 66.91
C THR C 418 54.17 -7.46 68.40
N ALA C 419 53.65 -8.57 68.89
CA ALA C 419 53.39 -8.59 70.31
C ALA C 419 53.57 -9.90 71.04
N PRO C 420 54.71 -10.59 70.80
CA PRO C 420 55.10 -11.88 71.39
C PRO C 420 54.92 -11.81 72.89
N HIS C 421 55.29 -10.66 73.42
CA HIS C 421 55.20 -10.44 74.84
C HIS C 421 53.79 -10.60 75.36
N LEU C 422 52.85 -10.83 74.46
CA LEU C 422 51.48 -11.00 74.89
C LEU C 422 51.03 -12.44 75.04
N ASN C 423 51.71 -13.34 74.35
CA ASN C 423 51.35 -14.76 74.34
C ASN C 423 51.11 -15.39 75.67
N SER C 424 51.96 -15.07 76.63
CA SER C 424 51.87 -15.56 78.01
C SER C 424 50.52 -15.29 78.64
N ARG C 425 49.72 -14.45 77.99
CA ARG C 425 48.40 -14.06 78.47
C ARG C 425 47.35 -15.07 78.00
N ILE C 426 47.78 -15.95 77.12
CA ILE C 426 46.92 -16.95 76.54
C ILE C 426 47.41 -18.33 76.92
N LYS C 427 47.13 -18.75 78.14
CA LYS C 427 47.57 -20.06 78.60
C LYS C 427 46.50 -21.13 78.39
N ASP C 428 45.45 -21.09 79.19
CA ASP C 428 44.36 -22.07 79.11
C ASP C 428 43.21 -21.48 78.29
N MET C 429 42.05 -22.13 78.31
CA MET C 429 40.90 -21.62 77.57
C MET C 429 40.50 -20.26 78.13
N PRO C 430 40.12 -20.20 79.42
CA PRO C 430 39.71 -18.98 80.13
C PRO C 430 40.60 -17.80 79.86
N SER C 431 41.90 -17.96 80.15
CA SER C 431 42.86 -16.88 79.94
C SER C 431 42.63 -16.28 78.57
N ALA C 432 42.34 -17.16 77.61
CA ALA C 432 42.10 -16.78 76.22
C ALA C 432 40.82 -15.97 76.12
N CYS C 433 39.73 -16.48 76.69
CA CYS C 433 38.51 -15.73 76.62
C CYS C 433 38.76 -14.37 77.22
N ARG C 434 39.43 -14.35 78.37
CA ARG C 434 39.75 -13.11 79.07
C ARG C 434 40.52 -12.16 78.20
N PHE C 435 41.57 -12.68 77.57
CA PHE C 435 42.38 -11.85 76.72
C PHE C 435 41.64 -11.36 75.50
N LEU C 436 40.96 -12.27 74.80
CA LEU C 436 40.23 -11.90 73.60
C LEU C 436 39.19 -10.87 73.96
N ASP C 437 38.50 -11.12 75.07
CA ASP C 437 37.50 -10.18 75.52
C ASP C 437 38.13 -8.81 75.63
N SER C 438 39.29 -8.70 76.29
CA SER C 438 39.89 -7.40 76.41
C SER C 438 40.21 -6.81 75.03
N TYR C 439 40.89 -7.60 74.21
CA TYR C 439 41.27 -7.18 72.88
C TYR C 439 40.07 -6.61 72.14
N TRP C 440 38.98 -7.39 72.09
CA TRP C 440 37.78 -6.93 71.39
C TRP C 440 37.17 -5.63 71.90
N GLN C 441 37.21 -5.39 73.21
CA GLN C 441 36.64 -4.15 73.75
C GLN C 441 37.60 -3.02 73.49
N GLY C 442 38.70 -3.32 72.79
CA GLY C 442 39.66 -2.30 72.45
C GLY C 442 40.51 -1.83 73.62
N HIS C 443 40.88 -2.76 74.47
CA HIS C 443 41.67 -2.43 75.65
C HIS C 443 43.13 -2.87 75.64
N GLU C 444 43.69 -3.31 74.52
CA GLU C 444 45.09 -3.71 74.52
C GLU C 444 45.88 -2.72 73.70
N GLU C 445 47.22 -2.85 73.64
CA GLU C 445 48.00 -1.90 72.86
C GLU C 445 47.91 -2.22 71.38
N ILE C 446 47.25 -3.32 71.10
CA ILE C 446 46.97 -3.71 69.74
C ILE C 446 45.43 -3.67 69.62
N ARG C 447 44.95 -3.04 68.56
CA ARG C 447 43.53 -2.92 68.39
C ARG C 447 43.07 -3.21 67.00
N GLN C 448 41.79 -3.48 66.87
CA GLN C 448 41.28 -3.84 65.58
C GLN C 448 39.86 -3.35 65.40
N ILE C 449 39.51 -3.03 64.16
CA ILE C 449 38.12 -2.65 63.83
C ILE C 449 37.82 -3.36 62.51
N SER C 450 36.82 -4.23 62.54
CA SER C 450 36.47 -4.98 61.34
C SER C 450 35.02 -5.37 61.04
N LYS C 451 34.89 -6.00 59.88
CA LYS C 451 33.63 -6.52 59.38
C LYS C 451 34.14 -7.61 58.44
N SER C 452 33.92 -8.87 58.80
CA SER C 452 34.40 -9.94 57.97
C SER C 452 35.83 -9.60 57.61
N ASP C 453 36.13 -9.47 56.33
CA ASP C 453 37.51 -9.20 55.97
C ASP C 453 37.91 -7.75 55.85
N ASP C 454 37.01 -6.82 56.09
CA ASP C 454 37.46 -5.43 55.98
C ASP C 454 37.81 -5.00 57.39
N ALA C 455 39.03 -4.49 57.54
CA ALA C 455 39.45 -4.04 58.86
C ALA C 455 40.63 -3.11 58.83
N MET C 456 40.82 -2.51 59.99
CA MET C 456 41.90 -1.62 60.23
C MET C 456 42.57 -2.01 61.54
N LEU C 457 43.83 -2.37 61.38
CA LEU C 457 44.65 -2.80 62.47
C LEU C 457 45.40 -1.63 63.07
N GLY C 458 45.33 -1.52 64.40
CA GLY C 458 46.02 -0.42 65.05
C GLY C 458 46.94 -0.81 66.19
N TRP C 459 47.92 0.05 66.48
CA TRP C 459 48.87 -0.11 67.59
C TRP C 459 48.94 1.21 68.33
N THR C 460 48.93 1.15 69.66
CA THR C 460 49.00 2.35 70.47
C THR C 460 50.44 2.43 70.95
N LYS C 461 50.82 3.56 71.56
CA LYS C 461 52.18 3.72 72.08
C LYS C 461 52.40 2.53 72.99
N GLY C 462 53.45 1.77 72.71
CA GLY C 462 53.72 0.60 73.52
C GLY C 462 54.81 -0.22 72.89
N ARG C 463 54.97 -1.43 73.41
CA ARG C 463 55.99 -2.33 72.90
C ARG C 463 55.73 -2.68 71.44
N ALA C 464 54.58 -3.32 71.21
CA ALA C 464 54.18 -3.76 69.88
C ALA C 464 54.36 -2.71 68.79
N LEU C 465 54.11 -1.44 69.15
CA LEU C 465 54.23 -0.35 68.18
C LEU C 465 55.42 -0.45 67.21
N VAL C 466 56.57 -0.88 67.68
CA VAL C 466 57.68 -0.94 66.76
C VAL C 466 57.48 -2.10 65.81
N GLY C 467 56.93 -3.18 66.37
CA GLY C 467 56.65 -4.37 65.59
C GLY C 467 55.67 -4.02 64.49
N GLY C 468 54.61 -3.32 64.90
CA GLY C 468 53.59 -2.89 63.97
C GLY C 468 54.24 -2.33 62.72
N HIS C 469 55.04 -1.30 62.89
CA HIS C 469 55.71 -0.68 61.76
C HIS C 469 56.45 -1.67 60.89
N ARG C 470 56.98 -2.72 61.50
CA ARG C 470 57.70 -3.72 60.71
C ARG C 470 56.72 -4.47 59.83
N LEU C 471 55.60 -4.86 60.44
CA LEU C 471 54.53 -5.60 59.79
C LEU C 471 54.09 -4.82 58.57
N PHE C 472 53.73 -3.56 58.79
CA PHE C 472 53.32 -2.66 57.73
C PHE C 472 54.35 -2.67 56.59
N GLU C 473 55.62 -2.62 56.96
CA GLU C 473 56.67 -2.62 55.96
C GLU C 473 56.66 -3.94 55.17
N MET C 474 56.34 -5.02 55.88
CA MET C 474 56.28 -6.35 55.31
C MET C 474 55.16 -6.49 54.27
N LEU C 475 54.05 -5.84 54.60
CA LEU C 475 52.88 -5.85 53.74
C LEU C 475 53.17 -5.01 52.52
N LYS C 476 54.00 -3.99 52.66
CA LYS C 476 54.31 -3.16 51.50
C LYS C 476 55.22 -3.95 50.61
N GLU C 477 56.36 -4.38 51.15
CA GLU C 477 57.26 -5.15 50.31
C GLU C 477 56.44 -6.31 49.80
N GLY C 478 55.52 -6.75 50.65
CA GLY C 478 54.64 -7.85 50.30
C GLY C 478 55.22 -8.95 49.44
N LYS C 479 56.28 -9.57 49.92
CA LYS C 479 56.90 -10.66 49.19
C LYS C 479 56.54 -11.85 50.02
N VAL C 480 56.13 -11.57 51.26
CA VAL C 480 55.75 -12.61 52.20
C VAL C 480 54.37 -12.40 52.83
N ASN C 481 53.57 -13.47 52.87
CA ASN C 481 52.26 -13.36 53.47
C ASN C 481 52.39 -13.54 54.97
N PRO C 482 52.00 -12.52 55.72
CA PRO C 482 52.06 -12.51 57.19
C PRO C 482 51.11 -13.47 57.90
N SER C 483 50.28 -14.20 57.16
CA SER C 483 49.37 -15.09 57.86
C SER C 483 49.38 -16.49 57.38
N PRO C 484 49.14 -17.42 58.28
CA PRO C 484 49.11 -18.82 57.90
C PRO C 484 47.69 -19.23 57.47
N TYR C 485 46.72 -18.36 57.70
CA TYR C 485 45.35 -18.72 57.38
C TYR C 485 44.72 -18.21 56.06
N MET C 486 44.98 -16.94 55.75
CA MET C 486 44.45 -16.32 54.56
C MET C 486 45.58 -15.51 53.95
N LYS C 487 45.43 -15.11 52.70
CA LYS C 487 46.45 -14.28 52.11
C LYS C 487 46.04 -12.84 52.37
N ILE C 488 46.82 -12.17 53.19
CA ILE C 488 46.56 -10.78 53.57
C ILE C 488 47.57 -9.88 52.86
N SER C 489 47.27 -8.58 52.80
CA SER C 489 48.16 -7.58 52.20
C SER C 489 47.61 -6.18 52.50
N TYR C 490 48.41 -5.15 52.23
CA TYR C 490 47.95 -3.80 52.52
C TYR C 490 47.01 -3.31 51.44
N GLU C 491 46.01 -2.54 51.84
CA GLU C 491 45.03 -2.00 50.90
C GLU C 491 45.51 -0.69 50.28
N HIS C 492 45.80 -0.68 48.98
CA HIS C 492 46.28 0.54 48.33
C HIS C 492 45.17 1.60 48.39
N GLY C 493 45.41 2.65 49.16
CA GLY C 493 44.39 3.67 49.33
C GLY C 493 43.42 3.06 50.33
N GLY C 494 43.90 2.89 51.55
CA GLY C 494 43.09 2.28 52.57
C GLY C 494 41.85 3.03 53.00
N ALA C 495 40.79 2.25 53.20
CA ALA C 495 39.53 2.78 53.68
C ALA C 495 38.78 1.63 54.39
N PHE C 496 37.89 1.99 55.31
CA PHE C 496 37.16 1.02 56.07
C PHE C 496 35.64 1.21 56.02
N LEU C 497 34.97 0.16 55.57
CA LEU C 497 33.53 0.15 55.48
C LEU C 497 32.95 1.30 54.72
N GLY C 498 33.56 1.64 53.58
CA GLY C 498 33.03 2.70 52.73
C GLY C 498 33.48 4.12 52.86
N ASP C 499 34.19 4.41 53.95
CA ASP C 499 34.72 5.74 54.16
C ASP C 499 36.23 5.67 54.00
N ILE C 500 36.82 6.68 53.38
CA ILE C 500 38.25 6.69 53.16
C ILE C 500 39.00 7.37 54.27
N LEU C 501 40.09 6.73 54.70
CA LEU C 501 40.92 7.27 55.75
C LEU C 501 41.86 8.27 55.11
N LEU C 502 41.58 9.55 55.37
CA LEU C 502 42.35 10.68 54.83
C LEU C 502 43.43 11.32 55.73
N TYR C 503 44.66 10.84 55.57
CA TYR C 503 45.77 11.37 56.34
C TYR C 503 46.11 12.70 55.70
N ASP C 504 47.06 13.40 56.31
CA ASP C 504 47.56 14.69 55.82
C ASP C 504 49.07 14.47 55.68
N SER C 505 49.81 15.56 55.53
CA SER C 505 51.27 15.49 55.40
C SER C 505 51.94 14.72 56.53
N ARG C 506 51.34 14.79 57.73
CA ARG C 506 51.87 14.11 58.92
C ARG C 506 51.80 12.59 58.75
N ARG C 507 50.72 12.10 58.16
CA ARG C 507 50.53 10.68 57.91
C ARG C 507 50.39 9.87 59.19
N GLU C 508 49.52 10.31 60.09
CA GLU C 508 49.30 9.60 61.35
C GLU C 508 47.84 9.43 61.72
N PRO C 509 47.49 8.30 62.34
CA PRO C 509 46.12 8.03 62.76
C PRO C 509 45.54 9.19 63.57
N GLY C 510 46.43 10.05 64.04
CA GLY C 510 45.99 11.17 64.84
C GLY C 510 45.32 12.29 64.08
N SER C 511 46.03 12.89 63.15
CA SER C 511 45.48 14.01 62.38
C SER C 511 44.79 13.59 61.11
N ALA C 512 44.43 12.31 61.01
CA ALA C 512 43.78 11.81 59.82
C ALA C 512 42.27 11.82 60.01
N ILE C 513 41.52 11.89 58.90
CA ILE C 513 40.07 11.86 59.02
C ILE C 513 39.45 10.88 58.07
N PHE C 514 38.18 10.56 58.34
CA PHE C 514 37.41 9.63 57.53
C PHE C 514 36.41 10.41 56.70
N VAL C 515 36.34 10.09 55.41
CA VAL C 515 35.41 10.80 54.54
C VAL C 515 34.80 9.84 53.53
N GLY C 516 33.50 9.95 53.33
CA GLY C 516 32.85 9.07 52.36
C GLY C 516 33.69 8.96 51.10
N ASN C 517 33.68 7.79 50.47
CA ASN C 517 34.45 7.62 49.25
C ASN C 517 33.68 8.23 48.11
N ILE C 518 34.25 9.22 47.43
CA ILE C 518 33.57 9.89 46.33
C ILE C 518 33.26 8.93 45.16
N ASN C 519 34.21 8.06 44.83
CA ASN C 519 34.01 7.13 43.75
C ASN C 519 32.78 6.32 44.06
N SER C 520 32.63 5.95 45.33
CA SER C 520 31.48 5.19 45.76
C SER C 520 30.21 5.91 45.39
N MET C 521 30.20 7.24 45.58
CA MET C 521 29.03 8.06 45.24
C MET C 521 28.77 7.98 43.75
N LEU C 522 29.78 8.30 42.98
CA LEU C 522 29.63 8.21 41.55
C LEU C 522 29.13 6.82 41.19
N ASN C 523 29.83 5.77 41.57
CA ASN C 523 29.36 4.43 41.23
C ASN C 523 27.89 4.16 41.60
N ASN C 524 27.50 4.56 42.79
CA ASN C 524 26.13 4.35 43.21
C ASN C 524 25.12 5.11 42.37
N GLN C 525 25.43 6.35 42.04
CA GLN C 525 24.48 7.13 41.28
C GLN C 525 24.37 6.82 39.81
N PHE C 526 25.47 6.43 39.18
CA PHE C 526 25.39 6.15 37.76
C PHE C 526 25.70 4.72 37.37
N SER C 527 25.84 3.85 38.37
CA SER C 527 26.09 2.46 38.08
C SER C 527 25.43 1.50 39.06
N PRO C 528 24.12 1.65 39.31
CA PRO C 528 23.36 0.81 40.23
C PRO C 528 23.67 -0.65 39.98
N GLU C 529 23.57 -1.48 41.03
CA GLU C 529 23.83 -2.90 40.89
C GLU C 529 22.55 -3.56 40.34
N TYR C 530 21.39 -2.95 40.60
CA TYR C 530 20.09 -3.46 40.12
C TYR C 530 19.35 -2.26 39.53
N GLY C 531 18.36 -2.52 38.69
CA GLY C 531 17.58 -1.44 38.10
C GLY C 531 16.54 -0.95 39.07
N VAL C 532 15.70 -0.03 38.63
CA VAL C 532 14.66 0.50 39.51
C VAL C 532 13.40 -0.34 39.63
N GLN C 533 13.33 -1.47 38.92
CA GLN C 533 12.16 -2.35 38.98
C GLN C 533 10.85 -1.60 39.03
N SER C 534 10.58 -0.74 38.05
CA SER C 534 9.33 0.01 38.07
C SER C 534 8.17 -0.94 37.90
N GLY C 535 8.47 -2.16 37.50
CA GLY C 535 7.43 -3.14 37.32
C GLY C 535 6.82 -3.52 38.65
N VAL C 536 7.66 -3.76 39.65
CA VAL C 536 7.21 -4.18 40.97
C VAL C 536 6.35 -3.17 41.68
N ARG C 537 5.08 -3.54 41.87
CA ARG C 537 4.11 -2.68 42.51
C ARG C 537 4.49 -2.30 43.92
N ASP C 538 4.76 -3.28 44.76
CA ASP C 538 5.14 -3.00 46.14
C ASP C 538 6.59 -2.51 46.16
N ARG C 539 6.79 -1.22 46.44
CA ARG C 539 8.14 -0.69 46.43
C ARG C 539 9.06 -1.28 47.49
N SER C 540 8.49 -1.76 48.58
CA SER C 540 9.31 -2.32 49.61
C SER C 540 9.84 -3.70 49.22
N LYS C 541 9.41 -4.23 48.08
CA LYS C 541 9.93 -5.54 47.66
C LYS C 541 11.03 -5.36 46.60
N ARG C 542 11.26 -4.12 46.20
CA ARG C 542 12.28 -3.82 45.19
C ARG C 542 13.67 -3.73 45.79
N LYS C 543 14.67 -3.85 44.93
CA LYS C 543 16.04 -3.74 45.40
C LYS C 543 16.29 -2.29 45.75
N ARG C 544 15.66 -1.36 45.03
CA ARG C 544 15.82 0.06 45.36
C ARG C 544 14.44 0.68 45.56
N PRO C 545 13.84 0.43 46.72
CA PRO C 545 12.51 0.99 47.00
C PRO C 545 12.39 2.46 46.65
N PHE C 546 13.24 3.29 47.23
CA PHE C 546 13.16 4.70 46.98
C PHE C 546 14.44 5.38 46.55
N PRO C 547 14.85 5.12 45.32
CA PRO C 547 16.04 5.63 44.66
C PRO C 547 16.25 7.10 44.91
N GLY C 548 15.17 7.84 44.74
CA GLY C 548 15.22 9.28 44.90
C GLY C 548 15.76 9.84 46.19
N LEU C 549 15.41 9.21 47.32
CA LEU C 549 15.83 9.67 48.64
C LEU C 549 17.33 9.77 48.80
N ALA C 550 18.06 8.82 48.25
CA ALA C 550 19.51 8.86 48.37
C ALA C 550 20.08 10.26 48.12
N TRP C 551 19.35 11.07 47.35
CA TRP C 551 19.79 12.43 47.03
C TRP C 551 19.88 13.30 48.27
N ALA C 552 18.92 13.12 49.18
CA ALA C 552 18.88 13.84 50.47
C ALA C 552 20.07 13.58 51.39
N SER C 553 20.38 12.31 51.58
CA SER C 553 21.50 11.90 52.41
C SER C 553 22.84 12.05 51.69
N MET C 554 22.82 12.53 50.45
CA MET C 554 24.06 12.69 49.68
C MET C 554 25.08 13.68 50.23
N LYS C 555 24.65 14.92 50.43
CA LYS C 555 25.53 15.95 50.97
C LYS C 555 26.08 15.44 52.27
N ASP C 556 25.22 14.78 53.03
CA ASP C 556 25.66 14.23 54.28
C ASP C 556 26.73 13.13 54.15
N THR C 557 26.39 12.05 53.49
CA THR C 557 27.32 10.95 53.33
C THR C 557 28.65 11.31 52.67
N TYR C 558 28.57 11.97 51.53
CA TYR C 558 29.76 12.33 50.80
C TYR C 558 30.26 13.76 51.02
N GLY C 559 29.52 14.53 51.83
CA GLY C 559 29.91 15.90 52.11
C GLY C 559 31.38 16.11 52.41
N ALA C 560 31.86 15.49 53.49
CA ALA C 560 33.26 15.59 53.92
C ALA C 560 34.33 15.38 52.83
N CYS C 561 33.97 14.81 51.69
CA CYS C 561 34.99 14.59 50.69
C CYS C 561 35.57 15.90 50.22
N PRO C 562 36.88 15.95 49.98
CA PRO C 562 37.55 17.16 49.53
C PRO C 562 36.98 17.70 48.20
N ILE C 563 37.15 16.95 47.13
CA ILE C 563 36.65 17.41 45.86
C ILE C 563 35.15 17.27 45.68
N TYR C 564 34.40 17.15 46.75
CA TYR C 564 32.95 17.00 46.63
C TYR C 564 32.38 18.05 45.69
N SER C 565 32.14 19.24 46.23
CA SER C 565 31.60 20.36 45.47
C SER C 565 31.93 20.27 43.98
N ASP C 566 33.21 20.10 43.68
CA ASP C 566 33.68 20.00 42.31
C ASP C 566 32.94 18.94 41.54
N VAL C 567 32.99 17.71 42.05
CA VAL C 567 32.33 16.60 41.37
C VAL C 567 30.89 16.98 41.03
N LEU C 568 30.13 17.48 42.00
CA LEU C 568 28.75 17.86 41.74
C LEU C 568 28.59 18.82 40.58
N GLU C 569 29.62 19.59 40.27
CA GLU C 569 29.55 20.49 39.14
C GLU C 569 29.92 19.73 37.88
N ALA C 570 31.02 18.98 37.94
CA ALA C 570 31.44 18.19 36.78
C ALA C 570 30.20 17.45 36.25
N ILE C 571 29.44 16.90 37.20
CA ILE C 571 28.23 16.19 36.84
C ILE C 571 27.28 17.16 36.18
N GLU C 572 26.77 18.07 37.00
CA GLU C 572 25.81 19.09 36.56
C GLU C 572 26.10 19.48 35.13
N ARG C 573 27.36 19.83 34.89
CA ARG C 573 27.80 20.20 33.57
C ARG C 573 27.60 19.02 32.61
N CYS C 574 28.49 18.03 32.66
CA CYS C 574 28.39 16.88 31.78
C CYS C 574 26.99 16.35 31.52
N TRP C 575 26.14 16.45 32.54
CA TRP C 575 24.77 15.98 32.42
C TRP C 575 24.01 16.93 31.54
N TRP C 576 23.98 18.20 31.97
CA TRP C 576 23.32 19.25 31.21
C TRP C 576 23.86 19.18 29.77
N ASN C 577 25.12 18.85 29.69
CA ASN C 577 25.82 18.72 28.44
C ASN C 577 25.22 17.68 27.51
N ALA C 578 24.86 16.53 28.04
CA ALA C 578 24.33 15.46 27.21
C ALA C 578 22.82 15.26 27.28
N PHE C 579 22.12 16.04 28.09
CA PHE C 579 20.68 15.87 28.21
C PHE C 579 19.88 17.15 28.05
N GLY C 580 20.54 18.30 28.15
CA GLY C 580 19.78 19.52 28.04
C GLY C 580 19.18 19.83 29.39
N GLU C 581 18.94 18.82 30.22
CA GLU C 581 18.39 19.00 31.58
C GLU C 581 19.53 19.40 32.53
N SER C 582 19.17 19.72 33.77
CA SER C 582 20.15 20.04 34.80
C SER C 582 20.05 18.86 35.75
N TYR C 583 21.16 18.18 36.01
CA TYR C 583 21.07 17.06 36.91
C TYR C 583 20.47 17.46 38.27
N ARG C 584 20.92 18.57 38.86
CA ARG C 584 20.42 19.01 40.17
C ARG C 584 18.91 18.85 40.23
N ALA C 585 18.26 19.37 39.19
CA ALA C 585 16.81 19.33 39.04
C ALA C 585 16.29 17.90 39.08
N TYR C 586 16.73 17.15 38.09
CA TYR C 586 16.36 15.77 37.95
C TYR C 586 16.17 15.13 39.32
N ARG C 587 17.28 15.00 40.04
CA ARG C 587 17.29 14.37 41.36
C ARG C 587 16.37 15.04 42.37
N GLU C 588 16.16 16.35 42.18
CA GLU C 588 15.29 17.10 43.09
C GLU C 588 13.83 16.65 42.96
N ASP C 589 13.41 16.39 41.73
CA ASP C 589 12.03 15.94 41.51
C ASP C 589 11.94 14.53 42.00
N MET C 590 12.86 13.72 41.49
CA MET C 590 12.94 12.34 41.87
C MET C 590 12.82 12.28 43.39
N LEU C 591 13.59 13.13 44.08
CA LEU C 591 13.52 13.18 45.54
C LEU C 591 12.10 13.51 46.01
N LYS C 592 11.55 14.61 45.53
CA LYS C 592 10.20 15.02 45.88
C LYS C 592 9.20 13.88 45.67
N ARG C 593 9.20 13.29 44.48
CA ARG C 593 8.29 12.19 44.17
C ARG C 593 8.40 11.06 45.17
N ASP C 594 9.60 10.50 45.24
CA ASP C 594 9.88 9.39 46.15
C ASP C 594 9.47 9.73 47.58
N THR C 595 9.71 10.97 47.98
CA THR C 595 9.35 11.37 49.34
C THR C 595 7.86 11.19 49.55
N LEU C 596 7.07 11.52 48.53
CA LEU C 596 5.64 11.35 48.65
C LEU C 596 5.31 9.89 48.70
N GLU C 597 5.74 9.15 47.69
CA GLU C 597 5.47 7.72 47.67
C GLU C 597 5.79 7.09 49.01
N LEU C 598 6.96 7.39 49.56
CA LEU C 598 7.39 6.85 50.84
C LEU C 598 6.32 6.97 51.89
N SER C 599 5.79 8.18 52.04
CA SER C 599 4.76 8.42 53.05
C SER C 599 3.59 7.44 52.91
N ARG C 600 3.40 6.87 51.74
CA ARG C 600 2.33 5.91 51.55
C ARG C 600 2.66 4.63 52.32
N TYR C 601 3.92 4.23 52.29
CA TYR C 601 4.39 3.02 52.97
C TYR C 601 4.68 3.22 54.45
N VAL C 602 4.95 4.45 54.86
CA VAL C 602 5.24 4.66 56.26
C VAL C 602 3.97 5.16 56.94
N ALA C 603 3.59 4.50 58.02
CA ALA C 603 2.39 4.86 58.76
C ALA C 603 2.53 6.27 59.36
N SER C 604 3.23 6.35 60.49
CA SER C 604 3.46 7.62 61.19
C SER C 604 3.76 8.76 60.23
N MET C 605 4.53 8.49 59.19
CA MET C 605 4.85 9.51 58.21
C MET C 605 3.51 10.07 57.80
N ALA C 606 3.16 11.25 58.31
CA ALA C 606 1.90 11.88 57.96
C ALA C 606 1.87 11.69 56.45
N ARG C 607 0.72 11.36 55.87
CA ARG C 607 0.66 11.14 54.42
C ARG C 607 1.11 12.32 53.56
N GLN C 608 2.11 13.05 54.07
CA GLN C 608 2.76 14.21 53.44
C GLN C 608 3.83 14.93 54.31
N ALA C 609 3.92 14.61 55.59
CA ALA C 609 4.93 15.24 56.45
C ALA C 609 6.27 14.91 55.79
N GLY C 610 7.22 15.83 55.89
CA GLY C 610 8.51 15.61 55.25
C GLY C 610 9.43 14.52 55.78
N LEU C 611 10.59 14.43 55.16
CA LEU C 611 11.63 13.48 55.51
C LEU C 611 12.12 13.90 56.89
N ALA C 612 11.52 14.98 57.36
CA ALA C 612 11.82 15.58 58.65
C ALA C 612 12.67 14.73 59.60
N GLU C 613 12.01 13.79 60.25
CA GLU C 613 12.63 12.93 61.23
C GLU C 613 13.24 11.61 60.73
N LEU C 614 13.71 11.59 59.49
CA LEU C 614 14.36 10.39 58.97
C LEU C 614 15.85 10.68 59.03
N THR C 615 16.61 9.72 59.55
CA THR C 615 18.05 9.89 59.63
C THR C 615 18.67 9.54 58.31
N PRO C 616 19.86 10.08 58.03
CA PRO C 616 20.56 9.79 56.77
C PRO C 616 20.59 8.29 56.54
N ILE C 617 21.02 7.57 57.56
CA ILE C 617 21.06 6.12 57.48
C ILE C 617 19.71 5.66 56.92
N ASP C 618 18.63 6.06 57.56
CA ASP C 618 17.30 5.68 57.09
C ASP C 618 17.14 5.87 55.58
N LEU C 619 17.76 6.92 55.06
CA LEU C 619 17.65 7.21 53.64
C LEU C 619 18.45 6.29 52.74
N GLU C 620 19.77 6.29 52.90
CA GLU C 620 20.61 5.44 52.09
C GLU C 620 20.04 4.01 52.11
N VAL C 621 19.51 3.60 53.27
CA VAL C 621 18.89 2.27 53.45
C VAL C 621 17.58 2.07 52.67
N LEU C 622 16.87 3.13 52.39
CA LEU C 622 15.62 3.02 51.65
C LEU C 622 15.96 3.09 50.16
N ALA C 623 17.06 3.76 49.87
CA ALA C 623 17.47 3.88 48.48
C ALA C 623 18.19 2.60 48.12
N ASP C 624 18.62 1.87 49.15
CA ASP C 624 19.34 0.63 48.99
C ASP C 624 19.29 -0.28 50.23
N PRO C 625 18.23 -1.08 50.38
CA PRO C 625 18.04 -1.99 51.51
C PRO C 625 19.09 -3.09 51.64
N ASN C 626 19.87 -3.25 50.58
CA ASN C 626 20.89 -4.28 50.61
C ASN C 626 21.94 -3.90 51.64
N LYS C 627 22.19 -2.60 51.81
CA LYS C 627 23.19 -2.14 52.78
C LYS C 627 22.77 -2.49 54.22
N LEU C 628 21.59 -3.06 54.39
CA LEU C 628 21.14 -3.40 55.72
C LEU C 628 21.74 -4.74 56.07
N GLN C 629 22.42 -5.34 55.10
CA GLN C 629 23.03 -6.65 55.30
C GLN C 629 24.45 -6.55 55.85
N TYR C 630 25.09 -5.43 55.53
CA TYR C 630 26.43 -5.18 56.05
C TYR C 630 26.60 -3.90 56.87
N LYS C 631 26.83 -2.80 56.18
CA LYS C 631 27.08 -1.53 56.82
C LYS C 631 26.13 -0.99 57.90
N TRP C 632 24.99 -1.62 58.13
CA TRP C 632 24.08 -1.17 59.20
C TRP C 632 23.27 -2.31 59.76
N THR C 633 22.71 -2.12 60.95
CA THR C 633 21.91 -3.19 61.56
C THR C 633 20.58 -2.66 62.00
N GLU C 634 19.67 -3.58 62.33
CA GLU C 634 18.33 -3.21 62.76
C GLU C 634 18.34 -2.06 63.73
N ALA C 635 19.33 -2.05 64.62
CA ALA C 635 19.43 -1.01 65.63
C ALA C 635 19.78 0.41 65.12
N ASP C 636 20.58 0.54 64.07
CA ASP C 636 20.94 1.89 63.58
C ASP C 636 19.92 2.43 62.57
N VAL C 637 18.75 1.78 62.52
CA VAL C 637 17.74 2.20 61.58
C VAL C 637 16.41 2.50 62.26
N SER C 638 15.86 3.67 61.94
CA SER C 638 14.59 4.09 62.51
C SER C 638 13.51 2.99 62.54
N ALA C 639 13.00 2.77 63.75
CA ALA C 639 11.98 1.77 64.06
C ALA C 639 11.00 1.39 62.98
N ASN C 640 10.21 2.37 62.58
CA ASN C 640 9.17 2.19 61.56
C ASN C 640 9.81 2.02 60.18
N ILE C 641 10.89 2.75 59.90
CA ILE C 641 11.54 2.58 58.61
C ILE C 641 11.96 1.12 58.43
N HIS C 642 12.43 0.50 59.51
CA HIS C 642 12.83 -0.89 59.45
C HIS C 642 11.62 -1.77 59.09
N GLU C 643 10.45 -1.44 59.61
CA GLU C 643 9.24 -2.22 59.32
C GLU C 643 8.91 -2.16 57.83
N VAL C 644 9.31 -1.08 57.17
CA VAL C 644 9.02 -0.94 55.75
C VAL C 644 9.65 -2.05 54.93
N LEU C 645 10.91 -2.34 55.27
CA LEU C 645 11.67 -3.34 54.56
C LEU C 645 11.71 -4.72 55.18
N MET C 646 11.34 -4.82 56.45
CA MET C 646 11.42 -6.12 57.11
C MET C 646 10.15 -6.54 57.79
N HIS C 647 10.02 -7.85 58.00
CA HIS C 647 8.87 -8.37 58.70
C HIS C 647 9.29 -9.53 59.55
N GLY C 648 8.96 -9.50 60.83
CA GLY C 648 9.35 -10.58 61.71
C GLY C 648 8.33 -11.63 62.12
N VAL C 649 8.81 -12.58 62.91
CA VAL C 649 7.99 -13.65 63.41
C VAL C 649 7.72 -13.38 64.90
N SER C 650 6.62 -13.94 65.41
CA SER C 650 6.24 -13.77 66.82
C SER C 650 7.42 -14.04 67.74
N VAL C 651 7.79 -13.07 68.55
CA VAL C 651 8.92 -13.30 69.44
C VAL C 651 8.62 -14.54 70.28
N GLU C 652 7.37 -14.63 70.73
CA GLU C 652 6.95 -15.75 71.56
C GLU C 652 7.45 -17.06 70.95
N LYS C 653 7.41 -17.16 69.63
CA LYS C 653 7.84 -18.36 68.95
C LYS C 653 9.33 -18.50 68.76
N THR C 654 10.02 -17.43 68.32
CA THR C 654 11.46 -17.52 68.10
C THR C 654 12.11 -17.70 69.47
N GLU C 655 11.54 -17.05 70.48
CA GLU C 655 12.08 -17.16 71.81
C GLU C 655 12.01 -18.58 72.33
N ARG C 656 10.85 -19.21 72.19
CA ARG C 656 10.71 -20.58 72.63
C ARG C 656 11.77 -21.41 71.94
N PHE C 657 11.96 -21.16 70.65
CA PHE C 657 12.95 -21.90 69.85
C PHE C 657 14.36 -21.70 70.37
N LEU C 658 14.77 -20.43 70.42
CA LEU C 658 16.10 -20.06 70.90
C LEU C 658 16.44 -20.73 72.21
N ARG C 659 15.44 -20.90 73.06
CA ARG C 659 15.63 -21.54 74.33
C ARG C 659 16.06 -22.98 74.13
N SER C 660 15.28 -23.75 73.39
CA SER C 660 15.64 -25.15 73.16
C SER C 660 17.01 -25.35 72.51
N VAL C 661 17.52 -24.29 71.90
CA VAL C 661 18.80 -24.39 71.21
C VAL C 661 19.96 -24.17 72.13
N MET C 662 20.00 -22.98 72.70
CA MET C 662 21.07 -22.60 73.58
C MET C 662 21.29 -23.44 74.83
N PRO C 663 22.54 -23.38 75.35
CA PRO C 663 23.01 -24.09 76.53
C PRO C 663 22.09 -23.85 77.68
N ARG C 664 21.58 -24.93 78.24
CA ARG C 664 20.67 -24.84 79.37
C ARG C 664 21.51 -24.31 80.53
N PRO E 1 -44.28 24.39 -42.95
CA PRO E 1 -43.67 25.70 -42.57
C PRO E 1 -43.60 25.88 -41.05
N ARG E 2 -42.39 25.81 -40.50
CA ARG E 2 -42.21 25.96 -39.05
C ARG E 2 -40.79 26.34 -38.69
N ARG E 3 -39.82 25.78 -39.44
CA ARG E 3 -38.40 25.98 -39.20
C ARG E 3 -38.08 25.05 -38.04
N ALA E 4 -37.31 24.02 -38.33
CA ALA E 4 -36.96 23.05 -37.31
C ALA E 4 -35.81 23.52 -36.44
N PRO E 5 -35.78 23.05 -35.20
CA PRO E 5 -34.76 23.37 -34.22
C PRO E 5 -33.43 22.78 -34.65
N ALA E 6 -32.35 23.54 -34.51
CA ALA E 6 -31.01 23.04 -34.83
C ALA E 6 -30.15 23.33 -33.62
N PHE E 7 -29.15 22.51 -33.36
CA PHE E 7 -28.30 22.73 -32.21
C PHE E 7 -26.90 22.37 -32.60
N PRO E 8 -25.91 23.19 -32.18
CA PRO E 8 -24.49 23.04 -32.45
C PRO E 8 -23.99 21.94 -31.57
N LEU E 9 -22.93 21.27 -32.02
CA LEU E 9 -22.36 20.17 -31.26
C LEU E 9 -22.21 20.52 -29.78
N SER E 10 -21.86 21.79 -29.53
CA SER E 10 -21.71 22.34 -28.18
C SER E 10 -22.92 22.11 -27.30
N ASP E 11 -24.12 22.42 -27.83
CA ASP E 11 -25.36 22.27 -27.08
C ASP E 11 -25.48 20.91 -26.43
N ILE E 12 -25.91 20.92 -25.19
CA ILE E 12 -26.10 19.70 -24.44
C ILE E 12 -26.91 18.66 -25.22
N LYS E 13 -27.90 19.10 -25.99
CA LYS E 13 -28.74 18.19 -26.76
C LYS E 13 -27.90 17.34 -27.71
N ALA E 14 -26.87 17.95 -28.27
CA ALA E 14 -25.97 17.26 -29.18
C ALA E 14 -24.99 16.41 -28.38
N GLN E 15 -24.44 16.98 -27.31
CA GLN E 15 -23.50 16.24 -26.49
C GLN E 15 -24.10 14.92 -26.03
N MET E 16 -25.33 14.96 -25.54
CA MET E 16 -26.01 13.76 -25.10
C MET E 16 -26.05 12.66 -26.17
N LEU E 17 -25.78 12.99 -27.43
CA LEU E 17 -25.84 11.97 -28.49
C LEU E 17 -24.63 11.09 -28.58
N PHE E 18 -23.52 11.54 -28.01
CA PHE E 18 -22.32 10.74 -28.08
C PHE E 18 -21.78 10.39 -26.73
N ALA E 19 -21.60 9.09 -26.54
CA ALA E 19 -21.09 8.56 -25.29
C ALA E 19 -19.67 9.01 -24.92
N ASN E 20 -19.35 8.82 -23.65
CA ASN E 20 -18.06 9.20 -23.09
C ASN E 20 -16.95 8.20 -23.37
N ASN E 21 -16.70 7.96 -24.65
CA ASN E 21 -15.62 7.11 -25.06
C ASN E 21 -15.02 7.74 -26.30
N ILE E 22 -13.91 7.21 -26.75
CA ILE E 22 -13.27 7.82 -27.89
C ILE E 22 -14.03 7.71 -29.18
N LYS E 23 -14.32 6.50 -29.63
CA LYS E 23 -15.05 6.33 -30.89
C LYS E 23 -16.19 7.35 -31.01
N ALA E 24 -17.06 7.35 -30.00
CA ALA E 24 -18.21 8.23 -29.98
C ALA E 24 -17.75 9.66 -30.20
N GLN E 25 -16.95 10.17 -29.28
CA GLN E 25 -16.45 11.53 -29.37
C GLN E 25 -15.93 11.91 -30.74
N GLN E 26 -15.04 11.07 -31.24
CA GLN E 26 -14.40 11.31 -32.52
C GLN E 26 -15.40 11.42 -33.62
N ALA E 27 -16.45 10.61 -33.55
CA ALA E 27 -17.50 10.65 -34.55
C ALA E 27 -18.24 11.99 -34.46
N SER E 28 -18.48 12.47 -33.24
CA SER E 28 -19.18 13.73 -33.10
C SER E 28 -18.34 14.84 -33.72
N LYS E 29 -17.03 14.80 -33.50
CA LYS E 29 -16.14 15.83 -34.00
C LYS E 29 -15.59 15.64 -35.43
N ARG E 30 -15.59 14.41 -35.96
CA ARG E 30 -15.02 14.16 -37.29
C ARG E 30 -15.30 15.28 -38.25
N SER E 31 -14.29 15.67 -39.00
CA SER E 31 -14.42 16.78 -39.95
C SER E 31 -14.45 16.28 -41.39
N PHE E 32 -14.71 17.18 -42.33
CA PHE E 32 -14.75 16.79 -43.73
C PHE E 32 -13.46 16.05 -44.05
N LYS E 33 -13.52 15.06 -44.92
CA LYS E 33 -12.33 14.32 -45.30
C LYS E 33 -12.52 13.63 -46.63
N GLU E 34 -11.47 13.63 -47.44
CA GLU E 34 -11.50 13.02 -48.77
C GLU E 34 -10.12 12.45 -49.09
N GLY E 35 -10.01 11.76 -50.21
CA GLY E 35 -8.72 11.18 -50.57
C GLY E 35 -8.88 9.91 -51.36
N ALA E 36 -7.84 9.61 -52.14
CA ALA E 36 -7.80 8.43 -52.98
C ALA E 36 -8.25 7.22 -52.25
N ILE E 37 -8.69 6.20 -52.97
CA ILE E 37 -9.06 4.98 -52.30
C ILE E 37 -8.14 3.92 -52.87
N GLU E 38 -8.06 2.79 -52.20
CA GLU E 38 -7.24 1.72 -52.69
C GLU E 38 -8.22 0.85 -53.49
N THR E 39 -8.40 1.21 -54.77
CA THR E 39 -9.32 0.51 -55.65
C THR E 39 -9.11 -1.00 -55.50
N TYR E 40 -7.86 -1.44 -55.59
CA TYR E 40 -7.52 -2.84 -55.37
C TYR E 40 -6.28 -2.73 -54.52
N GLU E 41 -5.96 -3.80 -53.79
CA GLU E 41 -4.79 -3.72 -52.94
C GLU E 41 -3.53 -3.28 -53.65
N GLY E 42 -2.94 -2.21 -53.14
CA GLY E 42 -1.72 -1.73 -53.72
C GLY E 42 -1.90 -0.73 -54.83
N LEU E 43 -3.13 -0.52 -55.26
CA LEU E 43 -3.39 0.43 -56.35
C LEU E 43 -4.35 1.55 -55.94
N LEU E 44 -3.99 2.80 -56.23
CA LEU E 44 -4.85 3.92 -55.87
C LEU E 44 -5.73 4.42 -57.00
N SER E 45 -6.98 4.74 -56.68
CA SER E 45 -7.94 5.23 -57.66
C SER E 45 -7.43 6.39 -58.46
N VAL E 46 -6.32 6.96 -58.01
CA VAL E 46 -5.71 8.12 -58.65
C VAL E 46 -4.38 7.82 -59.32
N ASP E 47 -3.90 6.59 -59.24
CA ASP E 47 -2.65 6.25 -59.88
C ASP E 47 -2.79 6.65 -61.35
N PRO E 48 -1.79 7.36 -61.89
CA PRO E 48 -1.79 7.83 -63.29
C PRO E 48 -2.06 6.71 -64.26
N ARG E 49 -1.27 5.64 -64.16
CA ARG E 49 -1.46 4.47 -65.00
C ARG E 49 -2.94 4.10 -65.05
N PHE E 50 -3.56 4.09 -63.87
CA PHE E 50 -4.96 3.72 -63.76
C PHE E 50 -5.91 4.75 -64.40
N LEU E 51 -5.72 6.03 -64.09
CA LEU E 51 -6.62 7.05 -64.65
C LEU E 51 -6.51 7.01 -66.16
N SER E 52 -5.28 6.85 -66.63
CA SER E 52 -5.03 6.75 -68.05
C SER E 52 -5.84 5.58 -68.60
N PHE E 53 -5.71 4.42 -67.96
CA PHE E 53 -6.42 3.23 -68.38
C PHE E 53 -7.89 3.53 -68.41
N LYS E 54 -8.39 4.12 -67.33
CA LYS E 54 -9.80 4.45 -67.26
C LYS E 54 -10.18 5.37 -68.43
N ASN E 55 -9.34 6.35 -68.72
CA ASN E 55 -9.64 7.26 -69.82
C ASN E 55 -9.80 6.55 -71.17
N GLU E 56 -8.78 5.76 -71.54
CA GLU E 56 -8.81 5.03 -72.79
C GLU E 56 -9.98 4.06 -72.86
N LEU E 57 -10.04 3.14 -71.91
CA LEU E 57 -11.12 2.17 -71.88
C LEU E 57 -12.52 2.77 -71.96
N SER E 58 -12.78 3.81 -71.19
CA SER E 58 -14.10 4.45 -71.18
C SER E 58 -14.48 5.05 -72.52
N ARG E 59 -13.53 5.65 -73.22
CA ARG E 59 -13.82 6.24 -74.52
C ARG E 59 -14.08 5.13 -75.50
N TYR E 60 -13.12 4.23 -75.61
CA TYR E 60 -13.23 3.13 -76.55
C TYR E 60 -14.57 2.42 -76.49
N LEU E 61 -15.05 2.10 -75.30
CA LEU E 61 -16.32 1.41 -75.21
C LEU E 61 -17.48 2.31 -75.62
N THR E 62 -17.57 3.49 -75.02
CA THR E 62 -18.62 4.46 -75.34
C THR E 62 -18.72 4.64 -76.86
N ASP E 63 -17.54 4.71 -77.48
CA ASP E 63 -17.42 4.90 -78.91
C ASP E 63 -17.91 3.67 -79.68
N HIS E 64 -17.25 2.55 -79.45
CA HIS E 64 -17.59 1.31 -80.13
C HIS E 64 -18.88 0.60 -79.75
N PHE E 65 -19.51 0.96 -78.63
CA PHE E 65 -20.73 0.25 -78.26
C PHE E 65 -21.74 1.19 -77.72
N PRO E 66 -22.32 2.02 -78.59
CA PRO E 66 -23.32 2.98 -78.14
C PRO E 66 -24.60 2.26 -77.70
N ALA E 67 -25.30 2.85 -76.75
CA ALA E 67 -26.49 2.20 -76.24
C ALA E 67 -27.46 1.83 -77.34
N ASN E 68 -28.19 0.76 -77.11
CA ASN E 68 -29.22 0.28 -78.04
C ASN E 68 -30.51 0.33 -77.24
N VAL E 69 -31.03 1.55 -77.09
CA VAL E 69 -32.26 1.75 -76.34
C VAL E 69 -33.25 2.45 -77.23
N ASP E 70 -34.42 1.85 -77.42
CA ASP E 70 -35.41 2.45 -78.29
C ASP E 70 -36.17 3.65 -77.72
N GLU E 71 -37.01 4.19 -78.58
CA GLU E 71 -37.82 5.35 -78.30
C GLU E 71 -38.69 5.13 -77.07
N TYR E 72 -38.69 3.91 -76.57
CA TYR E 72 -39.47 3.53 -75.42
C TYR E 72 -38.65 3.09 -74.22
N GLY E 73 -37.35 3.35 -74.26
CA GLY E 73 -36.51 2.94 -73.16
C GLY E 73 -36.49 1.43 -73.01
N ARG E 74 -36.29 0.75 -74.12
CA ARG E 74 -36.21 -0.68 -74.10
C ARG E 74 -34.90 -0.92 -74.71
N VAL E 75 -34.13 -1.77 -74.09
CA VAL E 75 -32.84 -2.00 -74.67
C VAL E 75 -32.87 -3.28 -75.46
N TYR E 76 -32.15 -3.22 -76.58
CA TYR E 76 -32.02 -4.34 -77.50
C TYR E 76 -30.56 -4.29 -77.98
N GLY E 77 -30.27 -5.01 -79.05
CA GLY E 77 -28.93 -5.02 -79.55
C GLY E 77 -27.91 -5.49 -78.53
N ASN E 78 -26.82 -4.74 -78.46
CA ASN E 78 -25.70 -5.02 -77.58
C ASN E 78 -25.95 -5.04 -76.08
N GLY E 79 -27.12 -4.57 -75.63
CA GLY E 79 -27.39 -4.55 -74.20
C GLY E 79 -26.81 -3.37 -73.47
N VAL E 80 -26.10 -2.53 -74.20
CA VAL E 80 -25.50 -1.35 -73.61
C VAL E 80 -26.57 -0.31 -73.52
N ARG E 81 -26.86 0.18 -72.32
CA ARG E 81 -27.90 1.18 -72.20
C ARG E 81 -27.40 2.60 -72.04
N THR E 82 -26.08 2.76 -72.05
CA THR E 82 -25.50 4.10 -71.94
C THR E 82 -24.00 4.08 -72.09
N ASN E 83 -23.44 5.27 -72.32
CA ASN E 83 -22.00 5.38 -72.48
C ASN E 83 -21.31 4.83 -71.23
N PHE E 84 -20.02 4.54 -71.37
CA PHE E 84 -19.25 4.00 -70.28
C PHE E 84 -18.38 5.06 -69.63
N PHE E 85 -18.81 6.32 -69.67
CA PHE E 85 -18.04 7.38 -69.05
C PHE E 85 -18.22 7.38 -67.56
N GLY E 86 -18.98 6.42 -67.06
CA GLY E 86 -19.21 6.35 -65.63
C GLY E 86 -17.91 6.38 -64.86
N MET E 87 -17.02 5.47 -65.21
CA MET E 87 -15.75 5.37 -64.52
C MET E 87 -14.89 6.63 -64.38
N ARG E 88 -15.11 7.66 -65.18
CA ARG E 88 -14.26 8.86 -65.10
C ARG E 88 -14.35 9.69 -63.81
N HIS E 89 -14.43 9.03 -62.66
CA HIS E 89 -14.48 9.75 -61.41
C HIS E 89 -13.28 9.49 -60.55
N MET E 90 -12.90 10.47 -59.75
CA MET E 90 -11.78 10.28 -58.86
C MET E 90 -12.39 9.64 -57.61
N ASN E 91 -12.56 8.32 -57.62
CA ASN E 91 -13.13 7.59 -56.50
C ASN E 91 -12.40 7.97 -55.20
N GLY E 92 -13.09 8.68 -54.31
CA GLY E 92 -12.45 9.06 -53.06
C GLY E 92 -12.66 10.52 -52.73
N PHE E 93 -12.89 11.32 -53.76
CA PHE E 93 -13.12 12.75 -53.60
C PHE E 93 -14.57 12.99 -53.96
N PRO E 94 -15.38 13.42 -52.99
CA PRO E 94 -16.79 13.66 -53.23
C PRO E 94 -17.09 15.03 -53.84
N MET E 95 -18.29 15.14 -54.41
CA MET E 95 -18.77 16.40 -54.98
C MET E 95 -18.81 17.22 -53.72
N ILE E 96 -18.54 18.51 -53.82
CA ILE E 96 -18.47 19.26 -52.60
C ILE E 96 -19.66 19.78 -51.86
N PRO E 97 -20.61 20.35 -52.55
CA PRO E 97 -21.48 20.68 -51.42
C PRO E 97 -22.27 19.60 -50.70
N ALA E 98 -22.25 18.36 -51.16
CA ALA E 98 -22.95 17.26 -50.46
C ALA E 98 -24.11 17.65 -49.54
N THR E 99 -25.35 17.56 -50.01
CA THR E 99 -26.56 17.97 -49.29
C THR E 99 -26.81 17.80 -47.79
N TRP E 100 -27.67 18.70 -47.30
CA TRP E 100 -28.17 18.68 -45.93
C TRP E 100 -29.55 18.02 -46.08
N PRO E 101 -29.97 17.22 -45.11
CA PRO E 101 -31.25 16.50 -45.06
C PRO E 101 -32.34 17.49 -44.78
N LEU E 102 -33.57 17.27 -45.27
CA LEU E 102 -34.59 18.26 -44.96
C LEU E 102 -35.33 17.89 -43.71
N ALA E 103 -35.56 18.88 -42.86
CA ALA E 103 -36.26 18.62 -41.60
C ALA E 103 -37.66 18.19 -41.90
N SER E 104 -38.18 18.65 -43.03
CA SER E 104 -39.52 18.31 -43.45
C SER E 104 -39.64 18.30 -44.95
N ASN E 105 -40.38 17.34 -45.47
CA ASN E 105 -40.54 17.22 -46.92
C ASN E 105 -41.95 17.49 -47.36
N LEU E 106 -42.77 18.08 -46.50
CA LEU E 106 -44.16 18.32 -46.87
C LEU E 106 -44.25 19.31 -48.00
N LYS E 107 -43.56 20.44 -47.84
CA LYS E 107 -43.61 21.43 -48.91
C LYS E 107 -43.02 20.78 -50.16
N LYS E 108 -41.90 20.10 -50.01
CA LYS E 108 -41.31 19.46 -51.18
C LYS E 108 -42.36 18.66 -51.96
N ARG E 109 -43.13 17.84 -51.23
CA ARG E 109 -44.17 16.99 -51.82
C ARG E 109 -45.26 17.83 -52.43
N ALA E 110 -45.90 18.60 -51.57
CA ALA E 110 -46.98 19.47 -52.02
C ALA E 110 -46.58 20.20 -53.30
N ASP E 111 -45.48 20.92 -53.23
CA ASP E 111 -45.03 21.65 -54.39
C ASP E 111 -44.87 20.75 -55.60
N ALA E 112 -44.83 19.44 -55.41
CA ALA E 112 -44.69 18.54 -56.57
C ALA E 112 -46.02 17.85 -56.84
N ASP E 113 -47.07 18.43 -56.27
CA ASP E 113 -48.39 17.88 -56.44
C ASP E 113 -48.50 16.42 -56.12
N LEU E 114 -48.28 16.07 -54.88
CA LEU E 114 -48.39 14.69 -54.46
C LEU E 114 -49.28 14.77 -53.22
N ALA E 115 -50.17 13.79 -53.10
CA ALA E 115 -51.13 13.73 -52.02
C ALA E 115 -50.57 13.77 -50.62
N ASP E 116 -51.39 14.16 -49.66
CA ASP E 116 -50.95 14.20 -48.28
C ASP E 116 -51.66 13.08 -47.51
N GLY E 117 -52.06 12.06 -48.26
CA GLY E 117 -52.74 10.91 -47.68
C GLY E 117 -53.42 10.10 -48.79
N PRO E 118 -54.03 8.93 -48.49
CA PRO E 118 -54.70 8.16 -49.54
C PRO E 118 -55.70 9.12 -50.16
N VAL E 119 -55.87 9.12 -51.48
CA VAL E 119 -56.81 10.08 -52.06
C VAL E 119 -58.24 9.54 -52.15
N SER E 120 -58.33 8.25 -52.43
CA SER E 120 -59.60 7.58 -52.52
C SER E 120 -59.64 6.54 -51.44
N GLU E 121 -60.83 6.20 -50.96
CA GLU E 121 -60.94 5.20 -49.93
C GLU E 121 -60.32 3.90 -50.39
N ARG E 122 -60.40 3.64 -51.68
CA ARG E 122 -59.86 2.40 -52.21
C ARG E 122 -58.40 2.24 -51.79
N ASP E 123 -57.63 3.26 -52.14
CA ASP E 123 -56.22 3.30 -51.86
C ASP E 123 -55.99 3.13 -50.35
N ASN E 124 -56.77 3.82 -49.55
CA ASN E 124 -56.67 3.70 -48.11
C ASN E 124 -56.78 2.24 -47.73
N LEU E 125 -57.69 1.52 -48.36
CA LEU E 125 -57.80 0.11 -48.02
C LEU E 125 -56.63 -0.70 -48.53
N LEU E 126 -56.17 -0.37 -49.73
CA LEU E 126 -55.06 -1.11 -50.32
C LEU E 126 -53.79 -0.98 -49.50
N PHE E 127 -53.48 0.24 -49.09
CA PHE E 127 -52.30 0.46 -48.28
C PHE E 127 -52.44 -0.34 -47.02
N ARG E 128 -53.57 -0.18 -46.34
CA ARG E 128 -53.79 -0.93 -45.11
C ARG E 128 -53.77 -2.44 -45.34
N ALA E 129 -54.19 -2.88 -46.52
CA ALA E 129 -54.18 -4.29 -46.82
C ALA E 129 -52.74 -4.74 -46.91
N ALA E 130 -51.91 -3.92 -47.56
CA ALA E 130 -50.49 -4.24 -47.67
C ALA E 130 -49.96 -4.40 -46.24
N VAL E 131 -50.27 -3.45 -45.36
CA VAL E 131 -49.80 -3.58 -43.98
C VAL E 131 -50.26 -4.90 -43.36
N ARG E 132 -51.52 -5.22 -43.62
CA ARG E 132 -52.14 -6.44 -43.12
C ARG E 132 -51.38 -7.66 -43.61
N LEU E 133 -51.44 -7.93 -44.91
CA LEU E 133 -50.75 -9.07 -45.48
C LEU E 133 -49.29 -9.21 -45.06
N MET E 134 -48.61 -8.07 -44.97
CA MET E 134 -47.19 -8.06 -44.63
C MET E 134 -46.80 -8.38 -43.22
N PHE E 135 -47.51 -7.80 -42.27
CA PHE E 135 -47.17 -8.04 -40.88
C PHE E 135 -48.09 -9.05 -40.29
N SER E 136 -48.55 -9.98 -41.12
CA SER E 136 -49.54 -10.94 -40.66
C SER E 136 -49.15 -12.08 -39.80
N ASP E 137 -48.86 -13.20 -40.40
CA ASP E 137 -48.54 -14.33 -39.57
C ASP E 137 -47.06 -14.52 -39.64
N LEU E 138 -46.36 -13.63 -38.94
CA LEU E 138 -44.92 -13.64 -38.91
C LEU E 138 -44.33 -14.73 -38.05
N GLU E 139 -43.21 -15.28 -38.48
CA GLU E 139 -42.54 -16.33 -37.74
C GLU E 139 -41.13 -15.94 -37.34
N PRO E 140 -40.82 -15.99 -36.04
CA PRO E 140 -39.56 -15.66 -35.37
C PRO E 140 -38.31 -16.29 -35.92
N VAL E 141 -37.26 -15.48 -35.98
CA VAL E 141 -35.95 -15.91 -36.44
C VAL E 141 -34.91 -15.15 -35.63
N PRO E 142 -33.68 -15.65 -35.62
CA PRO E 142 -32.70 -14.91 -34.83
C PRO E 142 -32.49 -13.55 -35.46
N LEU E 143 -32.16 -12.58 -34.61
CA LEU E 143 -31.88 -11.24 -35.08
C LEU E 143 -30.43 -11.28 -35.53
N LYS E 144 -30.13 -11.16 -36.81
CA LYS E 144 -28.74 -11.20 -37.22
C LYS E 144 -28.15 -9.82 -37.48
N ILE E 145 -26.93 -9.62 -37.03
CA ILE E 145 -26.21 -8.35 -37.13
C ILE E 145 -24.98 -8.40 -38.05
N ARG E 146 -24.87 -7.40 -38.94
CA ARG E 146 -23.74 -7.33 -39.88
C ARG E 146 -22.48 -7.14 -39.05
N LYS E 147 -21.44 -7.90 -39.36
CA LYS E 147 -20.21 -7.76 -38.58
C LYS E 147 -19.48 -6.47 -38.90
N GLY E 148 -18.91 -5.88 -37.84
CA GLY E 148 -18.15 -4.64 -37.99
C GLY E 148 -18.91 -3.39 -38.40
N SER E 149 -20.21 -3.35 -38.11
CA SER E 149 -21.02 -2.19 -38.42
C SER E 149 -21.08 -1.41 -37.13
N SER E 150 -21.24 -0.09 -37.22
CA SER E 150 -21.27 0.72 -36.00
C SER E 150 -22.62 0.88 -35.34
N THR E 151 -22.70 0.69 -34.02
CA THR E 151 -23.99 0.84 -33.40
C THR E 151 -24.44 2.30 -33.48
N CYS E 152 -23.55 3.20 -33.88
CA CYS E 152 -23.87 4.63 -33.93
C CYS E 152 -24.35 5.16 -32.57
N ILE E 153 -25.06 6.29 -32.57
CA ILE E 153 -25.51 6.86 -31.32
C ILE E 153 -26.10 5.86 -30.35
N PRO E 154 -25.64 5.89 -29.10
CA PRO E 154 -24.63 6.86 -28.67
C PRO E 154 -23.23 6.30 -28.49
N TYR E 155 -23.07 4.99 -28.66
CA TYR E 155 -21.77 4.33 -28.48
C TYR E 155 -20.78 4.26 -29.62
N PHE E 156 -21.26 3.86 -30.78
CA PHE E 156 -20.40 3.79 -31.93
C PHE E 156 -19.43 2.65 -31.80
N SER E 157 -19.91 1.53 -31.25
CA SER E 157 -19.07 0.36 -31.10
C SER E 157 -19.03 -0.39 -32.45
N ASN E 158 -18.02 -1.23 -32.61
CA ASN E 158 -17.79 -1.98 -33.83
C ASN E 158 -17.73 -3.44 -33.45
N ASP E 159 -17.65 -3.62 -32.14
CA ASP E 159 -17.49 -4.90 -31.49
C ASP E 159 -18.70 -5.80 -31.47
N MET E 160 -18.61 -6.92 -32.17
CA MET E 160 -19.73 -7.86 -32.21
C MET E 160 -20.22 -8.22 -30.83
N GLY E 161 -19.28 -8.29 -29.89
CA GLY E 161 -19.68 -8.62 -28.55
C GLY E 161 -20.58 -7.54 -27.99
N THR E 162 -20.09 -6.32 -28.02
CA THR E 162 -20.83 -5.20 -27.51
C THR E 162 -22.16 -5.06 -28.21
N LYS E 163 -22.18 -5.27 -29.52
CA LYS E 163 -23.43 -5.16 -30.26
C LYS E 163 -24.43 -6.20 -29.70
N ILE E 164 -24.09 -7.48 -29.78
CA ILE E 164 -24.99 -8.49 -29.25
C ILE E 164 -25.54 -8.12 -27.88
N GLU E 165 -24.73 -7.47 -27.06
CA GLU E 165 -25.20 -7.09 -25.73
C GLU E 165 -26.26 -6.03 -25.91
N ILE E 166 -25.91 -4.93 -26.58
CA ILE E 166 -26.85 -3.83 -26.79
C ILE E 166 -28.17 -4.33 -27.32
N ALA E 167 -28.09 -5.19 -28.33
CA ALA E 167 -29.27 -5.78 -28.94
C ALA E 167 -30.13 -6.58 -27.96
N GLU E 168 -29.54 -7.61 -27.35
CA GLU E 168 -30.27 -8.43 -26.38
C GLU E 168 -30.90 -7.58 -25.29
N ARG E 169 -30.14 -6.59 -24.83
CA ARG E 169 -30.62 -5.66 -23.82
C ARG E 169 -31.81 -4.93 -24.40
N ALA E 170 -31.67 -4.45 -25.64
CA ALA E 170 -32.75 -3.73 -26.30
C ALA E 170 -34.04 -4.52 -26.32
N LEU E 171 -34.00 -5.71 -26.91
CA LEU E 171 -35.18 -6.54 -26.98
C LEU E 171 -35.75 -6.76 -25.61
N GLU E 172 -34.93 -6.59 -24.59
CA GLU E 172 -35.41 -6.79 -23.25
C GLU E 172 -36.19 -5.59 -22.77
N LYS E 173 -35.53 -4.45 -22.72
CA LYS E 173 -36.19 -3.25 -22.26
C LYS E 173 -36.98 -2.49 -23.34
N ALA E 174 -37.05 -3.06 -24.54
CA ALA E 174 -37.75 -2.46 -25.69
C ALA E 174 -39.13 -2.04 -25.28
N GLU E 175 -39.84 -2.93 -24.60
CA GLU E 175 -41.18 -2.61 -24.16
C GLU E 175 -41.20 -1.47 -23.18
N GLU E 176 -40.36 -1.54 -22.16
CA GLU E 176 -40.28 -0.48 -21.16
C GLU E 176 -40.16 0.91 -21.80
N ALA E 177 -39.16 1.05 -22.66
CA ALA E 177 -38.97 2.29 -23.38
C ALA E 177 -40.09 2.21 -24.36
N GLY E 178 -40.64 3.31 -24.82
CA GLY E 178 -41.74 3.12 -25.75
C GLY E 178 -43.03 3.28 -25.00
N ASN E 179 -43.23 2.50 -23.95
CA ASN E 179 -44.42 2.72 -23.12
C ASN E 179 -44.04 4.05 -22.50
N LEU E 180 -42.73 4.24 -22.42
CA LEU E 180 -42.15 5.44 -21.89
C LEU E 180 -42.41 6.58 -22.88
N MET E 181 -42.31 6.26 -24.16
CA MET E 181 -42.52 7.25 -25.22
C MET E 181 -44.01 7.53 -25.41
N LEU E 182 -44.84 6.54 -25.09
CA LEU E 182 -46.27 6.74 -25.20
C LEU E 182 -46.57 7.85 -24.21
N GLN E 183 -45.86 7.83 -23.09
CA GLN E 183 -46.03 8.85 -22.08
C GLN E 183 -45.38 10.16 -22.50
N GLY E 184 -44.73 10.16 -23.65
CA GLY E 184 -44.09 11.38 -24.10
C GLY E 184 -42.75 11.65 -23.43
N LYS E 185 -42.34 10.74 -22.56
CA LYS E 185 -41.08 10.84 -21.84
C LYS E 185 -39.92 10.35 -22.74
N PHE E 186 -39.75 11.02 -23.88
CA PHE E 186 -38.74 10.61 -24.82
C PHE E 186 -37.34 10.63 -24.29
N ASP E 187 -37.06 11.63 -23.45
CA ASP E 187 -35.73 11.71 -22.90
C ASP E 187 -35.50 10.55 -21.98
N ASP E 188 -36.30 10.40 -20.94
CA ASP E 188 -36.09 9.26 -20.05
C ASP E 188 -35.79 8.05 -20.93
N ALA E 189 -36.64 7.84 -21.91
CA ALA E 189 -36.51 6.73 -22.83
C ALA E 189 -35.10 6.55 -23.34
N TYR E 190 -34.54 7.61 -23.92
CA TYR E 190 -33.19 7.54 -24.45
C TYR E 190 -32.14 7.31 -23.36
N GLN E 191 -32.16 8.14 -22.32
CA GLN E 191 -31.22 8.01 -21.24
C GLN E 191 -31.14 6.61 -20.63
N LEU E 192 -32.28 5.94 -20.47
CA LEU E 192 -32.28 4.62 -19.87
C LEU E 192 -32.09 3.44 -20.79
N HIS E 193 -32.33 3.62 -22.07
CA HIS E 193 -32.22 2.49 -22.98
C HIS E 193 -31.74 2.92 -24.32
N GLN E 194 -31.15 4.11 -24.31
CA GLN E 194 -30.61 4.74 -25.50
C GLN E 194 -31.37 4.48 -26.75
N MET E 195 -32.70 4.60 -26.66
CA MET E 195 -33.59 4.43 -27.81
C MET E 195 -34.10 5.84 -28.08
N GLY E 196 -33.58 6.45 -29.14
CA GLY E 196 -33.98 7.79 -29.48
C GLY E 196 -32.78 8.60 -29.87
N GLY E 197 -32.81 9.89 -29.59
CA GLY E 197 -31.66 10.68 -29.92
C GLY E 197 -31.61 11.14 -31.34
N ALA E 198 -30.92 10.39 -32.21
CA ALA E 198 -30.78 10.82 -33.59
C ALA E 198 -30.05 9.88 -34.49
N TYR E 199 -30.25 10.11 -35.77
CA TYR E 199 -29.57 9.33 -36.77
C TYR E 199 -28.23 10.06 -36.92
N TYR E 200 -27.21 9.33 -37.37
CA TYR E 200 -25.89 9.91 -37.57
C TYR E 200 -25.64 9.87 -39.08
N VAL E 201 -25.60 11.03 -39.71
CA VAL E 201 -25.39 11.05 -41.16
C VAL E 201 -24.13 10.41 -41.69
N VAL E 202 -24.31 9.43 -42.57
CA VAL E 202 -23.20 8.74 -43.20
C VAL E 202 -23.33 8.88 -44.73
N TYR E 203 -22.22 9.29 -45.35
CA TYR E 203 -22.12 9.53 -46.78
C TYR E 203 -21.69 8.39 -47.70
N ARG E 204 -22.59 7.46 -48.04
CA ARG E 204 -22.25 6.41 -49.01
C ARG E 204 -22.08 7.10 -50.37
N ALA E 205 -20.88 7.04 -50.95
CA ALA E 205 -20.66 7.69 -52.22
C ALA E 205 -20.95 6.75 -53.37
N GLN E 206 -21.63 7.25 -54.40
CA GLN E 206 -21.99 6.48 -55.59
C GLN E 206 -20.96 6.92 -56.62
N SER E 207 -19.97 6.06 -56.77
CA SER E 207 -18.81 6.23 -57.64
C SER E 207 -19.05 6.56 -59.09
N THR E 208 -20.30 6.51 -59.52
CA THR E 208 -20.53 6.75 -60.93
C THR E 208 -21.88 7.29 -61.24
N ASP E 209 -21.86 8.49 -61.78
CA ASP E 209 -23.07 9.20 -62.13
C ASP E 209 -22.93 9.58 -63.59
N ALA E 210 -23.95 10.21 -64.14
CA ALA E 210 -23.91 10.63 -65.54
C ALA E 210 -22.72 11.55 -65.86
N ILE E 211 -22.08 11.28 -66.99
CA ILE E 211 -20.96 12.08 -67.48
C ILE E 211 -21.08 11.96 -68.97
N THR E 212 -21.06 13.09 -69.67
CA THR E 212 -21.18 13.05 -71.12
C THR E 212 -20.19 13.83 -71.90
N LEU E 213 -20.11 13.46 -73.17
CA LEU E 213 -19.19 14.10 -74.05
C LEU E 213 -19.95 14.90 -75.07
N ASP E 214 -19.83 16.21 -74.92
CA ASP E 214 -20.45 17.19 -75.81
C ASP E 214 -19.59 17.17 -77.06
N PRO E 215 -20.06 16.49 -78.13
CA PRO E 215 -19.27 16.44 -79.37
C PRO E 215 -18.87 17.84 -79.79
N LYS E 216 -19.80 18.77 -79.61
CA LYS E 216 -19.61 20.18 -79.95
C LYS E 216 -18.31 20.75 -79.37
N THR E 217 -18.20 20.78 -78.04
CA THR E 217 -16.99 21.31 -77.39
C THR E 217 -15.81 20.35 -77.51
N GLY E 218 -15.98 19.13 -77.03
CA GLY E 218 -14.90 18.20 -77.07
C GLY E 218 -14.57 17.88 -75.62
N LYS E 219 -15.17 18.64 -74.70
CA LYS E 219 -14.96 18.39 -73.28
C LYS E 219 -16.17 17.68 -72.66
N PHE E 220 -15.95 17.10 -71.47
CA PHE E 220 -16.95 16.33 -70.77
C PHE E 220 -17.85 17.14 -69.82
N VAL E 221 -18.96 16.52 -69.45
CA VAL E 221 -19.90 17.17 -68.54
C VAL E 221 -20.47 16.27 -67.46
N SER E 222 -20.52 16.79 -66.24
CA SER E 222 -21.03 16.01 -65.13
C SER E 222 -22.46 16.37 -64.74
N LYS E 223 -23.34 15.38 -64.71
CA LYS E 223 -24.73 15.58 -64.35
C LYS E 223 -24.88 16.38 -63.07
N ASP E 224 -25.29 17.63 -63.16
CA ASP E 224 -25.43 18.42 -61.95
C ASP E 224 -26.28 17.68 -60.94
N ARG E 225 -25.91 17.82 -59.68
CA ARG E 225 -26.62 17.19 -58.57
C ARG E 225 -26.99 18.27 -57.56
N MET E 226 -28.30 18.41 -57.33
CA MET E 226 -28.83 19.43 -56.42
C MET E 226 -28.72 19.07 -54.97
N VAL E 227 -28.30 20.05 -54.17
CA VAL E 227 -28.09 19.86 -52.75
C VAL E 227 -28.67 21.03 -51.97
N ALA E 228 -29.39 20.77 -50.90
CA ALA E 228 -29.95 21.89 -50.17
C ALA E 228 -29.01 22.31 -49.06
N ASP E 229 -28.74 23.61 -49.00
CA ASP E 229 -27.88 24.17 -47.98
C ASP E 229 -28.65 24.18 -46.66
N PHE E 230 -27.94 24.42 -45.56
CA PHE E 230 -28.58 24.40 -44.27
C PHE E 230 -29.91 25.14 -44.17
N GLU E 231 -29.88 26.43 -44.48
CA GLU E 231 -31.07 27.25 -44.39
C GLU E 231 -32.24 26.61 -45.11
N TYR E 232 -31.96 25.99 -46.24
CA TYR E 232 -33.02 25.36 -46.97
C TYR E 232 -33.57 24.19 -46.17
N ALA E 233 -32.70 23.26 -45.84
CA ALA E 233 -33.07 22.07 -45.09
C ALA E 233 -33.87 22.29 -43.81
N VAL E 234 -33.58 23.37 -43.10
CA VAL E 234 -34.25 23.62 -41.81
C VAL E 234 -35.64 24.14 -41.98
N THR E 235 -35.80 24.90 -43.03
CA THR E 235 -37.07 25.52 -43.36
C THR E 235 -37.88 24.65 -44.30
N GLY E 236 -37.31 23.50 -44.66
CA GLY E 236 -38.01 22.59 -45.54
C GLY E 236 -38.30 23.09 -46.92
N GLY E 237 -37.51 24.06 -47.38
CA GLY E 237 -37.71 24.62 -48.71
C GLY E 237 -38.07 26.09 -48.68
N GLU E 238 -38.65 26.54 -47.57
CA GLU E 238 -39.06 27.94 -47.38
C GLU E 238 -37.99 28.93 -47.78
N GLN E 239 -36.83 28.89 -47.14
CA GLN E 239 -35.79 29.82 -47.54
C GLN E 239 -34.65 29.03 -48.05
N GLY E 240 -33.46 29.57 -47.87
CA GLY E 240 -32.28 28.89 -48.33
C GLY E 240 -32.36 28.58 -49.80
N SER E 241 -31.26 28.10 -50.33
CA SER E 241 -31.20 27.75 -51.73
C SER E 241 -31.02 26.26 -51.92
N LEU E 242 -31.06 25.85 -53.18
CA LEU E 242 -30.93 24.48 -53.57
C LEU E 242 -30.18 24.56 -54.88
N PHE E 243 -28.87 24.33 -54.83
CA PHE E 243 -28.00 24.41 -55.99
C PHE E 243 -27.30 23.12 -56.32
N ALA E 244 -26.41 23.17 -57.31
CA ALA E 244 -25.68 21.99 -57.71
C ALA E 244 -24.37 21.87 -56.94
N ALA E 245 -24.04 20.64 -56.54
CA ALA E 245 -22.81 20.42 -55.80
C ALA E 245 -21.67 20.62 -56.80
N SER E 246 -20.47 20.93 -56.32
CA SER E 246 -19.36 21.15 -57.24
C SER E 246 -18.46 19.97 -57.60
N LYS E 247 -18.86 19.18 -58.59
CA LYS E 247 -18.06 18.02 -58.97
C LYS E 247 -16.73 18.27 -59.67
N ASP E 248 -16.29 19.51 -59.79
CA ASP E 248 -15.01 19.77 -60.46
C ASP E 248 -13.83 19.20 -59.71
N ALA E 249 -13.04 18.38 -60.41
CA ALA E 249 -11.88 17.73 -59.80
C ALA E 249 -10.58 18.49 -59.93
N SER E 250 -10.61 19.63 -60.59
CA SER E 250 -9.39 20.39 -60.76
C SER E 250 -8.76 20.70 -59.44
N ARG E 251 -9.57 21.12 -58.48
CA ARG E 251 -9.03 21.44 -57.18
C ARG E 251 -7.94 20.44 -56.77
N LEU E 252 -8.24 19.14 -56.88
CA LEU E 252 -7.31 18.07 -56.52
C LEU E 252 -5.84 18.34 -56.85
N LYS E 253 -5.60 19.04 -57.95
CA LYS E 253 -4.23 19.36 -58.33
C LYS E 253 -3.64 20.35 -57.35
N GLU E 254 -4.21 21.55 -57.33
CA GLU E 254 -3.72 22.58 -56.42
C GLU E 254 -3.69 22.12 -54.97
N GLN E 255 -4.72 21.38 -54.57
CA GLN E 255 -4.82 20.89 -53.20
C GLN E 255 -3.83 19.80 -52.85
N TYR E 256 -3.93 18.68 -53.53
CA TYR E 256 -3.09 17.53 -53.24
C TYR E 256 -2.05 17.20 -54.29
N GLY E 257 -1.85 18.09 -55.24
CA GLY E 257 -0.88 17.85 -56.28
C GLY E 257 -1.12 16.54 -57.02
N ILE E 258 -2.31 16.42 -57.59
CA ILE E 258 -2.69 15.22 -58.30
C ILE E 258 -3.07 15.61 -59.72
N ASP E 259 -2.46 14.95 -60.69
CA ASP E 259 -2.76 15.25 -62.09
C ASP E 259 -4.13 14.68 -62.37
N VAL E 260 -5.05 15.59 -62.68
CA VAL E 260 -6.42 15.26 -62.99
C VAL E 260 -6.59 15.39 -64.50
N PRO E 261 -6.82 14.28 -65.21
CA PRO E 261 -7.01 14.32 -66.67
C PRO E 261 -8.33 14.99 -67.03
N ASP E 262 -8.40 15.60 -68.21
CA ASP E 262 -9.65 16.25 -68.59
C ASP E 262 -10.80 15.29 -68.54
N GLY E 263 -11.93 15.77 -68.06
CA GLY E 263 -13.13 14.95 -68.02
C GLY E 263 -13.18 13.88 -66.94
N PHE E 264 -12.66 14.26 -65.78
CA PHE E 264 -12.67 13.39 -64.62
C PHE E 264 -13.26 14.28 -63.56
N PHE E 265 -14.19 13.73 -62.79
CA PHE E 265 -14.86 14.52 -61.76
C PHE E 265 -14.92 13.87 -60.40
N CYS E 266 -15.27 14.68 -59.41
CA CYS E 266 -15.45 14.21 -58.05
C CYS E 266 -16.72 13.40 -58.13
N GLU E 267 -16.91 12.48 -57.19
CA GLU E 267 -18.08 11.62 -57.22
C GLU E 267 -19.29 12.20 -56.52
N ARG E 268 -20.43 11.57 -56.78
CA ARG E 268 -21.69 11.99 -56.20
C ARG E 268 -21.75 11.41 -54.82
N ARG E 269 -22.26 12.17 -53.85
CA ARG E 269 -22.36 11.60 -52.52
C ARG E 269 -23.76 11.59 -51.95
N ARG E 270 -24.33 10.40 -51.86
CA ARG E 270 -25.66 10.25 -51.35
C ARG E 270 -25.52 10.25 -49.85
N THR E 271 -26.50 10.74 -49.13
CA THR E 271 -26.38 10.72 -47.69
C THR E 271 -27.18 9.54 -47.15
N ALA E 272 -26.96 9.15 -45.90
CA ALA E 272 -27.72 8.02 -45.32
C ALA E 272 -27.67 8.02 -43.78
N MET E 273 -28.75 7.58 -43.15
CA MET E 273 -28.84 7.57 -41.70
C MET E 273 -28.16 6.43 -40.92
N GLY E 274 -27.39 6.78 -39.89
CA GLY E 274 -26.76 5.78 -39.06
C GLY E 274 -27.72 5.66 -37.90
N GLY E 275 -28.47 4.57 -37.87
CA GLY E 275 -29.48 4.44 -36.82
C GLY E 275 -29.01 4.04 -35.45
N PRO E 276 -29.62 4.60 -34.39
CA PRO E 276 -29.29 4.30 -32.98
C PRO E 276 -29.66 2.84 -32.83
N PHE E 277 -28.65 1.98 -32.70
CA PHE E 277 -28.90 0.55 -32.60
C PHE E 277 -29.88 0.15 -31.52
N ALA E 278 -29.78 0.76 -30.35
CA ALA E 278 -30.69 0.41 -29.28
C ALA E 278 -32.13 0.33 -29.83
N LEU E 279 -32.48 1.30 -30.66
CA LEU E 279 -33.78 1.43 -31.28
C LEU E 279 -33.91 0.54 -32.52
N ASN E 280 -33.05 0.76 -33.50
CA ASN E 280 -33.06 -0.05 -34.72
C ASN E 280 -33.19 -1.57 -34.50
N ALA E 281 -32.74 -2.10 -33.37
CA ALA E 281 -32.79 -3.54 -33.15
C ALA E 281 -34.18 -4.12 -32.99
N PRO E 282 -34.95 -3.60 -32.02
CA PRO E 282 -36.31 -4.07 -31.77
C PRO E 282 -37.13 -4.00 -33.04
N ILE E 283 -36.70 -3.14 -33.96
CA ILE E 283 -37.37 -3.01 -35.25
C ILE E 283 -36.92 -4.10 -36.22
N MET E 284 -35.61 -4.29 -36.34
CA MET E 284 -35.11 -5.33 -37.22
C MET E 284 -35.69 -6.67 -36.79
N ALA E 285 -35.81 -6.85 -35.47
CA ALA E 285 -36.36 -8.08 -34.91
C ALA E 285 -37.70 -8.48 -35.57
N VAL E 286 -38.43 -7.48 -36.04
CA VAL E 286 -39.71 -7.72 -36.69
C VAL E 286 -39.53 -7.63 -38.21
N ALA E 287 -38.70 -6.68 -38.62
CA ALA E 287 -38.47 -6.45 -40.03
C ALA E 287 -38.09 -7.71 -40.78
N GLN E 288 -37.12 -8.45 -40.26
CA GLN E 288 -36.67 -9.67 -40.93
C GLN E 288 -37.77 -10.69 -41.08
N PRO E 289 -38.54 -10.94 -40.00
CA PRO E 289 -39.60 -11.93 -40.14
C PRO E 289 -40.58 -11.50 -41.25
N VAL E 290 -40.90 -10.20 -41.33
CA VAL E 290 -41.79 -9.73 -42.37
C VAL E 290 -41.13 -10.09 -43.68
N ARG E 291 -39.88 -9.67 -43.80
CA ARG E 291 -39.10 -9.95 -45.00
C ARG E 291 -39.30 -11.40 -45.41
N ASN E 292 -39.07 -12.31 -44.46
CA ASN E 292 -39.24 -13.72 -44.70
C ASN E 292 -40.61 -14.06 -45.24
N LYS E 293 -41.65 -13.38 -44.75
CA LYS E 293 -43.00 -13.66 -45.25
C LYS E 293 -43.16 -13.24 -46.67
N ILE E 294 -43.19 -11.93 -46.92
CA ILE E 294 -43.37 -11.44 -48.28
C ILE E 294 -42.44 -12.13 -49.27
N TYR E 295 -41.20 -12.46 -48.87
CA TYR E 295 -40.28 -13.13 -49.80
C TYR E 295 -40.66 -14.57 -50.06
N SER E 296 -41.46 -15.14 -49.18
CA SER E 296 -41.91 -16.50 -49.42
C SER E 296 -43.30 -16.39 -50.07
N LYS E 297 -44.37 -16.31 -49.27
CA LYS E 297 -45.72 -16.25 -49.83
C LYS E 297 -45.90 -15.32 -51.03
N TYR E 298 -45.35 -14.12 -50.98
CA TYR E 298 -45.53 -13.24 -52.11
C TYR E 298 -44.27 -13.17 -52.96
N ALA E 299 -43.63 -14.32 -53.05
CA ALA E 299 -42.41 -14.41 -53.82
C ALA E 299 -42.56 -14.02 -55.30
N TYR E 300 -43.78 -14.06 -55.82
CA TYR E 300 -43.92 -13.75 -57.23
C TYR E 300 -43.46 -12.34 -57.49
N THR E 301 -43.98 -11.41 -56.69
CA THR E 301 -43.66 -10.03 -56.94
C THR E 301 -42.50 -9.48 -56.15
N PHE E 302 -42.09 -10.20 -55.11
CA PHE E 302 -41.01 -9.67 -54.25
C PHE E 302 -39.64 -10.32 -54.18
N HIS E 303 -39.57 -11.62 -54.37
CA HIS E 303 -38.34 -12.37 -54.29
C HIS E 303 -37.73 -12.69 -55.66
N HIS E 304 -36.67 -11.99 -56.02
CA HIS E 304 -36.03 -12.21 -57.32
C HIS E 304 -34.55 -12.49 -57.08
N THR E 305 -34.09 -13.65 -57.54
CA THR E 305 -32.70 -14.06 -57.36
C THR E 305 -31.84 -13.96 -58.61
N THR E 306 -32.11 -14.82 -59.59
CA THR E 306 -31.30 -14.81 -60.82
C THR E 306 -31.91 -14.12 -61.99
N ARG E 307 -31.07 -13.84 -62.98
CA ARG E 307 -31.58 -13.16 -64.15
C ARG E 307 -32.49 -14.07 -64.94
N LEU E 308 -32.43 -15.38 -64.69
CA LEU E 308 -33.32 -16.28 -65.43
C LEU E 308 -34.60 -16.40 -64.64
N ASN E 309 -34.47 -16.31 -63.34
CA ASN E 309 -35.62 -16.40 -62.48
C ASN E 309 -36.62 -15.28 -62.80
N LYS E 310 -36.11 -14.08 -63.05
CA LYS E 310 -36.93 -12.93 -63.41
C LYS E 310 -37.52 -13.22 -64.77
N GLU E 311 -36.62 -13.44 -65.73
CA GLU E 311 -36.97 -13.77 -67.11
C GLU E 311 -38.23 -14.63 -67.17
N GLU E 312 -38.26 -15.68 -66.36
CA GLU E 312 -39.39 -16.58 -66.28
C GLU E 312 -40.69 -15.79 -66.27
N LYS E 313 -40.91 -15.04 -65.18
CA LYS E 313 -42.13 -14.24 -64.98
C LYS E 313 -42.49 -13.25 -66.09
N VAL E 314 -41.51 -12.48 -66.52
CA VAL E 314 -41.74 -11.48 -67.54
C VAL E 314 -42.00 -12.08 -68.92
N LYS E 315 -41.53 -13.31 -69.14
CA LYS E 315 -41.71 -13.98 -70.43
C LYS E 315 -43.19 -14.10 -70.76
N GLU E 316 -44.01 -14.31 -69.73
CA GLU E 316 -45.43 -14.49 -69.92
C GLU E 316 -46.29 -13.23 -69.97
N TRP E 317 -45.68 -12.08 -69.89
CA TRP E 317 -46.49 -10.89 -69.94
C TRP E 317 -46.69 -10.51 -71.39
N SER E 318 -47.67 -9.66 -71.65
CA SER E 318 -47.91 -9.24 -73.02
C SER E 318 -47.40 -7.83 -73.10
N LEU E 319 -47.17 -7.25 -71.94
CA LEU E 319 -46.63 -5.92 -71.88
C LEU E 319 -45.85 -5.80 -70.60
N CYS E 320 -44.69 -5.16 -70.71
CA CYS E 320 -43.82 -4.96 -69.58
C CYS E 320 -43.30 -3.55 -69.53
N VAL E 321 -43.68 -2.83 -68.49
CA VAL E 321 -43.20 -1.47 -68.33
C VAL E 321 -42.19 -1.31 -67.18
N ALA E 322 -41.04 -0.73 -67.53
CA ALA E 322 -39.99 -0.50 -66.56
C ALA E 322 -40.19 0.92 -66.06
N THR E 323 -40.68 1.04 -64.83
CA THR E 323 -40.94 2.32 -64.19
C THR E 323 -39.73 2.87 -63.47
N ASP E 324 -39.84 4.12 -63.03
CA ASP E 324 -38.76 4.80 -62.32
C ASP E 324 -39.16 6.02 -61.47
N VAL E 325 -38.78 6.00 -60.20
CA VAL E 325 -39.07 7.09 -59.27
C VAL E 325 -37.78 7.79 -58.97
N SER E 326 -37.72 9.11 -58.88
CA SER E 326 -36.42 9.66 -58.53
C SER E 326 -36.49 10.30 -57.16
N ASP E 327 -35.40 10.13 -56.41
CA ASP E 327 -35.29 10.65 -55.07
C ASP E 327 -36.42 10.12 -54.20
N HIS E 328 -36.57 8.80 -54.25
CA HIS E 328 -37.57 8.08 -53.49
C HIS E 328 -37.60 8.36 -52.00
N ASP E 329 -36.42 8.37 -51.39
CA ASP E 329 -36.27 8.56 -49.95
C ASP E 329 -36.75 9.88 -49.39
N THR E 330 -36.35 10.97 -50.02
CA THR E 330 -36.76 12.25 -49.49
C THR E 330 -38.24 12.52 -49.74
N PHE E 331 -38.84 11.82 -50.70
CA PHE E 331 -40.26 12.00 -51.00
C PHE E 331 -41.18 11.13 -50.17
N TRP E 332 -40.69 9.99 -49.73
CA TRP E 332 -41.51 9.09 -48.95
C TRP E 332 -42.41 9.86 -47.97
N PRO E 333 -43.74 9.66 -48.06
CA PRO E 333 -44.77 10.31 -47.24
C PRO E 333 -44.80 10.00 -45.75
N GLY E 334 -44.81 11.05 -44.94
CA GLY E 334 -44.84 10.87 -43.50
C GLY E 334 -46.10 10.13 -43.12
N TRP E 335 -47.17 10.46 -43.84
CA TRP E 335 -48.43 9.83 -43.55
C TRP E 335 -48.46 8.34 -43.83
N LEU E 336 -47.62 7.84 -44.74
CA LEU E 336 -47.66 6.39 -44.92
C LEU E 336 -47.17 5.74 -43.62
N ARG E 337 -46.27 6.44 -42.92
CA ARG E 337 -45.76 5.97 -41.66
C ARG E 337 -46.92 5.91 -40.68
N ASP E 338 -47.59 7.05 -40.49
CA ASP E 338 -48.70 7.07 -39.55
C ASP E 338 -49.82 6.11 -39.98
N LEU E 339 -50.11 6.00 -41.27
CA LEU E 339 -51.15 5.07 -41.74
C LEU E 339 -50.78 3.69 -41.23
N ILE E 340 -49.56 3.28 -41.58
CA ILE E 340 -49.04 1.99 -41.19
C ILE E 340 -49.10 1.66 -39.69
N CYS E 341 -48.66 2.59 -38.86
CA CYS E 341 -48.71 2.36 -37.43
C CYS E 341 -50.14 2.12 -37.01
N ASP E 342 -51.03 2.97 -37.52
CA ASP E 342 -52.46 2.85 -37.21
C ASP E 342 -52.98 1.47 -37.55
N GLU E 343 -52.72 1.02 -38.77
CA GLU E 343 -53.17 -0.32 -39.15
C GLU E 343 -52.54 -1.37 -38.23
N LEU E 344 -51.24 -1.26 -37.99
CA LEU E 344 -50.53 -2.19 -37.11
C LEU E 344 -51.19 -2.23 -35.75
N LEU E 345 -51.62 -1.08 -35.24
CA LEU E 345 -52.30 -1.10 -33.95
C LEU E 345 -53.60 -1.89 -34.07
N ASN E 346 -54.38 -1.57 -35.11
CA ASN E 346 -55.65 -2.26 -35.35
C ASN E 346 -55.34 -3.75 -35.38
N MET E 347 -54.41 -4.18 -36.24
CA MET E 347 -54.06 -5.61 -36.29
C MET E 347 -53.77 -6.22 -34.91
N GLY E 348 -53.47 -5.37 -33.92
CA GLY E 348 -53.19 -5.86 -32.57
C GLY E 348 -51.75 -5.91 -32.10
N TYR E 349 -50.88 -5.15 -32.74
CA TYR E 349 -49.48 -5.09 -32.35
C TYR E 349 -49.36 -4.28 -31.08
N ALA E 350 -48.64 -4.80 -30.11
CA ALA E 350 -48.42 -4.06 -28.87
C ALA E 350 -48.03 -2.60 -29.20
N PRO E 351 -48.76 -1.63 -28.61
CA PRO E 351 -48.61 -0.18 -28.74
C PRO E 351 -47.18 0.35 -28.64
N TRP E 352 -46.55 0.03 -27.51
CA TRP E 352 -45.17 0.45 -27.24
C TRP E 352 -44.25 0.13 -28.42
N TRP E 353 -44.41 -1.04 -29.01
CA TRP E 353 -43.57 -1.38 -30.14
C TRP E 353 -43.90 -0.48 -31.32
N VAL E 354 -45.20 -0.36 -31.62
CA VAL E 354 -45.59 0.50 -32.71
C VAL E 354 -45.03 1.90 -32.39
N LYS E 355 -45.20 2.33 -31.14
CA LYS E 355 -44.67 3.63 -30.78
C LYS E 355 -43.17 3.73 -31.08
N LEU E 356 -42.41 2.64 -30.84
CA LEU E 356 -40.97 2.63 -31.15
C LEU E 356 -40.86 2.87 -32.63
N PHE E 357 -41.57 2.04 -33.39
CA PHE E 357 -41.54 2.15 -34.85
C PHE E 357 -41.80 3.57 -35.33
N GLU E 358 -42.89 4.17 -34.86
CA GLU E 358 -43.24 5.51 -35.29
C GLU E 358 -42.08 6.49 -35.07
N THR E 359 -41.71 6.60 -33.80
CA THR E 359 -40.63 7.47 -33.35
C THR E 359 -39.41 7.29 -34.20
N SER E 360 -39.11 6.04 -34.48
CA SER E 360 -37.98 5.67 -35.30
C SER E 360 -38.04 6.38 -36.63
N LEU E 361 -39.26 6.63 -37.10
CA LEU E 361 -39.47 7.25 -38.39
C LEU E 361 -39.71 8.72 -38.45
N LYS E 362 -39.48 9.38 -37.31
CA LYS E 362 -39.61 10.81 -37.26
C LYS E 362 -38.56 11.36 -36.31
N LEU E 363 -37.39 10.73 -36.33
CA LEU E 363 -36.31 11.08 -35.42
C LEU E 363 -35.42 12.18 -35.96
N PRO E 364 -34.71 12.91 -35.08
CA PRO E 364 -33.84 13.98 -35.53
C PRO E 364 -32.61 13.34 -36.13
N VAL E 365 -31.82 14.15 -36.82
CA VAL E 365 -30.61 13.63 -37.42
C VAL E 365 -29.45 14.58 -37.18
N TYR E 366 -28.32 13.99 -36.81
CA TYR E 366 -27.09 14.72 -36.54
C TYR E 366 -26.34 14.75 -37.85
N VAL E 367 -26.05 15.95 -38.35
CA VAL E 367 -25.31 16.06 -39.60
C VAL E 367 -23.84 16.18 -39.30
N GLY E 368 -23.08 15.22 -39.82
CA GLY E 368 -21.64 15.18 -39.59
C GLY E 368 -20.91 16.32 -40.25
N ALA E 369 -20.35 16.03 -41.41
CA ALA E 369 -19.61 17.05 -42.12
C ALA E 369 -19.81 16.93 -43.63
N PRO E 370 -20.82 17.64 -44.16
CA PRO E 370 -21.26 17.73 -45.55
C PRO E 370 -20.24 18.36 -46.47
N ALA E 371 -19.38 19.17 -45.87
CA ALA E 371 -18.37 19.87 -46.63
C ALA E 371 -17.39 20.46 -45.66
N PRO E 372 -16.26 20.97 -46.17
CA PRO E 372 -15.25 21.57 -45.30
C PRO E 372 -15.92 22.74 -44.62
N GLU E 373 -15.70 22.89 -43.31
CA GLU E 373 -16.30 23.97 -42.57
C GLU E 373 -17.82 23.86 -42.41
N GLN E 374 -18.35 22.65 -42.31
CA GLN E 374 -19.78 22.50 -42.13
C GLN E 374 -20.20 21.30 -41.33
N GLY E 375 -21.34 21.40 -40.67
CA GLY E 375 -21.83 20.26 -39.93
C GLY E 375 -21.81 20.38 -38.43
N HIS E 376 -21.63 19.25 -37.78
CA HIS E 376 -21.61 19.27 -36.34
C HIS E 376 -22.79 20.05 -35.88
N THR E 377 -23.92 19.78 -36.53
CA THR E 377 -25.19 20.41 -36.18
C THR E 377 -26.19 19.27 -36.02
N LEU E 378 -27.09 19.37 -35.05
CA LEU E 378 -28.09 18.35 -34.85
C LEU E 378 -29.44 18.94 -35.25
N LEU E 379 -30.12 18.38 -36.25
CA LEU E 379 -31.42 18.90 -36.67
C LEU E 379 -32.59 18.22 -35.98
N GLY E 380 -33.45 19.03 -35.38
CA GLY E 380 -34.61 18.49 -34.70
C GLY E 380 -34.32 18.19 -33.26
N ASP E 381 -35.25 18.55 -32.40
CA ASP E 381 -35.07 18.31 -30.99
C ASP E 381 -35.38 16.85 -30.75
N PRO E 382 -34.50 16.12 -30.06
CA PRO E 382 -34.66 14.70 -29.75
C PRO E 382 -35.57 14.45 -28.60
N SER E 383 -36.01 15.50 -27.93
CA SER E 383 -36.88 15.33 -26.77
C SER E 383 -38.28 15.21 -27.28
N ASN E 384 -38.45 15.67 -28.52
CA ASN E 384 -39.76 15.62 -29.13
C ASN E 384 -39.67 15.33 -30.60
N PRO E 385 -39.43 14.07 -30.91
CA PRO E 385 -39.30 13.59 -32.28
C PRO E 385 -40.47 14.05 -33.15
N ASP E 386 -40.18 14.91 -34.14
CA ASP E 386 -41.20 15.47 -35.05
C ASP E 386 -40.61 15.85 -36.41
N LEU E 387 -39.68 15.06 -36.91
CA LEU E 387 -39.12 15.38 -38.21
C LEU E 387 -39.96 14.65 -39.24
N GLU E 388 -39.83 15.08 -40.49
CA GLU E 388 -40.51 14.48 -41.64
C GLU E 388 -39.44 14.48 -42.71
N VAL E 389 -38.41 13.67 -42.52
CA VAL E 389 -37.30 13.66 -43.46
C VAL E 389 -37.56 12.80 -44.64
N GLY E 390 -38.68 12.11 -44.56
CA GLY E 390 -39.04 11.19 -45.60
C GLY E 390 -38.72 9.84 -44.97
N LEU E 391 -37.89 9.06 -45.65
CA LEU E 391 -37.54 7.73 -45.16
C LEU E 391 -36.09 7.59 -44.68
N SER E 392 -35.84 7.72 -43.39
CA SER E 392 -34.45 7.63 -42.88
C SER E 392 -33.81 6.30 -43.15
N SER E 393 -33.03 6.22 -44.21
CA SER E 393 -32.35 4.99 -44.61
C SER E 393 -31.76 4.06 -43.53
N GLY E 394 -31.09 4.59 -42.52
CA GLY E 394 -30.54 3.70 -41.53
C GLY E 394 -31.58 2.83 -40.85
N GLN E 395 -32.81 3.30 -40.82
CA GLN E 395 -33.91 2.59 -40.16
C GLN E 395 -33.96 1.10 -40.43
N GLY E 396 -34.32 0.37 -39.39
CA GLY E 396 -34.37 -1.08 -39.45
C GLY E 396 -35.14 -1.72 -40.58
N ALA E 397 -36.17 -1.06 -41.08
CA ALA E 397 -37.03 -1.59 -42.13
C ALA E 397 -37.17 -0.70 -43.35
N THR E 398 -36.15 0.08 -43.65
CA THR E 398 -36.23 0.98 -44.78
C THR E 398 -36.59 0.30 -46.06
N ASP E 399 -36.22 -0.97 -46.20
CA ASP E 399 -36.59 -1.62 -47.45
C ASP E 399 -38.09 -1.94 -47.44
N LEU E 400 -38.63 -2.35 -46.31
CA LEU E 400 -40.03 -2.66 -46.25
C LEU E 400 -40.85 -1.41 -46.45
N MET E 401 -40.39 -0.29 -45.92
CA MET E 401 -41.14 0.96 -46.09
C MET E 401 -41.22 1.31 -47.56
N GLY E 402 -40.10 1.24 -48.25
CA GLY E 402 -40.12 1.56 -49.65
C GLY E 402 -40.99 0.62 -50.47
N THR E 403 -41.20 -0.62 -50.06
CA THR E 403 -42.02 -1.48 -50.89
C THR E 403 -43.50 -1.31 -50.56
N LEU E 404 -43.83 -1.47 -49.28
CA LEU E 404 -45.20 -1.28 -48.83
C LEU E 404 -45.70 -0.04 -49.55
N LEU E 405 -44.88 0.99 -49.72
CA LEU E 405 -45.32 2.19 -50.44
C LEU E 405 -45.47 1.93 -51.95
N MET E 406 -44.36 1.85 -52.66
CA MET E 406 -44.39 1.65 -54.10
C MET E 406 -45.16 0.44 -54.63
N SER E 407 -45.22 -0.67 -53.90
CA SER E 407 -45.97 -1.78 -54.46
C SER E 407 -47.41 -1.28 -54.65
N ILE E 408 -48.07 -0.88 -53.57
CA ILE E 408 -49.43 -0.36 -53.67
C ILE E 408 -49.49 0.81 -54.65
N THR E 409 -48.55 1.73 -54.57
CA THR E 409 -48.53 2.86 -55.50
C THR E 409 -48.67 2.41 -56.94
N TYR E 410 -47.86 1.43 -57.32
CA TYR E 410 -47.88 0.92 -58.69
C TYR E 410 -49.15 0.22 -59.06
N LEU E 411 -49.63 -0.63 -58.17
CA LEU E 411 -50.88 -1.35 -58.39
C LEU E 411 -51.98 -0.31 -58.61
N VAL E 412 -51.93 0.77 -57.82
CA VAL E 412 -52.90 1.84 -57.95
C VAL E 412 -52.66 2.56 -59.27
N MET E 413 -51.45 2.51 -59.77
CA MET E 413 -51.23 3.18 -61.03
C MET E 413 -51.84 2.32 -62.12
N GLN E 414 -51.98 1.04 -61.86
CA GLN E 414 -52.53 0.15 -62.87
C GLN E 414 -54.05 0.18 -62.78
N LEU E 415 -54.56 0.24 -61.55
CA LEU E 415 -55.99 0.24 -61.36
C LEU E 415 -56.50 1.51 -61.98
N ASP E 416 -55.79 2.59 -61.72
CA ASP E 416 -56.20 3.88 -62.26
C ASP E 416 -56.22 3.96 -63.77
N HIS E 417 -55.15 3.57 -64.44
CA HIS E 417 -55.15 3.72 -65.89
C HIS E 417 -55.39 2.52 -66.77
N THR E 418 -55.68 1.36 -66.21
CA THR E 418 -55.84 0.22 -67.10
C THR E 418 -56.82 -0.83 -66.62
N ALA E 419 -57.30 -0.73 -65.39
CA ALA E 419 -58.16 -1.80 -64.96
C ALA E 419 -59.31 -1.45 -64.02
N PRO E 420 -60.08 -0.40 -64.38
CA PRO E 420 -61.24 0.12 -63.63
C PRO E 420 -62.16 -1.03 -63.29
N HIS E 421 -62.30 -1.91 -64.25
CA HIS E 421 -63.15 -3.05 -64.10
C HIS E 421 -62.75 -3.91 -62.92
N LEU E 422 -61.66 -3.55 -62.26
CA LEU E 422 -61.23 -4.33 -61.13
C LEU E 422 -61.64 -3.77 -59.78
N ASN E 423 -61.92 -2.47 -59.74
CA ASN E 423 -62.26 -1.78 -58.50
C ASN E 423 -63.32 -2.43 -57.66
N SER E 424 -64.37 -2.91 -58.30
CA SER E 424 -65.47 -3.61 -57.64
C SER E 424 -65.03 -4.77 -56.79
N ARG E 425 -63.77 -5.16 -56.95
CA ARG E 425 -63.17 -6.28 -56.22
C ARG E 425 -62.63 -5.82 -54.87
N ILE E 426 -62.62 -4.50 -54.70
CA ILE E 426 -62.11 -3.88 -53.51
C ILE E 426 -63.21 -3.11 -52.82
N LYS E 427 -64.06 -3.82 -52.11
CA LYS E 427 -65.17 -3.18 -51.42
C LYS E 427 -64.83 -2.85 -49.96
N ASP E 428 -64.76 -3.87 -49.12
CA ASP E 428 -64.45 -3.70 -47.71
C ASP E 428 -62.96 -3.98 -47.47
N MET E 429 -62.56 -4.09 -46.21
CA MET E 429 -61.17 -4.37 -45.89
C MET E 429 -60.78 -5.73 -46.48
N PRO E 430 -61.45 -6.81 -46.02
CA PRO E 430 -61.22 -8.19 -46.47
C PRO E 430 -61.08 -8.34 -47.97
N SER E 431 -62.10 -7.89 -48.70
CA SER E 431 -62.09 -7.98 -50.15
C SER E 431 -60.75 -7.49 -50.66
N ALA E 432 -60.25 -6.43 -50.01
CA ALA E 432 -58.98 -5.81 -50.36
C ALA E 432 -57.84 -6.75 -50.06
N CYS E 433 -57.80 -7.30 -48.86
CA CYS E 433 -56.74 -8.22 -48.54
C CYS E 433 -56.77 -9.33 -49.57
N ARG E 434 -57.97 -9.84 -49.84
CA ARG E 434 -58.15 -10.92 -50.80
C ARG E 434 -57.61 -10.56 -52.16
N PHE E 435 -57.99 -9.37 -52.62
CA PHE E 435 -57.53 -8.93 -53.92
C PHE E 435 -56.03 -8.71 -53.98
N LEU E 436 -55.52 -7.98 -52.99
CA LEU E 436 -54.09 -7.68 -52.95
C LEU E 436 -53.32 -8.98 -52.89
N ASP E 437 -53.81 -9.89 -52.05
CA ASP E 437 -53.17 -11.17 -51.94
C ASP E 437 -53.07 -11.80 -53.31
N SER E 438 -54.16 -11.81 -54.06
CA SER E 438 -54.08 -12.41 -55.38
C SER E 438 -53.06 -11.68 -56.25
N TYR E 439 -53.19 -10.36 -56.30
CA TYR E 439 -52.31 -9.54 -57.12
C TYR E 439 -50.86 -9.87 -56.80
N TRP E 440 -50.50 -9.84 -55.52
CA TRP E 440 -49.12 -10.14 -55.14
C TRP E 440 -48.60 -11.52 -55.53
N GLN E 441 -49.45 -12.54 -55.49
CA GLN E 441 -49.00 -13.89 -55.88
C GLN E 441 -48.93 -13.97 -57.38
N GLY E 442 -49.20 -12.85 -58.05
CA GLY E 442 -49.12 -12.81 -59.50
C GLY E 442 -50.24 -13.53 -60.20
N HIS E 443 -51.44 -13.41 -59.65
CA HIS E 443 -52.60 -14.06 -60.22
C HIS E 443 -53.63 -13.18 -60.92
N GLU E 444 -53.34 -11.92 -61.19
CA GLU E 444 -54.33 -11.09 -61.88
C GLU E 444 -53.81 -10.78 -63.28
N GLU E 445 -54.60 -10.09 -64.11
CA GLU E 445 -54.12 -9.79 -65.47
C GLU E 445 -53.16 -8.63 -65.44
N ILE E 446 -53.02 -8.06 -64.25
CA ILE E 446 -52.05 -7.01 -64.04
C ILE E 446 -51.05 -7.62 -63.03
N ARG E 447 -49.77 -7.47 -63.32
CA ARG E 447 -48.76 -8.01 -62.46
C ARG E 447 -47.63 -7.09 -62.18
N GLN E 448 -46.90 -7.38 -61.12
CA GLN E 448 -45.83 -6.50 -60.75
C GLN E 448 -44.68 -7.26 -60.16
N ILE E 449 -43.47 -6.75 -60.35
CA ILE E 449 -42.28 -7.33 -59.72
C ILE E 449 -41.45 -6.14 -59.24
N SER E 450 -41.23 -6.06 -57.93
CA SER E 450 -40.48 -4.94 -57.38
C SER E 450 -39.58 -5.12 -56.16
N LYS E 451 -38.93 -4.01 -55.83
CA LYS E 451 -38.04 -3.89 -54.69
C LYS E 451 -38.11 -2.40 -54.44
N SER E 452 -38.75 -2.00 -53.35
CA SER E 452 -38.86 -0.59 -53.07
C SER E 452 -39.32 0.07 -54.36
N ASP E 453 -38.54 1.00 -54.89
CA ASP E 453 -38.98 1.66 -56.10
C ASP E 453 -38.55 1.06 -57.41
N ASP E 454 -37.83 -0.03 -57.40
CA ASP E 454 -37.46 -0.59 -58.69
C ASP E 454 -38.48 -1.66 -59.00
N ALA E 455 -39.11 -1.55 -60.16
CA ALA E 455 -40.09 -2.54 -60.54
C ALA E 455 -40.40 -2.58 -62.01
N MET E 456 -41.09 -3.64 -62.35
CA MET E 456 -41.54 -3.87 -63.68
C MET E 456 -43.00 -4.27 -63.64
N LEU E 457 -43.77 -3.40 -64.29
CA LEU E 457 -45.20 -3.54 -64.36
C LEU E 457 -45.59 -4.34 -65.59
N GLY E 458 -46.44 -5.34 -65.39
CA GLY E 458 -46.88 -6.14 -66.52
C GLY E 458 -48.38 -6.30 -66.67
N TRP E 459 -48.80 -6.61 -67.90
CA TRP E 459 -50.21 -6.87 -68.26
C TRP E 459 -50.25 -8.13 -69.09
N THR E 460 -51.20 -9.00 -68.80
CA THR E 460 -51.33 -10.25 -69.56
C THR E 460 -52.48 -10.01 -70.51
N LYS E 461 -52.69 -10.93 -71.47
CA LYS E 461 -53.79 -10.80 -72.43
C LYS E 461 -55.04 -10.63 -71.58
N GLY E 462 -55.75 -9.55 -71.82
CA GLY E 462 -56.95 -9.30 -71.05
C GLY E 462 -57.46 -7.92 -71.34
N ARG E 463 -58.42 -7.50 -70.52
CA ARG E 463 -59.01 -6.18 -70.67
C ARG E 463 -57.97 -5.08 -70.51
N ALA E 464 -57.39 -5.03 -69.31
CA ALA E 464 -56.39 -4.03 -68.95
C ALA E 464 -55.30 -3.84 -70.01
N LEU E 465 -54.91 -4.92 -70.66
CA LEU E 465 -53.87 -4.86 -71.68
C LEU E 465 -53.91 -3.63 -72.60
N VAL E 466 -55.09 -3.21 -73.01
CA VAL E 466 -55.12 -2.07 -73.91
C VAL E 466 -54.79 -0.83 -73.12
N GLY E 467 -55.29 -0.81 -71.89
CA GLY E 467 -55.06 0.32 -71.00
C GLY E 467 -53.57 0.45 -70.76
N GLY E 468 -52.95 -0.69 -70.45
CA GLY E 468 -51.52 -0.74 -70.21
C GLY E 468 -50.81 0.07 -71.27
N HIS E 469 -50.98 -0.32 -72.52
CA HIS E 469 -50.33 0.36 -73.61
C HIS E 469 -50.54 1.86 -73.58
N ARG E 470 -51.71 2.30 -73.10
CA ARG E 470 -51.97 3.73 -73.05
C ARG E 470 -51.07 4.36 -71.99
N LEU E 471 -51.01 3.70 -70.83
CA LEU E 471 -50.21 4.13 -69.69
C LEU E 471 -48.78 4.32 -70.16
N PHE E 472 -48.23 3.27 -70.76
CA PHE E 472 -46.88 3.29 -71.28
C PHE E 472 -46.68 4.52 -72.19
N GLU E 473 -47.67 4.77 -73.04
CA GLU E 473 -47.58 5.90 -73.95
C GLU E 473 -47.54 7.23 -73.15
N MET E 474 -48.28 7.24 -72.05
CA MET E 474 -48.37 8.39 -71.17
C MET E 474 -47.04 8.71 -70.49
N LEU E 475 -46.36 7.63 -70.11
CA LEU E 475 -45.07 7.74 -69.45
C LEU E 475 -44.05 8.19 -70.46
N LYS E 476 -44.24 7.84 -71.73
CA LYS E 476 -43.26 8.28 -72.71
C LYS E 476 -43.48 9.75 -72.95
N GLU E 477 -44.69 10.12 -73.35
CA GLU E 477 -44.94 11.52 -73.59
C GLU E 477 -44.57 12.21 -72.29
N GLY E 478 -44.80 11.50 -71.20
CA GLY E 478 -44.48 12.01 -69.87
C GLY E 478 -44.65 13.51 -69.67
N LYS E 479 -45.86 13.99 -69.89
CA LYS E 479 -46.15 15.39 -69.67
C LYS E 479 -47.00 15.38 -68.43
N VAL E 480 -47.52 14.19 -68.14
CA VAL E 480 -48.37 13.99 -66.97
C VAL E 480 -47.92 12.86 -66.05
N ASN E 481 -47.91 13.13 -64.75
CA ASN E 481 -47.52 12.10 -63.82
C ASN E 481 -48.73 11.22 -63.51
N PRO E 482 -48.63 9.94 -63.82
CA PRO E 482 -49.68 8.96 -63.61
C PRO E 482 -50.01 8.64 -62.16
N SER E 483 -49.30 9.22 -61.20
CA SER E 483 -49.62 8.88 -59.83
C SER E 483 -49.83 10.04 -58.93
N PRO E 484 -50.71 9.87 -57.96
CA PRO E 484 -50.98 10.95 -57.03
C PRO E 484 -50.01 10.89 -55.83
N TYR E 485 -49.26 9.80 -55.72
CA TYR E 485 -48.36 9.66 -54.59
C TYR E 485 -46.87 9.99 -54.75
N MET E 486 -46.29 9.56 -55.86
CA MET E 486 -44.90 9.80 -56.15
C MET E 486 -44.81 10.20 -57.59
N LYS E 487 -43.68 10.76 -58.00
CA LYS E 487 -43.52 11.12 -59.40
C LYS E 487 -42.89 9.91 -60.06
N ILE E 488 -43.66 9.27 -60.94
CA ILE E 488 -43.23 8.08 -61.67
C ILE E 488 -42.96 8.47 -63.12
N SER E 489 -42.23 7.62 -63.83
CA SER E 489 -41.91 7.81 -65.26
C SER E 489 -41.25 6.55 -65.81
N TYR E 490 -41.11 6.45 -67.13
CA TYR E 490 -40.51 5.27 -67.70
C TYR E 490 -39.00 5.31 -67.59
N GLU E 491 -38.39 4.16 -67.36
CA GLU E 491 -36.94 4.07 -67.23
C GLU E 491 -36.26 3.93 -68.59
N HIS E 492 -35.51 4.95 -69.03
CA HIS E 492 -34.84 4.87 -70.33
C HIS E 492 -33.82 3.73 -70.30
N GLY E 493 -34.08 2.68 -71.06
CA GLY E 493 -33.20 1.53 -71.05
C GLY E 493 -33.58 0.81 -69.77
N GLY E 494 -34.79 0.26 -69.77
CA GLY E 494 -35.28 -0.43 -68.60
C GLY E 494 -34.55 -1.68 -68.19
N ALA E 495 -34.39 -1.82 -66.88
CA ALA E 495 -33.77 -2.98 -66.28
C ALA E 495 -34.29 -3.12 -64.85
N PHE E 496 -34.27 -4.33 -64.32
CA PHE E 496 -34.77 -4.58 -62.99
C PHE E 496 -33.77 -5.31 -62.09
N LEU E 497 -33.47 -4.67 -60.96
CA LEU E 497 -32.58 -5.21 -59.98
C LEU E 497 -31.24 -5.61 -60.52
N GLY E 498 -30.66 -4.78 -61.38
CA GLY E 498 -29.33 -5.04 -61.90
C GLY E 498 -29.11 -5.77 -63.21
N ASP E 499 -30.18 -6.39 -63.70
CA ASP E 499 -30.11 -7.11 -64.96
C ASP E 499 -30.91 -6.30 -65.98
N ILE E 500 -30.42 -6.23 -67.21
CA ILE E 500 -31.09 -5.48 -68.24
C ILE E 500 -32.06 -6.33 -69.03
N LEU E 501 -33.24 -5.78 -69.27
CA LEU E 501 -34.25 -6.48 -70.03
C LEU E 501 -33.96 -6.23 -71.50
N LEU E 502 -33.47 -7.28 -72.15
CA LEU E 502 -33.08 -7.27 -73.58
C LEU E 502 -34.09 -7.79 -74.61
N TYR E 503 -34.90 -6.88 -75.16
CA TYR E 503 -35.88 -7.25 -76.15
C TYR E 503 -35.10 -7.44 -77.43
N ASP E 504 -35.81 -7.89 -78.47
CA ASP E 504 -35.23 -8.09 -79.81
C ASP E 504 -36.10 -7.24 -80.72
N SER E 505 -36.00 -7.46 -82.02
CA SER E 505 -36.78 -6.71 -83.00
C SER E 505 -38.30 -6.74 -82.73
N ARG E 506 -38.76 -7.86 -82.15
CA ARG E 506 -40.18 -8.05 -81.83
C ARG E 506 -40.63 -7.07 -80.74
N ARG E 507 -39.77 -6.82 -79.76
CA ARG E 507 -40.05 -5.89 -78.67
C ARG E 507 -41.19 -6.35 -77.79
N GLU E 508 -41.14 -7.60 -77.33
CA GLU E 508 -42.18 -8.14 -76.46
C GLU E 508 -41.66 -8.92 -75.27
N PRO E 509 -42.34 -8.81 -74.13
CA PRO E 509 -41.94 -9.52 -72.92
C PRO E 509 -41.72 -11.02 -73.19
N GLY E 510 -42.23 -11.47 -74.32
CA GLY E 510 -42.08 -12.87 -74.66
C GLY E 510 -40.70 -13.29 -75.10
N SER E 511 -40.22 -12.71 -76.18
CA SER E 511 -38.92 -13.07 -76.73
C SER E 511 -37.78 -12.25 -76.18
N ALA E 512 -38.01 -11.58 -75.05
CA ALA E 512 -36.98 -10.74 -74.47
C ALA E 512 -36.23 -11.51 -73.40
N ILE E 513 -34.99 -11.12 -73.13
CA ILE E 513 -34.23 -11.80 -72.09
C ILE E 513 -33.59 -10.81 -71.13
N PHE E 514 -33.17 -11.36 -69.98
CA PHE E 514 -32.51 -10.58 -68.94
C PHE E 514 -31.02 -10.89 -68.96
N VAL E 515 -30.20 -9.85 -68.90
CA VAL E 515 -28.76 -10.06 -68.91
C VAL E 515 -28.07 -9.07 -68.00
N GLY E 516 -27.13 -9.54 -67.21
CA GLY E 516 -26.43 -8.63 -66.33
C GLY E 516 -26.07 -7.34 -67.05
N ASN E 517 -26.08 -6.23 -66.33
CA ASN E 517 -25.75 -4.96 -66.97
C ASN E 517 -24.24 -4.86 -67.06
N ILE E 518 -23.71 -4.75 -68.27
CA ILE E 518 -22.26 -4.67 -68.45
C ILE E 518 -21.64 -3.44 -67.78
N ASN E 519 -22.31 -2.29 -67.89
CA ASN E 519 -21.80 -1.09 -67.28
C ASN E 519 -21.62 -1.34 -65.81
N SER E 520 -22.58 -2.05 -65.23
CA SER E 520 -22.51 -2.39 -63.82
C SER E 520 -21.22 -3.10 -63.53
N MET E 521 -20.81 -4.02 -64.41
CA MET E 521 -19.56 -4.77 -64.24
C MET E 521 -18.40 -3.81 -64.25
N LEU E 522 -18.31 -3.04 -65.33
CA LEU E 522 -17.25 -2.06 -65.41
C LEU E 522 -17.25 -1.21 -64.15
N ASN E 523 -18.36 -0.55 -63.83
CA ASN E 523 -18.36 0.27 -62.62
C ASN E 523 -17.88 -0.44 -61.36
N ASN E 524 -18.33 -1.67 -61.16
CA ASN E 524 -17.91 -2.41 -59.99
C ASN E 524 -16.43 -2.71 -59.98
N GLN E 525 -15.88 -3.08 -61.11
CA GLN E 525 -14.47 -3.42 -61.14
C GLN E 525 -13.51 -2.28 -61.11
N PHE E 526 -13.85 -1.15 -61.71
CA PHE E 526 -12.91 -0.04 -61.71
C PHE E 526 -13.39 1.19 -60.99
N SER E 527 -14.52 1.09 -60.31
CA SER E 527 -15.02 2.21 -59.55
C SER E 527 -15.71 1.82 -58.24
N PRO E 528 -15.05 1.01 -57.40
CA PRO E 528 -15.60 0.56 -56.12
C PRO E 528 -16.19 1.72 -55.36
N GLU E 529 -17.20 1.46 -54.53
CA GLU E 529 -17.82 2.50 -53.73
C GLU E 529 -16.94 2.72 -52.48
N TYR E 530 -16.21 1.69 -52.06
CA TYR E 530 -15.30 1.78 -50.89
C TYR E 530 -13.97 1.16 -51.32
N GLY E 531 -12.91 1.47 -50.60
CA GLY E 531 -11.61 0.90 -50.94
C GLY E 531 -11.49 -0.50 -50.38
N VAL E 532 -10.31 -1.10 -50.52
CA VAL E 532 -10.11 -2.45 -50.02
C VAL E 532 -9.80 -2.57 -48.54
N GLN E 533 -9.69 -1.45 -47.83
CA GLN E 533 -9.41 -1.46 -46.39
C GLN E 533 -8.38 -2.50 -46.01
N SER E 534 -7.20 -2.44 -46.60
CA SER E 534 -6.17 -3.44 -46.26
C SER E 534 -5.75 -3.25 -44.82
N GLY E 535 -6.13 -2.12 -44.24
CA GLY E 535 -5.79 -1.86 -42.86
C GLY E 535 -6.52 -2.81 -41.94
N VAL E 536 -7.81 -2.99 -42.18
CA VAL E 536 -8.65 -3.85 -41.35
C VAL E 536 -8.24 -5.30 -41.33
N ARG E 537 -7.78 -5.74 -40.16
CA ARG E 537 -7.32 -7.09 -39.96
C ARG E 537 -8.38 -8.13 -40.26
N ASP E 538 -9.53 -8.01 -39.60
CA ASP E 538 -10.62 -8.97 -39.82
C ASP E 538 -11.28 -8.66 -41.16
N ARG E 539 -11.07 -9.53 -42.15
CA ARG E 539 -11.65 -9.27 -43.46
C ARG E 539 -13.17 -9.26 -43.50
N SER E 540 -13.80 -9.96 -42.56
CA SER E 540 -15.24 -9.98 -42.55
C SER E 540 -15.82 -8.68 -42.03
N LYS E 541 -14.97 -7.77 -41.57
CA LYS E 541 -15.50 -6.48 -41.09
C LYS E 541 -15.33 -5.39 -42.15
N ARG E 542 -14.68 -5.76 -43.25
CA ARG E 542 -14.45 -4.81 -44.34
C ARG E 542 -15.66 -4.68 -45.26
N LYS E 543 -15.68 -3.60 -46.03
CA LYS E 543 -16.76 -3.41 -46.95
C LYS E 543 -16.58 -4.39 -48.09
N ARG E 544 -15.33 -4.72 -48.43
CA ARG E 544 -15.09 -5.70 -49.48
C ARG E 544 -14.18 -6.81 -48.92
N PRO E 545 -14.75 -7.71 -48.12
CA PRO E 545 -13.94 -8.78 -47.55
C PRO E 545 -13.04 -9.47 -48.56
N PHE E 546 -13.62 -9.99 -49.63
CA PHE E 546 -12.83 -10.70 -50.61
C PHE E 546 -13.01 -10.28 -52.04
N PRO E 547 -12.48 -9.10 -52.36
CA PRO E 547 -12.52 -8.44 -53.66
C PRO E 547 -12.23 -9.38 -54.78
N GLY E 548 -11.18 -10.16 -54.59
CA GLY E 548 -10.74 -11.10 -55.60
C GLY E 548 -11.75 -12.09 -56.14
N LEU E 549 -12.59 -12.65 -55.26
CA LEU E 549 -13.58 -13.65 -55.64
C LEU E 549 -14.54 -13.18 -56.72
N ALA E 550 -14.96 -11.93 -56.66
CA ALA E 550 -15.87 -11.41 -57.67
C ALA E 550 -15.47 -11.83 -59.09
N TRP E 551 -14.18 -12.09 -59.28
CA TRP E 551 -13.67 -12.49 -60.60
C TRP E 551 -14.25 -13.82 -61.04
N ALA E 552 -14.40 -14.74 -60.10
CA ALA E 552 -14.99 -16.07 -60.35
C ALA E 552 -16.45 -16.04 -60.83
N SER E 553 -17.27 -15.29 -60.11
CA SER E 553 -18.67 -15.15 -60.45
C SER E 553 -18.89 -14.18 -61.61
N MET E 554 -17.81 -13.62 -62.15
CA MET E 554 -17.93 -12.65 -63.26
C MET E 554 -18.53 -13.20 -64.56
N LYS E 555 -17.92 -14.25 -65.09
CA LYS E 555 -18.39 -14.84 -66.33
C LYS E 555 -19.85 -15.21 -66.12
N ASP E 556 -20.14 -15.70 -64.92
CA ASP E 556 -21.49 -16.05 -64.63
C ASP E 556 -22.47 -14.86 -64.62
N THR E 557 -22.25 -13.90 -63.74
CA THR E 557 -23.11 -12.74 -63.64
C THR E 557 -23.28 -11.94 -64.92
N TYR E 558 -22.16 -11.59 -65.54
CA TYR E 558 -22.20 -10.79 -66.75
C TYR E 558 -22.09 -11.58 -68.05
N GLY E 559 -21.92 -12.90 -67.94
CA GLY E 559 -21.79 -13.75 -69.11
C GLY E 559 -22.78 -13.45 -70.23
N ALA E 560 -24.07 -13.63 -69.94
CA ALA E 560 -25.15 -13.38 -70.89
C ALA E 560 -25.10 -12.06 -71.67
N CYS E 561 -24.31 -11.10 -71.23
CA CYS E 561 -24.28 -9.84 -71.96
C CYS E 561 -23.77 -10.05 -73.37
N PRO E 562 -24.36 -9.36 -74.34
CA PRO E 562 -23.95 -9.48 -75.74
C PRO E 562 -22.46 -9.13 -75.95
N ILE E 563 -22.10 -7.89 -75.73
CA ILE E 563 -20.73 -7.49 -75.94
C ILE E 563 -19.78 -7.92 -74.84
N TYR E 564 -20.15 -8.91 -74.04
CA TYR E 564 -19.28 -9.35 -72.97
C TYR E 564 -17.85 -9.57 -73.47
N SER E 565 -17.62 -10.73 -74.05
CA SER E 565 -16.32 -11.11 -74.59
C SER E 565 -15.51 -9.89 -75.01
N ASP E 566 -16.10 -9.04 -75.84
CA ASP E 566 -15.46 -7.84 -76.33
C ASP E 566 -14.91 -7.00 -75.20
N VAL E 567 -15.77 -6.60 -74.29
CA VAL E 567 -15.36 -5.77 -73.17
C VAL E 567 -14.12 -6.36 -72.52
N LEU E 568 -14.17 -7.64 -72.17
CA LEU E 568 -13.02 -8.28 -71.54
C LEU E 568 -11.72 -8.11 -72.29
N GLU E 569 -11.81 -7.92 -73.60
CA GLU E 569 -10.60 -7.72 -74.39
C GLU E 569 -10.24 -6.24 -74.33
N ALA E 570 -11.22 -5.37 -74.55
CA ALA E 570 -10.96 -3.93 -74.49
C ALA E 570 -10.17 -3.66 -73.22
N ILE E 571 -10.59 -4.30 -72.14
CA ILE E 571 -9.91 -4.15 -70.86
C ILE E 571 -8.52 -4.67 -71.00
N GLU E 572 -8.43 -5.99 -71.15
CA GLU E 572 -7.15 -6.69 -71.28
C GLU E 572 -6.16 -5.83 -72.01
N ARG E 573 -6.59 -5.33 -73.16
CA ARG E 573 -5.77 -4.45 -73.97
C ARG E 573 -5.45 -3.19 -73.17
N CYS E 574 -6.39 -2.26 -73.08
CA CYS E 574 -6.17 -1.02 -72.35
C CYS E 574 -5.38 -1.12 -71.07
N TRP E 575 -5.55 -2.23 -70.36
CA TRP E 575 -4.86 -2.46 -69.12
C TRP E 575 -3.41 -2.74 -69.42
N TRP E 576 -3.19 -3.80 -70.19
CA TRP E 576 -1.85 -4.18 -70.61
C TRP E 576 -1.18 -2.92 -71.19
N ASN E 577 -2.00 -2.13 -71.85
CA ASN E 577 -1.58 -0.90 -72.46
C ASN E 577 -0.98 0.10 -71.48
N ALA E 578 -1.60 0.26 -70.34
CA ALA E 578 -1.14 1.24 -69.37
C ALA E 578 -0.38 0.68 -68.17
N PHE E 579 -0.23 -0.65 -68.09
CA PHE E 579 0.46 -1.23 -66.96
C PHE E 579 1.56 -2.23 -67.33
N GLY E 580 1.56 -2.69 -68.58
CA GLY E 580 2.57 -3.66 -68.94
C GLY E 580 2.09 -5.03 -68.49
N GLU E 581 1.25 -5.09 -67.46
CA GLU E 581 0.68 -6.36 -66.97
C GLU E 581 -0.50 -6.77 -67.87
N SER E 582 -1.03 -7.96 -67.63
CA SER E 582 -2.22 -8.45 -68.34
C SER E 582 -3.30 -8.45 -67.28
N TYR E 583 -4.40 -7.75 -67.53
CA TYR E 583 -5.43 -7.75 -66.52
C TYR E 583 -5.88 -9.16 -66.14
N ARG E 584 -6.11 -10.04 -67.13
CA ARG E 584 -6.56 -11.40 -66.86
C ARG E 584 -5.79 -11.99 -65.69
N ALA E 585 -4.48 -11.86 -65.79
CA ALA E 585 -3.53 -12.35 -64.78
C ALA E 585 -3.82 -11.76 -63.42
N TYR E 586 -3.68 -10.45 -63.38
CA TYR E 586 -3.92 -9.69 -62.18
C TYR E 586 -5.03 -10.33 -61.35
N ARG E 587 -6.25 -10.28 -61.89
CA ARG E 587 -7.43 -10.82 -61.23
C ARG E 587 -7.33 -12.30 -60.89
N GLU E 588 -6.56 -13.02 -61.69
CA GLU E 588 -6.38 -14.46 -61.45
C GLU E 588 -5.62 -14.72 -60.17
N ASP E 589 -4.61 -13.91 -59.89
CA ASP E 589 -3.82 -14.07 -58.68
C ASP E 589 -4.68 -13.61 -57.54
N MET E 590 -5.18 -12.39 -57.69
CA MET E 590 -6.05 -11.80 -56.71
C MET E 590 -7.06 -12.86 -56.32
N LEU E 591 -7.67 -13.51 -57.32
CA LEU E 591 -8.64 -14.57 -57.05
C LEU E 591 -8.01 -15.69 -56.21
N LYS E 592 -6.91 -16.25 -56.71
CA LYS E 592 -6.21 -17.30 -55.99
C LYS E 592 -5.91 -16.91 -54.54
N ARG E 593 -5.32 -15.74 -54.33
CA ARG E 593 -5.00 -15.27 -52.98
C ARG E 593 -6.24 -15.24 -52.09
N ASP E 594 -7.21 -14.44 -52.52
CA ASP E 594 -8.45 -14.29 -51.77
C ASP E 594 -9.09 -15.64 -51.48
N THR E 595 -9.02 -16.56 -52.44
CA THR E 595 -9.61 -17.88 -52.23
C THR E 595 -8.95 -18.55 -51.04
N LEU E 596 -7.64 -18.37 -50.90
CA LEU E 596 -6.94 -18.96 -49.78
C LEU E 596 -7.38 -18.27 -48.51
N GLU E 597 -7.22 -16.95 -48.48
CA GLU E 597 -7.60 -16.21 -47.29
C GLU E 597 -9.00 -16.63 -46.82
N LEU E 598 -9.95 -16.68 -47.76
CA LEU E 598 -11.31 -17.06 -47.44
C LEU E 598 -11.39 -18.31 -46.60
N SER E 599 -10.70 -19.35 -47.05
CA SER E 599 -10.71 -20.61 -46.33
C SER E 599 -10.32 -20.45 -44.86
N ARG E 600 -9.61 -19.38 -44.55
CA ARG E 600 -9.22 -19.13 -43.16
C ARG E 600 -10.48 -18.77 -42.36
N TYR E 601 -11.36 -17.98 -42.96
CA TYR E 601 -12.58 -17.53 -42.30
C TYR E 601 -13.72 -18.54 -42.38
N VAL E 602 -13.68 -19.43 -43.37
CA VAL E 602 -14.75 -20.40 -43.46
C VAL E 602 -14.29 -21.70 -42.82
N ALA E 603 -15.10 -22.21 -41.89
CA ALA E 603 -14.77 -23.45 -41.19
C ALA E 603 -14.71 -24.62 -42.17
N SER E 604 -15.89 -25.15 -42.50
CA SER E 604 -16.02 -26.28 -43.43
C SER E 604 -15.05 -26.18 -44.61
N MET E 605 -14.89 -24.98 -45.14
CA MET E 605 -13.97 -24.77 -46.24
C MET E 605 -12.67 -25.39 -45.78
N ALA E 606 -12.36 -26.58 -46.29
CA ALA E 606 -11.12 -27.25 -45.91
C ALA E 606 -10.11 -26.11 -46.03
N ARG E 607 -9.15 -26.01 -45.10
CA ARG E 607 -8.20 -24.91 -45.16
C ARG E 607 -7.37 -24.82 -46.45
N GLN E 608 -8.03 -25.18 -47.57
CA GLN E 608 -7.51 -25.16 -48.94
C GLN E 608 -8.45 -25.73 -50.04
N ALA E 609 -9.55 -26.38 -49.64
CA ALA E 609 -10.49 -26.91 -50.63
C ALA E 609 -10.94 -25.70 -51.44
N GLY E 610 -11.20 -25.91 -52.73
CA GLY E 610 -11.59 -24.80 -53.58
C GLY E 610 -12.94 -24.13 -53.34
N LEU E 611 -13.21 -23.15 -54.20
CA LEU E 611 -14.45 -22.39 -54.19
C LEU E 611 -15.55 -23.38 -54.57
N ALA E 612 -15.09 -24.59 -54.84
CA ALA E 612 -15.94 -25.71 -55.23
C ALA E 612 -17.44 -25.49 -55.06
N GLU E 613 -17.89 -25.66 -53.83
CA GLU E 613 -19.30 -25.56 -53.47
C GLU E 613 -19.82 -24.18 -53.06
N LEU E 614 -19.23 -23.12 -53.60
CA LEU E 614 -19.72 -21.78 -53.30
C LEU E 614 -20.52 -21.35 -54.51
N THR E 615 -21.71 -20.82 -54.29
CA THR E 615 -22.55 -20.39 -55.38
C THR E 615 -22.12 -19.00 -55.79
N PRO E 616 -22.40 -18.62 -57.04
CA PRO E 616 -22.04 -17.29 -57.55
C PRO E 616 -22.50 -16.23 -56.56
N ILE E 617 -23.76 -16.32 -56.17
CA ILE E 617 -24.29 -15.39 -55.20
C ILE E 617 -23.30 -15.30 -54.04
N ASP E 618 -22.95 -16.45 -53.45
CA ASP E 618 -22.00 -16.46 -52.35
C ASP E 618 -20.77 -15.61 -52.65
N LEU E 619 -20.33 -15.60 -53.91
CA LEU E 619 -19.16 -14.86 -54.29
C LEU E 619 -19.37 -13.35 -54.36
N GLU E 620 -20.24 -12.91 -55.24
CA GLU E 620 -20.51 -11.48 -55.36
C GLU E 620 -20.76 -10.89 -53.96
N VAL E 621 -21.43 -11.68 -53.10
CA VAL E 621 -21.72 -11.27 -51.72
C VAL E 621 -20.49 -11.18 -50.80
N LEU E 622 -19.45 -11.91 -51.11
CA LEU E 622 -18.24 -11.86 -50.30
C LEU E 622 -17.36 -10.75 -50.84
N ALA E 623 -17.53 -10.46 -52.13
CA ALA E 623 -16.75 -9.41 -52.74
C ALA E 623 -17.42 -8.11 -52.40
N ASP E 624 -18.69 -8.21 -52.01
CA ASP E 624 -19.49 -7.04 -51.68
C ASP E 624 -20.70 -7.38 -50.78
N PRO E 625 -20.50 -7.47 -49.46
CA PRO E 625 -21.55 -7.78 -48.48
C PRO E 625 -22.71 -6.78 -48.43
N ASN E 626 -22.48 -5.62 -49.02
CA ASN E 626 -23.51 -4.60 -49.01
C ASN E 626 -24.70 -5.09 -49.82
N LYS E 627 -24.45 -5.86 -50.87
CA LYS E 627 -25.53 -6.39 -51.71
C LYS E 627 -26.43 -7.34 -50.93
N LEU E 628 -26.09 -7.63 -49.68
CA LEU E 628 -26.90 -8.53 -48.90
C LEU E 628 -28.04 -7.71 -48.30
N GLN E 629 -28.00 -6.40 -48.52
CA GLN E 629 -29.02 -5.51 -48.00
C GLN E 629 -30.19 -5.35 -48.95
N TYR E 630 -29.90 -5.51 -50.24
CA TYR E 630 -30.95 -5.45 -51.23
C TYR E 630 -31.11 -6.71 -52.10
N LYS E 631 -30.32 -6.79 -53.16
CA LYS E 631 -30.41 -7.87 -54.11
C LYS E 631 -30.40 -9.33 -53.66
N TRP E 632 -30.15 -9.60 -52.37
CA TRP E 632 -30.19 -10.98 -51.87
C TRP E 632 -30.56 -11.04 -50.41
N THR E 633 -31.00 -12.21 -49.94
CA THR E 633 -31.39 -12.32 -48.54
C THR E 633 -30.71 -13.52 -47.91
N GLU E 634 -30.78 -13.57 -46.58
CA GLU E 634 -30.16 -14.66 -45.84
C GLU E 634 -30.38 -16.00 -46.48
N ALA E 635 -31.58 -16.19 -47.00
CA ALA E 635 -31.93 -17.46 -47.63
C ALA E 635 -31.22 -17.80 -48.95
N ASP E 636 -30.89 -16.82 -49.79
CA ASP E 636 -30.22 -17.13 -51.06
C ASP E 636 -28.70 -17.19 -50.91
N VAL E 637 -28.23 -17.26 -49.67
CA VAL E 637 -26.81 -17.30 -49.42
C VAL E 637 -26.39 -18.51 -48.60
N SER E 638 -25.38 -19.21 -49.09
CA SER E 638 -24.86 -20.39 -48.40
C SER E 638 -24.70 -20.22 -46.89
N ALA E 639 -25.33 -21.13 -46.17
CA ALA E 639 -25.36 -21.18 -44.71
C ALA E 639 -24.17 -20.63 -43.96
N ASN E 640 -23.03 -21.28 -44.17
CA ASN E 640 -21.79 -20.90 -43.51
C ASN E 640 -21.25 -19.60 -44.07
N ILE E 641 -21.39 -19.37 -45.37
CA ILE E 641 -20.94 -18.11 -45.93
C ILE E 641 -21.63 -16.95 -45.23
N HIS E 642 -22.92 -17.12 -44.94
CA HIS E 642 -23.68 -16.09 -44.25
C HIS E 642 -23.06 -15.83 -42.86
N GLU E 643 -22.61 -16.89 -42.19
CA GLU E 643 -22.00 -16.73 -40.86
C GLU E 643 -20.73 -15.88 -40.94
N VAL E 644 -20.07 -15.90 -42.09
CA VAL E 644 -18.85 -15.13 -42.23
C VAL E 644 -19.07 -13.65 -42.04
N LEU E 645 -20.16 -13.18 -42.64
CA LEU E 645 -20.51 -11.77 -42.61
C LEU E 645 -21.53 -11.37 -41.55
N MET E 646 -22.24 -12.34 -41.00
CA MET E 646 -23.27 -12.00 -40.02
C MET E 646 -23.18 -12.75 -38.72
N HIS E 647 -23.77 -12.17 -37.69
CA HIS E 647 -23.79 -12.83 -36.40
C HIS E 647 -25.11 -12.54 -35.73
N GLY E 648 -25.80 -13.58 -35.29
CA GLY E 648 -27.09 -13.38 -34.65
C GLY E 648 -27.19 -13.47 -33.13
N VAL E 649 -28.42 -13.25 -32.66
CA VAL E 649 -28.71 -13.31 -31.26
C VAL E 649 -29.50 -14.60 -31.00
N SER E 650 -29.44 -15.09 -29.76
CA SER E 650 -30.14 -16.32 -29.36
C SER E 650 -31.58 -16.29 -29.81
N VAL E 651 -31.99 -17.27 -30.62
CA VAL E 651 -33.38 -17.26 -31.08
C VAL E 651 -34.29 -17.24 -29.86
N GLU E 652 -33.91 -18.02 -28.85
CA GLU E 652 -34.69 -18.10 -27.63
C GLU E 652 -35.07 -16.70 -27.16
N LYS E 653 -34.16 -15.76 -27.30
CA LYS E 653 -34.42 -14.39 -26.86
C LYS E 653 -35.21 -13.54 -27.84
N THR E 654 -34.88 -13.59 -29.13
CA THR E 654 -35.60 -12.77 -30.12
C THR E 654 -37.02 -13.33 -30.20
N GLU E 655 -37.14 -14.64 -30.08
CA GLU E 655 -38.43 -15.27 -30.14
C GLU E 655 -39.33 -14.81 -29.00
N ARG E 656 -38.81 -14.84 -27.79
CA ARG E 656 -39.58 -14.40 -26.64
C ARG E 656 -40.04 -12.98 -26.92
N PHE E 657 -39.14 -12.15 -27.45
CA PHE E 657 -39.45 -10.75 -27.76
C PHE E 657 -40.57 -10.63 -28.79
N LEU E 658 -40.34 -11.24 -29.95
CA LEU E 658 -41.30 -11.23 -31.05
C LEU E 658 -42.70 -11.58 -30.58
N ARG E 659 -42.78 -12.48 -29.62
CA ARG E 659 -44.04 -12.91 -29.08
C ARG E 659 -44.73 -11.74 -28.39
N SER E 660 -44.06 -11.10 -27.44
CA SER E 660 -44.66 -9.96 -26.75
C SER E 660 -45.08 -8.82 -27.67
N VAL E 661 -44.54 -8.81 -28.88
CA VAL E 661 -44.83 -7.73 -29.82
C VAL E 661 -46.07 -8.00 -30.61
N MET E 662 -46.02 -9.08 -31.37
CA MET E 662 -47.12 -9.46 -32.22
C MET E 662 -48.47 -9.73 -31.57
N PRO E 663 -49.55 -9.59 -32.37
CA PRO E 663 -50.93 -9.78 -31.99
C PRO E 663 -51.11 -11.11 -31.31
N ARG E 664 -51.64 -11.06 -30.11
CA ARG E 664 -51.87 -12.28 -29.35
C ARG E 664 -52.96 -13.02 -30.10
PG GTP G . -2.04 0.37 6.61
O1G GTP G . -2.87 -0.55 5.71
O2G GTP G . -0.64 0.73 6.10
O3G GTP G . -2.04 -0.18 7.94
O3B GTP G . -2.98 1.75 6.70
PB GTP G . -2.85 3.22 5.93
O1B GTP G . -3.77 4.22 6.65
O2B GTP G . -1.42 3.56 5.93
O3A GTP G . -3.38 2.90 4.46
PA GTP G . -2.65 2.87 3.00
O1A GTP G . -1.20 2.66 3.07
O2A GTP G . -3.47 1.83 2.21
O5' GTP G . -2.86 4.43 2.44
C5' GTP G . -4.28 4.85 2.28
C4' GTP G . -4.03 6.02 1.19
O4' GTP G . -3.30 7.18 1.66
C3' GTP G . -3.38 5.63 -0.08
O3' GTP G . -4.31 5.20 -1.05
C2' GTP G . -2.46 6.76 -0.62
O2' GTP G . -2.99 7.50 -1.58
C1' GTP G . -2.25 7.64 0.81
N9 GTP G . -0.84 7.36 1.43
C8 GTP G . -0.43 6.15 2.02
N7 GTP G . 0.84 6.50 2.38
C5 GTP G . 1.22 7.81 2.04
C6 GTP G . 2.34 8.42 2.25
O6 GTP G . 3.49 8.20 2.76
N1 GTP G . 2.29 9.87 1.71
C2 GTP G . 1.17 10.24 1.16
N2 GTP G . 1.13 11.64 0.62
N3 GTP G . 0.00 9.61 0.94
C4 GTP G . 0.13 8.33 1.45
PG GTP H . 0.19 -0.17 -5.24
O1G GTP H . 1.12 0.04 -4.06
O2G GTP H . -1.27 -0.40 -4.88
O3G GTP H . 0.77 -1.21 -6.10
O3B GTP H . 0.28 1.25 -6.10
PB GTP H . 0.57 2.83 -5.64
O1B GTP H . 1.99 3.19 -6.07
O2B GTP H . -0.47 3.69 -6.24
O3A GTP H . 0.46 2.83 -4.08
PA GTP H . -0.54 3.61 -3.06
O1A GTP H . -1.82 2.94 -2.84
O2A GTP H . 0.30 3.85 -1.80
O5' GTP H . -0.90 5.03 -3.89
C5' GTP H . 0.31 5.84 -4.24
C4' GTP H . -0.12 7.26 -3.64
O4' GTP H . 0.35 7.39 -2.31
C3' GTP H . 0.41 8.39 -4.39
O3' GTP H . -0.61 9.23 -4.83
C2' GTP H . 1.49 9.18 -3.56
O2' GTP H . 1.27 10.50 -3.56
C1' GTP H . 1.24 8.48 -2.03
N9 GTP H . 2.54 7.84 -1.42
C8 GTP H . 2.60 6.49 -1.07
N7 GTP H . 3.87 6.44 -0.60
C5 GTP H . 4.58 7.63 -0.62
C6 GTP H . 5.78 7.84 -0.24
O6 GTP H . 6.77 7.22 0.27
N1 GTP H . 6.18 9.31 -0.45
C2 GTP H . 5.26 10.07 -0.96
N2 GTP H . 5.67 11.49 -1.17
N3 GTP H . 3.98 9.85 -1.38
C4 GTP H . 3.72 8.52 -1.14
CA CA I . 1.00 3.19 4.75
CA CA J . -2.83 2.13 -5.34
MN MN K . -9.14 0.68 -0.35
PG GTP L . 31.24 1.07 48.38
O1G GTP L . 32.76 1.07 48.25
O2G GTP L . 30.50 -0.09 47.68
O3G GTP L . 30.75 2.36 47.98
O3B GTP L . 31.00 0.97 50.03
PB GTP L . 30.58 -0.31 51.01
O1B GTP L . 30.16 0.26 52.38
O2B GTP L . 29.53 -1.06 50.29
O3A GTP L . 31.93 -1.14 51.12
PA GTP L . 32.38 -2.62 50.57
O1A GTP L . 31.58 -3.08 49.43
O2A GTP L . 33.90 -2.48 50.35
O5' GTP L . 31.98 -3.61 51.85
C5' GTP L . 32.70 -3.31 53.11
C4' GTP L . 32.57 -4.78 53.79
O4' GTP L . 31.22 -5.18 54.15
C3' GTP L . 33.14 -5.91 53.05
O3' GTP L . 34.49 -6.13 53.34
C2' GTP L . 32.28 -7.21 53.24
O2' GTP L . 32.77 -8.07 54.13
C1' GTP L . 30.84 -6.51 53.76
N9 GTP L . 29.78 -6.49 52.62
C8 GTP L . 29.84 -5.69 51.45
N7 GTP L . 28.68 -6.09 50.86
C5 GTP L . 27.93 -7.05 51.56
C6 GTP L . 26.82 -7.61 51.24
O6 GTP L . 25.94 -7.58 50.30
N1 GTP L . 26.38 -8.62 52.33
C2 GTP L . 27.18 -8.74 53.35
N2 GTP L . 26.76 -9.73 54.41
N3 GTP L . 28.34 -8.16 53.67
C4 GTP L . 28.66 -7.28 52.67
PG GTP M . 37.17 -9.24 46.28
O1G GTP M . 35.79 -8.76 45.83
O2G GTP M . 37.97 -8.24 47.12
O3G GTP M . 37.90 -9.75 45.12
O3B GTP M . 36.85 -10.54 47.25
PB GTP M . 35.56 -10.95 48.22
O1B GTP M . 34.77 -12.05 47.52
O2B GTP M . 36.07 -11.35 49.54
O3A GTP M . 34.69 -9.64 48.33
PA GTP M . 34.29 -8.71 49.60
O1A GTP M . 35.28 -7.72 49.97
O2A GTP M . 32.90 -8.15 49.22
O5' GTP M . 34.21 -9.80 50.87
C5' GTP M . 33.25 -10.93 50.63
C4' GTP M . 32.40 -10.85 51.97
O4' GTP M . 31.25 -10.02 51.77
C3' GTP M . 31.90 -12.14 52.44
O3' GTP M . 32.32 -12.41 53.74
C2' GTP M . 30.34 -12.26 52.29
O2' GTP M . 29.75 -12.70 53.40
C1' GTP M . 29.97 -10.62 51.97
N9 GTP M . 29.17 -10.42 50.64
C8 GTP M . 29.67 -9.61 49.60
N7 GTP M . 28.65 -9.75 48.71
C5 GTP M . 27.60 -10.55 49.10
C6 GTP M . 26.53 -10.84 48.45
O6 GTP M . 25.98 -10.59 47.32
N1 GTP M . 25.62 -11.78 49.25
C2 GTP M . 26.06 -12.12 50.42
N2 GTP M . 25.16 -13.03 51.18
N3 GTP M . 27.19 -11.82 51.12
C4 GTP M . 27.93 -10.97 50.34
CA CA N . 28.99 -2.87 48.36
CA CA O . 37.80 -8.98 50.03
MN MN P . 39.43 -1.68 53.33
PG GTP Q . -25.86 -1.85 -60.30
O1G GTP Q . -26.66 -1.12 -61.38
O2G GTP Q . -25.39 -1.00 -59.10
O3G GTP Q . -24.77 -2.56 -60.94
O3B GTP Q . -26.93 -3.02 -59.78
PB GTP Q . -27.88 -3.13 -58.42
O1B GTP Q . -28.38 -4.57 -58.28
O2B GTP Q . -27.06 -2.62 -57.29
O3A GTP Q . -29.07 -2.12 -58.75
PA GTP Q . -29.54 -0.69 -58.12
O1A GTP Q . -28.45 0.02 -57.44
O2A GTP Q . -30.22 0.02 -59.30
O5' GTP Q . -30.61 -1.15 -56.91
C5' GTP Q . -31.80 -1.89 -57.40
C4' GTP Q . -32.78 -1.54 -56.16
O4' GTP Q . -32.41 -2.13 -54.88
C3' GTP Q . -33.05 -0.11 -55.89
O3' GTP Q . -34.14 0.37 -56.62
C2' GTP Q . -33.20 0.16 -54.36
O2' GTP Q . -34.46 0.25 -53.93
C1' GTP Q . -32.44 -1.23 -53.76
N9 GTP Q . -31.01 -0.91 -53.24
C8 GTP Q . -29.91 -0.56 -54.06
N7 GTP Q . -28.96 -0.40 -53.08
C5 GTP Q . -29.40 -0.63 -51.77
C6 GTP Q . -28.75 -0.56 -50.66
O6 GTP Q . -27.57 -0.29 -50.23
N1 GTP Q . -29.66 -0.89 -49.45
C2 GTP Q . -30.90 -1.18 -49.74
N2 GTP Q . -31.79 -1.51 -48.58
N3 GTP Q . -31.58 -1.26 -50.90
C4 GTP Q . -30.71 -0.95 -51.91
PG GTP R . -31.97 8.19 -57.54
O1G GTP R . -30.65 7.64 -57.02
O2G GTP R . -32.62 7.36 -58.66
O3G GTP R . -31.77 9.61 -57.91
O3B GTP R . -32.98 8.16 -56.25
PB GTP R . -33.07 7.19 -54.89
O1B GTP R . -32.55 8.00 -53.70
O2B GTP R . -34.46 6.74 -54.74
O3A GTP R . -32.12 5.98 -55.19
PA GTP R . -32.39 4.39 -55.34
O1A GTP R . -32.86 3.97 -56.65
O2A GTP R . -31.10 3.73 -54.85
O5' GTP R . -33.69 4.13 -54.30
C5' GTP R . -33.41 4.55 -52.89
C4' GTP R . -33.83 3.22 -52.10
O4' GTP R . -32.68 2.39 -51.94
C3' GTP R . -34.37 3.45 -50.78
O3' GTP R . -35.65 2.89 -50.65
C2' GTP R . -33.40 2.96 -49.65
O2' GTP R . -34.03 2.21 -48.74
C1' GTP R . -32.32 2.05 -50.59
N9 GTP R . -30.83 2.52 -50.42
C8 GTP R . -30.05 2.96 -51.52
N7 GTP R . -28.89 3.23 -50.88
C5 GTP R . -28.87 2.99 -49.51
C6 GTP R . -27.90 3.15 -48.68
O6 GTP R . -26.69 3.54 -48.68
N1 GTP R . -28.31 2.77 -47.26
C2 GTP R . -29.53 2.34 -47.13
N2 GTP R . -29.91 1.99 -45.73
N3 GTP R . -30.56 2.17 -47.99
C4 GTP R . -30.10 2.53 -49.23
CA CA S . -26.09 -0.46 -55.99
CA CA T . -34.88 5.74 -57.51
MN MN U . -35.25 -0.15 -63.16
#